data_3HYQ
# 
_entry.id   3HYQ 
# 
_audit_conform.dict_name       mmcif_pdbx.dic 
_audit_conform.dict_version    5.398 
_audit_conform.dict_location   http://mmcif.pdb.org/dictionaries/ascii/mmcif_pdbx.dic 
# 
loop_
_database_2.database_id 
_database_2.database_code 
_database_2.pdbx_database_accession 
_database_2.pdbx_DOI 
PDB   3HYQ         pdb_00003hyq 10.2210/pdb3hyq/pdb 
RCSB  RCSB053746   ?            ?                   
WWPDB D_1000053746 ?            ?                   
# 
loop_
_pdbx_audit_revision_history.ordinal 
_pdbx_audit_revision_history.data_content_type 
_pdbx_audit_revision_history.major_revision 
_pdbx_audit_revision_history.minor_revision 
_pdbx_audit_revision_history.revision_date 
1 'Structure model' 1 0 2009-06-30 
2 'Structure model' 1 1 2011-07-13 
3 'Structure model' 1 2 2024-11-06 
# 
_pdbx_audit_revision_details.ordinal             1 
_pdbx_audit_revision_details.revision_ordinal    1 
_pdbx_audit_revision_details.data_content_type   'Structure model' 
_pdbx_audit_revision_details.provider            repository 
_pdbx_audit_revision_details.type                'Initial release' 
_pdbx_audit_revision_details.description         ? 
_pdbx_audit_revision_details.details             ? 
# 
loop_
_pdbx_audit_revision_group.ordinal 
_pdbx_audit_revision_group.revision_ordinal 
_pdbx_audit_revision_group.data_content_type 
_pdbx_audit_revision_group.group 
1 2 'Structure model' 'Source and taxonomy'       
2 2 'Structure model' 'Version format compliance' 
3 3 'Structure model' 'Data collection'           
4 3 'Structure model' 'Database references'       
5 3 'Structure model' 'Derived calculations'      
6 3 'Structure model' 'Structure summary'         
# 
loop_
_pdbx_audit_revision_category.ordinal 
_pdbx_audit_revision_category.revision_ordinal 
_pdbx_audit_revision_category.data_content_type 
_pdbx_audit_revision_category.category 
1 3 'Structure model' chem_comp_atom            
2 3 'Structure model' chem_comp_bond            
3 3 'Structure model' database_2                
4 3 'Structure model' pdbx_entry_details        
5 3 'Structure model' pdbx_modification_feature 
6 3 'Structure model' struct_conn               
7 3 'Structure model' struct_ref_seq_dif        
# 
loop_
_pdbx_audit_revision_item.ordinal 
_pdbx_audit_revision_item.revision_ordinal 
_pdbx_audit_revision_item.data_content_type 
_pdbx_audit_revision_item.item 
1 3 'Structure model' '_database_2.pdbx_DOI'                
2 3 'Structure model' '_database_2.pdbx_database_accession' 
3 3 'Structure model' '_struct_conn.pdbx_leaving_atom_flag' 
4 3 'Structure model' '_struct_ref_seq_dif.details'         
# 
_pdbx_database_status.status_code                     REL 
_pdbx_database_status.entry_id                        3HYQ 
_pdbx_database_status.recvd_initial_deposition_date   2009-06-22 
_pdbx_database_status.deposit_site                    RCSB 
_pdbx_database_status.process_site                    RCSB 
_pdbx_database_status.status_code_sf                  REL 
_pdbx_database_status.status_code_mr                  ? 
_pdbx_database_status.SG_entry                        Y 
_pdbx_database_status.pdb_format_compatible           Y 
_pdbx_database_status.status_code_cs                  ? 
_pdbx_database_status.status_code_nmr_data            ? 
_pdbx_database_status.methods_development_category    ? 
# 
_pdbx_database_related.db_name        TargetDB 
_pdbx_database_related.db_id          IDP01970 
_pdbx_database_related.details        . 
_pdbx_database_related.content_type   unspecified 
# 
loop_
_audit_author.name 
_audit_author.pdbx_ordinal 
'Kim, Y.'                                                       1 
'Zhou, M.'                                                      2 
'Peterson, S.'                                                  3 
'Anderson, W.F.'                                                4 
'Joachimiak, A.'                                                5 
'Center for Structural Genomics of Infectious Diseases (CSGID)' 6 
# 
_citation.id                        primary 
_citation.title                     'Crystal Structure of Isopentenyl-Diphosphate delta-Isomerase from Salmonella entericase' 
_citation.journal_abbrev            'To be Published' 
_citation.journal_volume            ? 
_citation.page_first                ? 
_citation.page_last                 ? 
_citation.year                      ? 
_citation.journal_id_ASTM           ? 
_citation.country                   ? 
_citation.journal_id_ISSN           ? 
_citation.journal_id_CSD            0353 
_citation.book_publisher            ? 
_citation.pdbx_database_id_PubMed   ? 
_citation.pdbx_database_id_DOI      ? 
# 
loop_
_citation_author.citation_id 
_citation_author.name 
_citation_author.ordinal 
_citation_author.identifier_ORCID 
primary 'Kim, Y.'        1 ? 
primary 'Zhou, M.'       2 ? 
primary 'Peterson, S.'   3 ? 
primary 'Anderson, W.F.' 4 ? 
primary 'Joachimiak, A.' 5 ? 
# 
loop_
_entity.id 
_entity.type 
_entity.src_method 
_entity.pdbx_description 
_entity.formula_weight 
_entity.pdbx_number_of_molecules 
_entity.pdbx_ec 
_entity.pdbx_mutation 
_entity.pdbx_fragment 
_entity.details 
1 polymer man 'Isopentenyl-diphosphate Delta-isomerase' 21262.264 1   5.3.3.2 ? ? ? 
2 water   nat water                                     18.015    227 ?       ? ? ? 
# 
_entity_name_com.entity_id   1 
_entity_name_com.name        'IPP isomerase, Isopentenyl pyrophosphate isomerase, IPP:DMAPP isomerase' 
# 
_entity_poly.entity_id                      1 
_entity_poly.type                           'polypeptide(L)' 
_entity_poly.nstd_linkage                   no 
_entity_poly.nstd_monomer                   yes 
_entity_poly.pdbx_seq_one_letter_code       
;SNA(MSE)TEEHVVLLDEQDKPSGTLEKYAAHTLNTPLHLAFSCWLFNEDGQLLVTRRSLSKKAWPGVWTNSVCGHPQQG
ETTEEAIIRRCRFELGVEITDLTPVYPHFSYRATDPNGIVENEVCPVFAARATSVLQVNSEEV(MSE)DYQWSEFKSVWK
SLLATPWAFSPW(MSE)V(MSE)QASDEQARERLLNYCQR
;
_entity_poly.pdbx_seq_one_letter_code_can   
;SNAMTEEHVVLLDEQDKPSGTLEKYAAHTLNTPLHLAFSCWLFNEDGQLLVTRRSLSKKAWPGVWTNSVCGHPQQGETTE
EAIIRRCRFELGVEITDLTPVYPHFSYRATDPNGIVENEVCPVFAARATSVLQVNSEEVMDYQWSEFKSVWKSLLATPWA
FSPWMVMQASDEQARERLLNYCQR
;
_entity_poly.pdbx_strand_id                 A 
_entity_poly.pdbx_target_identifier         IDP01970 
# 
_pdbx_entity_nonpoly.entity_id   2 
_pdbx_entity_nonpoly.name        water 
_pdbx_entity_nonpoly.comp_id     HOH 
# 
loop_
_entity_poly_seq.entity_id 
_entity_poly_seq.num 
_entity_poly_seq.mon_id 
_entity_poly_seq.hetero 
1 1   SER n 
1 2   ASN n 
1 3   ALA n 
1 4   MSE n 
1 5   THR n 
1 6   GLU n 
1 7   GLU n 
1 8   HIS n 
1 9   VAL n 
1 10  VAL n 
1 11  LEU n 
1 12  LEU n 
1 13  ASP n 
1 14  GLU n 
1 15  GLN n 
1 16  ASP n 
1 17  LYS n 
1 18  PRO n 
1 19  SER n 
1 20  GLY n 
1 21  THR n 
1 22  LEU n 
1 23  GLU n 
1 24  LYS n 
1 25  TYR n 
1 26  ALA n 
1 27  ALA n 
1 28  HIS n 
1 29  THR n 
1 30  LEU n 
1 31  ASN n 
1 32  THR n 
1 33  PRO n 
1 34  LEU n 
1 35  HIS n 
1 36  LEU n 
1 37  ALA n 
1 38  PHE n 
1 39  SER n 
1 40  CYS n 
1 41  TRP n 
1 42  LEU n 
1 43  PHE n 
1 44  ASN n 
1 45  GLU n 
1 46  ASP n 
1 47  GLY n 
1 48  GLN n 
1 49  LEU n 
1 50  LEU n 
1 51  VAL n 
1 52  THR n 
1 53  ARG n 
1 54  ARG n 
1 55  SER n 
1 56  LEU n 
1 57  SER n 
1 58  LYS n 
1 59  LYS n 
1 60  ALA n 
1 61  TRP n 
1 62  PRO n 
1 63  GLY n 
1 64  VAL n 
1 65  TRP n 
1 66  THR n 
1 67  ASN n 
1 68  SER n 
1 69  VAL n 
1 70  CYS n 
1 71  GLY n 
1 72  HIS n 
1 73  PRO n 
1 74  GLN n 
1 75  GLN n 
1 76  GLY n 
1 77  GLU n 
1 78  THR n 
1 79  THR n 
1 80  GLU n 
1 81  GLU n 
1 82  ALA n 
1 83  ILE n 
1 84  ILE n 
1 85  ARG n 
1 86  ARG n 
1 87  CYS n 
1 88  ARG n 
1 89  PHE n 
1 90  GLU n 
1 91  LEU n 
1 92  GLY n 
1 93  VAL n 
1 94  GLU n 
1 95  ILE n 
1 96  THR n 
1 97  ASP n 
1 98  LEU n 
1 99  THR n 
1 100 PRO n 
1 101 VAL n 
1 102 TYR n 
1 103 PRO n 
1 104 HIS n 
1 105 PHE n 
1 106 SER n 
1 107 TYR n 
1 108 ARG n 
1 109 ALA n 
1 110 THR n 
1 111 ASP n 
1 112 PRO n 
1 113 ASN n 
1 114 GLY n 
1 115 ILE n 
1 116 VAL n 
1 117 GLU n 
1 118 ASN n 
1 119 GLU n 
1 120 VAL n 
1 121 CYS n 
1 122 PRO n 
1 123 VAL n 
1 124 PHE n 
1 125 ALA n 
1 126 ALA n 
1 127 ARG n 
1 128 ALA n 
1 129 THR n 
1 130 SER n 
1 131 VAL n 
1 132 LEU n 
1 133 GLN n 
1 134 VAL n 
1 135 ASN n 
1 136 SER n 
1 137 GLU n 
1 138 GLU n 
1 139 VAL n 
1 140 MSE n 
1 141 ASP n 
1 142 TYR n 
1 143 GLN n 
1 144 TRP n 
1 145 SER n 
1 146 GLU n 
1 147 PHE n 
1 148 LYS n 
1 149 SER n 
1 150 VAL n 
1 151 TRP n 
1 152 LYS n 
1 153 SER n 
1 154 LEU n 
1 155 LEU n 
1 156 ALA n 
1 157 THR n 
1 158 PRO n 
1 159 TRP n 
1 160 ALA n 
1 161 PHE n 
1 162 SER n 
1 163 PRO n 
1 164 TRP n 
1 165 MSE n 
1 166 VAL n 
1 167 MSE n 
1 168 GLN n 
1 169 ALA n 
1 170 SER n 
1 171 ASP n 
1 172 GLU n 
1 173 GLN n 
1 174 ALA n 
1 175 ARG n 
1 176 GLU n 
1 177 ARG n 
1 178 LEU n 
1 179 LEU n 
1 180 ASN n 
1 181 TYR n 
1 182 CYS n 
1 183 GLN n 
1 184 ARG n 
# 
_entity_src_gen.entity_id                          1 
_entity_src_gen.pdbx_src_id                        1 
_entity_src_gen.pdbx_alt_source_flag               sample 
_entity_src_gen.pdbx_seq_type                      ? 
_entity_src_gen.pdbx_beg_seq_num                   ? 
_entity_src_gen.pdbx_end_seq_num                   ? 
_entity_src_gen.gene_src_common_name               ? 
_entity_src_gen.gene_src_genus                     ? 
_entity_src_gen.pdbx_gene_src_gene                 idi 
_entity_src_gen.gene_src_species                   ? 
_entity_src_gen.gene_src_strain                    LT2 
_entity_src_gen.gene_src_tissue                    ? 
_entity_src_gen.gene_src_tissue_fraction           ? 
_entity_src_gen.gene_src_details                   ? 
_entity_src_gen.pdbx_gene_src_fragment             ? 
_entity_src_gen.pdbx_gene_src_scientific_name      'Salmonella enterica subsp. enterica serovar Typhimurium' 
_entity_src_gen.pdbx_gene_src_ncbi_taxonomy_id     99287 
_entity_src_gen.pdbx_gene_src_variant              ? 
_entity_src_gen.pdbx_gene_src_cell_line            ? 
_entity_src_gen.pdbx_gene_src_atcc                 ? 
_entity_src_gen.pdbx_gene_src_organ                ? 
_entity_src_gen.pdbx_gene_src_organelle            ? 
_entity_src_gen.pdbx_gene_src_cell                 ? 
_entity_src_gen.pdbx_gene_src_cellular_location    ? 
_entity_src_gen.host_org_common_name               ? 
_entity_src_gen.pdbx_host_org_scientific_name      'Escherichia coli' 
_entity_src_gen.pdbx_host_org_ncbi_taxonomy_id     562 
_entity_src_gen.host_org_genus                     ? 
_entity_src_gen.pdbx_host_org_gene                 ? 
_entity_src_gen.pdbx_host_org_organ                ? 
_entity_src_gen.host_org_species                   ? 
_entity_src_gen.pdbx_host_org_tissue               ? 
_entity_src_gen.pdbx_host_org_tissue_fraction      ? 
_entity_src_gen.pdbx_host_org_strain               'BL21 magic' 
_entity_src_gen.pdbx_host_org_variant              ? 
_entity_src_gen.pdbx_host_org_cell_line            ? 
_entity_src_gen.pdbx_host_org_atcc                 ? 
_entity_src_gen.pdbx_host_org_culture_collection   ? 
_entity_src_gen.pdbx_host_org_cell                 ? 
_entity_src_gen.pdbx_host_org_organelle            ? 
_entity_src_gen.pdbx_host_org_cellular_location    ? 
_entity_src_gen.pdbx_host_org_vector_type          plasmid 
_entity_src_gen.pdbx_host_org_vector               ? 
_entity_src_gen.host_org_details                   ? 
_entity_src_gen.expression_system_id               ? 
_entity_src_gen.plasmid_name                       pMCSG7 
_entity_src_gen.plasmid_details                    ? 
_entity_src_gen.pdbx_description                   ? 
# 
loop_
_chem_comp.id 
_chem_comp.type 
_chem_comp.mon_nstd_flag 
_chem_comp.name 
_chem_comp.pdbx_synonyms 
_chem_comp.formula 
_chem_comp.formula_weight 
ALA 'L-peptide linking' y ALANINE          ? 'C3 H7 N O2'     89.093  
ARG 'L-peptide linking' y ARGININE         ? 'C6 H15 N4 O2 1' 175.209 
ASN 'L-peptide linking' y ASPARAGINE       ? 'C4 H8 N2 O3'    132.118 
ASP 'L-peptide linking' y 'ASPARTIC ACID'  ? 'C4 H7 N O4'     133.103 
CYS 'L-peptide linking' y CYSTEINE         ? 'C3 H7 N O2 S'   121.158 
GLN 'L-peptide linking' y GLUTAMINE        ? 'C5 H10 N2 O3'   146.144 
GLU 'L-peptide linking' y 'GLUTAMIC ACID'  ? 'C5 H9 N O4'     147.129 
GLY 'peptide linking'   y GLYCINE          ? 'C2 H5 N O2'     75.067  
HIS 'L-peptide linking' y HISTIDINE        ? 'C6 H10 N3 O2 1' 156.162 
HOH non-polymer         . WATER            ? 'H2 O'           18.015  
ILE 'L-peptide linking' y ISOLEUCINE       ? 'C6 H13 N O2'    131.173 
LEU 'L-peptide linking' y LEUCINE          ? 'C6 H13 N O2'    131.173 
LYS 'L-peptide linking' y LYSINE           ? 'C6 H15 N2 O2 1' 147.195 
MSE 'L-peptide linking' n SELENOMETHIONINE ? 'C5 H11 N O2 Se' 196.106 
PHE 'L-peptide linking' y PHENYLALANINE    ? 'C9 H11 N O2'    165.189 
PRO 'L-peptide linking' y PROLINE          ? 'C5 H9 N O2'     115.130 
SER 'L-peptide linking' y SERINE           ? 'C3 H7 N O3'     105.093 
THR 'L-peptide linking' y THREONINE        ? 'C4 H9 N O3'     119.119 
TRP 'L-peptide linking' y TRYPTOPHAN       ? 'C11 H12 N2 O2'  204.225 
TYR 'L-peptide linking' y TYROSINE         ? 'C9 H11 N O3'    181.189 
VAL 'L-peptide linking' y VALINE           ? 'C5 H11 N O2'    117.146 
# 
loop_
_pdbx_poly_seq_scheme.asym_id 
_pdbx_poly_seq_scheme.entity_id 
_pdbx_poly_seq_scheme.seq_id 
_pdbx_poly_seq_scheme.mon_id 
_pdbx_poly_seq_scheme.ndb_seq_num 
_pdbx_poly_seq_scheme.pdb_seq_num 
_pdbx_poly_seq_scheme.auth_seq_num 
_pdbx_poly_seq_scheme.pdb_mon_id 
_pdbx_poly_seq_scheme.auth_mon_id 
_pdbx_poly_seq_scheme.pdb_strand_id 
_pdbx_poly_seq_scheme.pdb_ins_code 
_pdbx_poly_seq_scheme.hetero 
A 1 1   SER 1   -2  ?   ?   ?   A . n 
A 1 2   ASN 2   -1  ?   ?   ?   A . n 
A 1 3   ALA 3   0   ?   ?   ?   A . n 
A 1 4   MSE 4   1   ?   ?   ?   A . n 
A 1 5   THR 5   2   ?   ?   ?   A . n 
A 1 6   GLU 6   3   ?   ?   ?   A . n 
A 1 7   GLU 7   4   ?   ?   ?   A . n 
A 1 8   HIS 8   5   ?   ?   ?   A . n 
A 1 9   VAL 9   6   ?   ?   ?   A . n 
A 1 10  VAL 10  7   ?   ?   ?   A . n 
A 1 11  LEU 11  8   ?   ?   ?   A . n 
A 1 12  LEU 12  9   ?   ?   ?   A . n 
A 1 13  ASP 13  10  ?   ?   ?   A . n 
A 1 14  GLU 14  11  ?   ?   ?   A . n 
A 1 15  GLN 15  12  ?   ?   ?   A . n 
A 1 16  ASP 16  13  ?   ?   ?   A . n 
A 1 17  LYS 17  14  ?   ?   ?   A . n 
A 1 18  PRO 18  15  ?   ?   ?   A . n 
A 1 19  SER 19  16  ?   ?   ?   A . n 
A 1 20  GLY 20  17  ?   ?   ?   A . n 
A 1 21  THR 21  18  ?   ?   ?   A . n 
A 1 22  LEU 22  19  ?   ?   ?   A . n 
A 1 23  GLU 23  20  ?   ?   ?   A . n 
A 1 24  LYS 24  21  ?   ?   ?   A . n 
A 1 25  TYR 25  22  ?   ?   ?   A . n 
A 1 26  ALA 26  23  ?   ?   ?   A . n 
A 1 27  ALA 27  24  ?   ?   ?   A . n 
A 1 28  HIS 28  25  ?   ?   ?   A . n 
A 1 29  THR 29  26  ?   ?   ?   A . n 
A 1 30  LEU 30  27  ?   ?   ?   A . n 
A 1 31  ASN 31  28  ?   ?   ?   A . n 
A 1 32  THR 32  29  ?   ?   ?   A . n 
A 1 33  PRO 33  30  ?   ?   ?   A . n 
A 1 34  LEU 34  31  31  LEU LEU A . n 
A 1 35  HIS 35  32  32  HIS HIS A . n 
A 1 36  LEU 36  33  33  LEU LEU A . n 
A 1 37  ALA 37  34  34  ALA ALA A . n 
A 1 38  PHE 38  35  35  PHE PHE A . n 
A 1 39  SER 39  36  36  SER SER A . n 
A 1 40  CYS 40  37  37  CYS CYS A . n 
A 1 41  TRP 41  38  38  TRP TRP A . n 
A 1 42  LEU 42  39  39  LEU LEU A . n 
A 1 43  PHE 43  40  40  PHE PHE A . n 
A 1 44  ASN 44  41  41  ASN ASN A . n 
A 1 45  GLU 45  42  42  GLU GLU A . n 
A 1 46  ASP 46  43  43  ASP ASP A . n 
A 1 47  GLY 47  44  44  GLY GLY A . n 
A 1 48  GLN 48  45  45  GLN GLN A . n 
A 1 49  LEU 49  46  46  LEU LEU A . n 
A 1 50  LEU 50  47  47  LEU LEU A . n 
A 1 51  VAL 51  48  48  VAL VAL A . n 
A 1 52  THR 52  49  49  THR THR A . n 
A 1 53  ARG 53  50  50  ARG ARG A . n 
A 1 54  ARG 54  51  51  ARG ARG A . n 
A 1 55  SER 55  52  52  SER SER A . n 
A 1 56  LEU 56  53  53  LEU LEU A . n 
A 1 57  SER 57  54  54  SER SER A . n 
A 1 58  LYS 58  55  55  LYS LYS A . n 
A 1 59  LYS 59  56  56  LYS LYS A . n 
A 1 60  ALA 60  57  57  ALA ALA A . n 
A 1 61  TRP 61  58  58  TRP TRP A . n 
A 1 62  PRO 62  59  59  PRO PRO A . n 
A 1 63  GLY 63  60  60  GLY GLY A . n 
A 1 64  VAL 64  61  61  VAL VAL A . n 
A 1 65  TRP 65  62  62  TRP TRP A . n 
A 1 66  THR 66  63  63  THR THR A . n 
A 1 67  ASN 67  64  64  ASN ASN A . n 
A 1 68  SER 68  65  65  SER SER A . n 
A 1 69  VAL 69  66  66  VAL VAL A . n 
A 1 70  CYS 70  67  67  CYS CYS A . n 
A 1 71  GLY 71  68  68  GLY GLY A . n 
A 1 72  HIS 72  69  69  HIS HIS A . n 
A 1 73  PRO 73  70  70  PRO PRO A . n 
A 1 74  GLN 74  71  71  GLN GLN A . n 
A 1 75  GLN 75  72  72  GLN GLN A . n 
A 1 76  GLY 76  73  73  GLY GLY A . n 
A 1 77  GLU 77  74  74  GLU GLU A . n 
A 1 78  THR 78  75  75  THR THR A . n 
A 1 79  THR 79  76  76  THR THR A . n 
A 1 80  GLU 80  77  77  GLU GLU A . n 
A 1 81  GLU 81  78  78  GLU GLU A . n 
A 1 82  ALA 82  79  79  ALA ALA A . n 
A 1 83  ILE 83  80  80  ILE ILE A . n 
A 1 84  ILE 84  81  81  ILE ILE A . n 
A 1 85  ARG 85  82  82  ARG ARG A . n 
A 1 86  ARG 86  83  83  ARG ARG A . n 
A 1 87  CYS 87  84  84  CYS CYS A . n 
A 1 88  ARG 88  85  85  ARG ARG A . n 
A 1 89  PHE 89  86  86  PHE PHE A . n 
A 1 90  GLU 90  87  87  GLU GLU A . n 
A 1 91  LEU 91  88  88  LEU LEU A . n 
A 1 92  GLY 92  89  89  GLY GLY A . n 
A 1 93  VAL 93  90  90  VAL VAL A . n 
A 1 94  GLU 94  91  91  GLU GLU A . n 
A 1 95  ILE 95  92  92  ILE ILE A . n 
A 1 96  THR 96  93  93  THR THR A . n 
A 1 97  ASP 97  94  94  ASP ASP A . n 
A 1 98  LEU 98  95  95  LEU LEU A . n 
A 1 99  THR 99  96  96  THR THR A . n 
A 1 100 PRO 100 97  97  PRO PRO A . n 
A 1 101 VAL 101 98  98  VAL VAL A . n 
A 1 102 TYR 102 99  99  TYR TYR A . n 
A 1 103 PRO 103 100 100 PRO PRO A . n 
A 1 104 HIS 104 101 101 HIS HIS A . n 
A 1 105 PHE 105 102 102 PHE PHE A . n 
A 1 106 SER 106 103 103 SER SER A . n 
A 1 107 TYR 107 104 104 TYR TYR A . n 
A 1 108 ARG 108 105 105 ARG ARG A . n 
A 1 109 ALA 109 106 106 ALA ALA A . n 
A 1 110 THR 110 107 107 THR THR A . n 
A 1 111 ASP 111 108 108 ASP ASP A . n 
A 1 112 PRO 112 109 109 PRO PRO A . n 
A 1 113 ASN 113 110 110 ASN ASN A . n 
A 1 114 GLY 114 111 111 GLY GLY A . n 
A 1 115 ILE 115 112 112 ILE ILE A . n 
A 1 116 VAL 116 113 113 VAL VAL A . n 
A 1 117 GLU 117 114 114 GLU GLU A . n 
A 1 118 ASN 118 115 115 ASN ASN A . n 
A 1 119 GLU 119 116 116 GLU GLU A . n 
A 1 120 VAL 120 117 117 VAL VAL A . n 
A 1 121 CYS 121 118 118 CYS CYS A . n 
A 1 122 PRO 122 119 119 PRO PRO A . n 
A 1 123 VAL 123 120 120 VAL VAL A . n 
A 1 124 PHE 124 121 121 PHE PHE A . n 
A 1 125 ALA 125 122 122 ALA ALA A . n 
A 1 126 ALA 126 123 123 ALA ALA A . n 
A 1 127 ARG 127 124 124 ARG ARG A . n 
A 1 128 ALA 128 125 125 ALA ALA A . n 
A 1 129 THR 129 126 126 THR THR A . n 
A 1 130 SER 130 127 127 SER SER A . n 
A 1 131 VAL 131 128 128 VAL VAL A . n 
A 1 132 LEU 132 129 129 LEU LEU A . n 
A 1 133 GLN 133 130 130 GLN GLN A . n 
A 1 134 VAL 134 131 131 VAL VAL A . n 
A 1 135 ASN 135 132 132 ASN ASN A . n 
A 1 136 SER 136 133 133 SER SER A . n 
A 1 137 GLU 137 134 134 GLU GLU A . n 
A 1 138 GLU 138 135 135 GLU GLU A . n 
A 1 139 VAL 139 136 136 VAL VAL A . n 
A 1 140 MSE 140 137 137 MSE MSE A . n 
A 1 141 ASP 141 138 138 ASP ASP A . n 
A 1 142 TYR 142 139 139 TYR TYR A . n 
A 1 143 GLN 143 140 140 GLN GLN A . n 
A 1 144 TRP 144 141 141 TRP TRP A . n 
A 1 145 SER 145 142 142 SER SER A . n 
A 1 146 GLU 146 143 143 GLU GLU A . n 
A 1 147 PHE 147 144 144 PHE PHE A . n 
A 1 148 LYS 148 145 145 LYS LYS A . n 
A 1 149 SER 149 146 146 SER SER A . n 
A 1 150 VAL 150 147 147 VAL VAL A . n 
A 1 151 TRP 151 148 148 TRP TRP A . n 
A 1 152 LYS 152 149 149 LYS LYS A . n 
A 1 153 SER 153 150 150 SER SER A . n 
A 1 154 LEU 154 151 151 LEU LEU A . n 
A 1 155 LEU 155 152 152 LEU LEU A . n 
A 1 156 ALA 156 153 153 ALA ALA A . n 
A 1 157 THR 157 154 154 THR THR A . n 
A 1 158 PRO 158 155 155 PRO PRO A . n 
A 1 159 TRP 159 156 156 TRP TRP A . n 
A 1 160 ALA 160 157 157 ALA ALA A . n 
A 1 161 PHE 161 158 158 PHE PHE A . n 
A 1 162 SER 162 159 159 SER SER A . n 
A 1 163 PRO 163 160 160 PRO PRO A . n 
A 1 164 TRP 164 161 161 TRP TRP A . n 
A 1 165 MSE 165 162 162 MSE MSE A . n 
A 1 166 VAL 166 163 163 VAL VAL A . n 
A 1 167 MSE 167 164 164 MSE MSE A . n 
A 1 168 GLN 168 165 165 GLN GLN A . n 
A 1 169 ALA 169 166 166 ALA ALA A . n 
A 1 170 SER 170 167 167 SER SER A . n 
A 1 171 ASP 171 168 168 ASP ASP A . n 
A 1 172 GLU 172 169 169 GLU GLU A . n 
A 1 173 GLN 173 170 170 GLN GLN A . n 
A 1 174 ALA 174 171 171 ALA ALA A . n 
A 1 175 ARG 175 172 172 ARG ARG A . n 
A 1 176 GLU 176 173 173 GLU GLU A . n 
A 1 177 ARG 177 174 174 ARG ARG A . n 
A 1 178 LEU 178 175 175 LEU LEU A . n 
A 1 179 LEU 179 176 176 LEU LEU A . n 
A 1 180 ASN 180 177 177 ASN ASN A . n 
A 1 181 TYR 181 178 178 TYR TYR A . n 
A 1 182 CYS 182 179 179 CYS CYS A . n 
A 1 183 GLN 183 180 180 GLN GLN A . n 
A 1 184 ARG 184 181 181 ARG ARG A . n 
# 
loop_
_pdbx_nonpoly_scheme.asym_id 
_pdbx_nonpoly_scheme.entity_id 
_pdbx_nonpoly_scheme.mon_id 
_pdbx_nonpoly_scheme.ndb_seq_num 
_pdbx_nonpoly_scheme.pdb_seq_num 
_pdbx_nonpoly_scheme.auth_seq_num 
_pdbx_nonpoly_scheme.pdb_mon_id 
_pdbx_nonpoly_scheme.auth_mon_id 
_pdbx_nonpoly_scheme.pdb_strand_id 
_pdbx_nonpoly_scheme.pdb_ins_code 
B 2 HOH 1   182 182 HOH HOH A . 
B 2 HOH 2   183 183 HOH HOH A . 
B 2 HOH 3   184 184 HOH HOH A . 
B 2 HOH 4   185 185 HOH HOH A . 
B 2 HOH 5   186 186 HOH HOH A . 
B 2 HOH 6   187 187 HOH HOH A . 
B 2 HOH 7   188 188 HOH HOH A . 
B 2 HOH 8   189 189 HOH HOH A . 
B 2 HOH 9   190 190 HOH HOH A . 
B 2 HOH 10  191 191 HOH HOH A . 
B 2 HOH 11  192 192 HOH HOH A . 
B 2 HOH 12  193 193 HOH HOH A . 
B 2 HOH 13  194 194 HOH HOH A . 
B 2 HOH 14  195 195 HOH HOH A . 
B 2 HOH 15  196 196 HOH HOH A . 
B 2 HOH 16  197 197 HOH HOH A . 
B 2 HOH 17  198 198 HOH HOH A . 
B 2 HOH 18  199 199 HOH HOH A . 
B 2 HOH 19  200 200 HOH HOH A . 
B 2 HOH 20  201 201 HOH HOH A . 
B 2 HOH 21  202 202 HOH HOH A . 
B 2 HOH 22  203 203 HOH HOH A . 
B 2 HOH 23  204 204 HOH HOH A . 
B 2 HOH 24  205 205 HOH HOH A . 
B 2 HOH 25  206 206 HOH HOH A . 
B 2 HOH 26  207 207 HOH HOH A . 
B 2 HOH 27  208 208 HOH HOH A . 
B 2 HOH 28  209 209 HOH HOH A . 
B 2 HOH 29  210 210 HOH HOH A . 
B 2 HOH 30  211 211 HOH HOH A . 
B 2 HOH 31  212 212 HOH HOH A . 
B 2 HOH 32  213 213 HOH HOH A . 
B 2 HOH 33  214 214 HOH HOH A . 
B 2 HOH 34  215 215 HOH HOH A . 
B 2 HOH 35  216 216 HOH HOH A . 
B 2 HOH 36  217 217 HOH HOH A . 
B 2 HOH 37  218 218 HOH HOH A . 
B 2 HOH 38  219 219 HOH HOH A . 
B 2 HOH 39  220 220 HOH HOH A . 
B 2 HOH 40  221 221 HOH HOH A . 
B 2 HOH 41  222 222 HOH HOH A . 
B 2 HOH 42  223 223 HOH HOH A . 
B 2 HOH 43  224 224 HOH HOH A . 
B 2 HOH 44  225 225 HOH HOH A . 
B 2 HOH 45  226 226 HOH HOH A . 
B 2 HOH 46  227 227 HOH HOH A . 
B 2 HOH 47  228 1   HOH HOH A . 
B 2 HOH 48  229 2   HOH HOH A . 
B 2 HOH 49  230 3   HOH HOH A . 
B 2 HOH 50  231 4   HOH HOH A . 
B 2 HOH 51  232 5   HOH HOH A . 
B 2 HOH 52  233 6   HOH HOH A . 
B 2 HOH 53  234 7   HOH HOH A . 
B 2 HOH 54  235 8   HOH HOH A . 
B 2 HOH 55  236 9   HOH HOH A . 
B 2 HOH 56  237 10  HOH HOH A . 
B 2 HOH 57  238 11  HOH HOH A . 
B 2 HOH 58  239 12  HOH HOH A . 
B 2 HOH 59  240 13  HOH HOH A . 
B 2 HOH 60  241 14  HOH HOH A . 
B 2 HOH 61  242 15  HOH HOH A . 
B 2 HOH 62  243 16  HOH HOH A . 
B 2 HOH 63  244 17  HOH HOH A . 
B 2 HOH 64  245 18  HOH HOH A . 
B 2 HOH 65  246 19  HOH HOH A . 
B 2 HOH 66  247 20  HOH HOH A . 
B 2 HOH 67  248 21  HOH HOH A . 
B 2 HOH 68  249 22  HOH HOH A . 
B 2 HOH 69  250 23  HOH HOH A . 
B 2 HOH 70  251 24  HOH HOH A . 
B 2 HOH 71  252 25  HOH HOH A . 
B 2 HOH 72  253 26  HOH HOH A . 
B 2 HOH 73  254 27  HOH HOH A . 
B 2 HOH 74  255 28  HOH HOH A . 
B 2 HOH 75  256 29  HOH HOH A . 
B 2 HOH 76  257 30  HOH HOH A . 
B 2 HOH 77  258 31  HOH HOH A . 
B 2 HOH 78  259 32  HOH HOH A . 
B 2 HOH 79  260 33  HOH HOH A . 
B 2 HOH 80  261 34  HOH HOH A . 
B 2 HOH 81  262 35  HOH HOH A . 
B 2 HOH 82  263 36  HOH HOH A . 
B 2 HOH 83  264 37  HOH HOH A . 
B 2 HOH 84  265 38  HOH HOH A . 
B 2 HOH 85  266 39  HOH HOH A . 
B 2 HOH 86  267 40  HOH HOH A . 
B 2 HOH 87  268 41  HOH HOH A . 
B 2 HOH 88  269 42  HOH HOH A . 
B 2 HOH 89  270 43  HOH HOH A . 
B 2 HOH 90  271 44  HOH HOH A . 
B 2 HOH 91  272 45  HOH HOH A . 
B 2 HOH 92  273 46  HOH HOH A . 
B 2 HOH 93  274 47  HOH HOH A . 
B 2 HOH 94  275 48  HOH HOH A . 
B 2 HOH 95  276 49  HOH HOH A . 
B 2 HOH 96  277 50  HOH HOH A . 
B 2 HOH 97  278 51  HOH HOH A . 
B 2 HOH 98  279 52  HOH HOH A . 
B 2 HOH 99  280 53  HOH HOH A . 
B 2 HOH 100 281 54  HOH HOH A . 
B 2 HOH 101 282 55  HOH HOH A . 
B 2 HOH 102 283 56  HOH HOH A . 
B 2 HOH 103 284 57  HOH HOH A . 
B 2 HOH 104 285 58  HOH HOH A . 
B 2 HOH 105 286 59  HOH HOH A . 
B 2 HOH 106 287 60  HOH HOH A . 
B 2 HOH 107 288 61  HOH HOH A . 
B 2 HOH 108 289 62  HOH HOH A . 
B 2 HOH 109 290 63  HOH HOH A . 
B 2 HOH 110 291 64  HOH HOH A . 
B 2 HOH 111 292 65  HOH HOH A . 
B 2 HOH 112 293 66  HOH HOH A . 
B 2 HOH 113 294 67  HOH HOH A . 
B 2 HOH 114 295 68  HOH HOH A . 
B 2 HOH 115 296 69  HOH HOH A . 
B 2 HOH 116 297 70  HOH HOH A . 
B 2 HOH 117 298 71  HOH HOH A . 
B 2 HOH 118 299 72  HOH HOH A . 
B 2 HOH 119 300 73  HOH HOH A . 
B 2 HOH 120 301 74  HOH HOH A . 
B 2 HOH 121 302 75  HOH HOH A . 
B 2 HOH 122 303 76  HOH HOH A . 
B 2 HOH 123 304 77  HOH HOH A . 
B 2 HOH 124 305 78  HOH HOH A . 
B 2 HOH 125 306 79  HOH HOH A . 
B 2 HOH 126 307 80  HOH HOH A . 
B 2 HOH 127 308 81  HOH HOH A . 
B 2 HOH 128 309 82  HOH HOH A . 
B 2 HOH 129 310 83  HOH HOH A . 
B 2 HOH 130 311 84  HOH HOH A . 
B 2 HOH 131 312 85  HOH HOH A . 
B 2 HOH 132 313 86  HOH HOH A . 
B 2 HOH 133 314 87  HOH HOH A . 
B 2 HOH 134 315 88  HOH HOH A . 
B 2 HOH 135 316 89  HOH HOH A . 
B 2 HOH 136 317 90  HOH HOH A . 
B 2 HOH 137 318 91  HOH HOH A . 
B 2 HOH 138 319 92  HOH HOH A . 
B 2 HOH 139 320 93  HOH HOH A . 
B 2 HOH 140 321 94  HOH HOH A . 
B 2 HOH 141 322 95  HOH HOH A . 
B 2 HOH 142 323 96  HOH HOH A . 
B 2 HOH 143 324 97  HOH HOH A . 
B 2 HOH 144 325 98  HOH HOH A . 
B 2 HOH 145 326 99  HOH HOH A . 
B 2 HOH 146 327 100 HOH HOH A . 
B 2 HOH 147 328 101 HOH HOH A . 
B 2 HOH 148 329 102 HOH HOH A . 
B 2 HOH 149 330 103 HOH HOH A . 
B 2 HOH 150 331 104 HOH HOH A . 
B 2 HOH 151 332 105 HOH HOH A . 
B 2 HOH 152 333 106 HOH HOH A . 
B 2 HOH 153 334 107 HOH HOH A . 
B 2 HOH 154 335 108 HOH HOH A . 
B 2 HOH 155 336 109 HOH HOH A . 
B 2 HOH 156 337 110 HOH HOH A . 
B 2 HOH 157 338 111 HOH HOH A . 
B 2 HOH 158 339 112 HOH HOH A . 
B 2 HOH 159 340 113 HOH HOH A . 
B 2 HOH 160 341 114 HOH HOH A . 
B 2 HOH 161 342 115 HOH HOH A . 
B 2 HOH 162 343 116 HOH HOH A . 
B 2 HOH 163 344 117 HOH HOH A . 
B 2 HOH 164 345 118 HOH HOH A . 
B 2 HOH 165 346 119 HOH HOH A . 
B 2 HOH 166 347 120 HOH HOH A . 
B 2 HOH 167 348 121 HOH HOH A . 
B 2 HOH 168 349 122 HOH HOH A . 
B 2 HOH 169 350 123 HOH HOH A . 
B 2 HOH 170 351 124 HOH HOH A . 
B 2 HOH 171 352 125 HOH HOH A . 
B 2 HOH 172 353 126 HOH HOH A . 
B 2 HOH 173 354 127 HOH HOH A . 
B 2 HOH 174 355 128 HOH HOH A . 
B 2 HOH 175 356 129 HOH HOH A . 
B 2 HOH 176 357 130 HOH HOH A . 
B 2 HOH 177 358 131 HOH HOH A . 
B 2 HOH 178 359 132 HOH HOH A . 
B 2 HOH 179 360 133 HOH HOH A . 
B 2 HOH 180 361 134 HOH HOH A . 
B 2 HOH 181 362 135 HOH HOH A . 
B 2 HOH 182 363 136 HOH HOH A . 
B 2 HOH 183 364 137 HOH HOH A . 
B 2 HOH 184 365 138 HOH HOH A . 
B 2 HOH 185 366 139 HOH HOH A . 
B 2 HOH 186 367 140 HOH HOH A . 
B 2 HOH 187 368 141 HOH HOH A . 
B 2 HOH 188 369 142 HOH HOH A . 
B 2 HOH 189 370 143 HOH HOH A . 
B 2 HOH 190 371 144 HOH HOH A . 
B 2 HOH 191 372 145 HOH HOH A . 
B 2 HOH 192 373 146 HOH HOH A . 
B 2 HOH 193 374 147 HOH HOH A . 
B 2 HOH 194 375 148 HOH HOH A . 
B 2 HOH 195 376 149 HOH HOH A . 
B 2 HOH 196 377 150 HOH HOH A . 
B 2 HOH 197 378 151 HOH HOH A . 
B 2 HOH 198 379 152 HOH HOH A . 
B 2 HOH 199 380 153 HOH HOH A . 
B 2 HOH 200 381 154 HOH HOH A . 
B 2 HOH 201 382 155 HOH HOH A . 
B 2 HOH 202 383 156 HOH HOH A . 
B 2 HOH 203 384 157 HOH HOH A . 
B 2 HOH 204 385 158 HOH HOH A . 
B 2 HOH 205 386 159 HOH HOH A . 
B 2 HOH 206 387 160 HOH HOH A . 
B 2 HOH 207 388 161 HOH HOH A . 
B 2 HOH 208 389 162 HOH HOH A . 
B 2 HOH 209 390 163 HOH HOH A . 
B 2 HOH 210 391 164 HOH HOH A . 
B 2 HOH 211 392 165 HOH HOH A . 
B 2 HOH 212 393 166 HOH HOH A . 
B 2 HOH 213 394 167 HOH HOH A . 
B 2 HOH 214 395 168 HOH HOH A . 
B 2 HOH 215 396 169 HOH HOH A . 
B 2 HOH 216 397 170 HOH HOH A . 
B 2 HOH 217 398 171 HOH HOH A . 
B 2 HOH 218 399 172 HOH HOH A . 
B 2 HOH 219 400 173 HOH HOH A . 
B 2 HOH 220 401 174 HOH HOH A . 
B 2 HOH 221 402 175 HOH HOH A . 
B 2 HOH 222 403 176 HOH HOH A . 
B 2 HOH 223 404 177 HOH HOH A . 
B 2 HOH 224 405 178 HOH HOH A . 
B 2 HOH 225 406 179 HOH HOH A . 
B 2 HOH 226 407 180 HOH HOH A . 
B 2 HOH 227 408 181 HOH HOH A . 
# 
loop_
_software.name 
_software.classification 
_software.version 
_software.citation_id 
_software.pdbx_ordinal 
SBC-Collect 'data collection' .      ? 1  
HKL-3000    'data collection' .      ? 2  
HKL-3000    phasing           .      ? 3  
SHELXD      phasing           .      ? 4  
MLPHARE     phasing           .      ? 5  
DM          'model building'  .      ? 6  
RESOLVE     'model building'  .      ? 7  
Coot        'model building'  .      ? 8  
PHENIX      refinement        1.4_58 ? 9  
HKL-3000    'data reduction'  .      ? 10 
HKL-3000    'data scaling'    .      ? 11 
DM          phasing           .      ? 12 
RESOLVE     phasing           .      ? 13 
# 
_cell.entry_id           3HYQ 
_cell.length_a           81.443 
_cell.length_b           64.152 
_cell.length_c           35.187 
_cell.angle_alpha        90.00 
_cell.angle_beta         101.36 
_cell.angle_gamma        90.00 
_cell.Z_PDB              4 
_cell.pdbx_unique_axis   ? 
_cell.length_a_esd       ? 
_cell.length_b_esd       ? 
_cell.length_c_esd       ? 
_cell.angle_alpha_esd    ? 
_cell.angle_beta_esd     ? 
_cell.angle_gamma_esd    ? 
# 
_symmetry.entry_id                         3HYQ 
_symmetry.space_group_name_H-M             'C 1 2 1' 
_symmetry.pdbx_full_space_group_name_H-M   ? 
_symmetry.cell_setting                     ? 
_symmetry.Int_Tables_number                5 
_symmetry.space_group_name_Hall            ? 
# 
_exptl.entry_id          3HYQ 
_exptl.method            'X-RAY DIFFRACTION' 
_exptl.crystals_number   1 
# 
_exptl_crystal.id                    1 
_exptl_crystal.density_meas          ? 
_exptl_crystal.density_Matthews      2.12 
_exptl_crystal.density_percent_sol   41.96 
_exptl_crystal.description           ? 
_exptl_crystal.F_000                 ? 
_exptl_crystal.preparation           ? 
# 
_exptl_crystal_grow.crystal_id      1 
_exptl_crystal_grow.method          'VAPOR DIFFUSION, SITTING DROP' 
_exptl_crystal_grow.temp            289 
_exptl_crystal_grow.temp_details    ? 
_exptl_crystal_grow.pH              ? 
_exptl_crystal_grow.pdbx_details    
'0.4 M ammonium dihydrogen phosphate, chymotripsyn (1:100), VAPOR DIFFUSION, SITTING DROP, temperature 289K' 
_exptl_crystal_grow.pdbx_pH_range   ? 
# 
_diffrn.id                     1 
_diffrn.ambient_temp           100 
_diffrn.ambient_temp_details   ? 
_diffrn.crystal_id             1 
# 
_diffrn_detector.diffrn_id              1 
_diffrn_detector.detector               CCD 
_diffrn_detector.type                   'ADSC QUANTUM 210r' 
_diffrn_detector.pdbx_collection_date   2009-05-31 
_diffrn_detector.details                mirrors 
# 
_diffrn_radiation.diffrn_id                        1 
_diffrn_radiation.wavelength_id                    1 
_diffrn_radiation.pdbx_monochromatic_or_laue_m_l   M 
_diffrn_radiation.monochromator                    'double crystal monochromator' 
_diffrn_radiation.pdbx_diffrn_protocol             SAD 
_diffrn_radiation.pdbx_scattering_type             x-ray 
# 
_diffrn_radiation_wavelength.id           1 
_diffrn_radiation_wavelength.wavelength   0.9792 
_diffrn_radiation_wavelength.wt           1.0 
# 
_diffrn_source.diffrn_id                   1 
_diffrn_source.source                      SYNCHROTRON 
_diffrn_source.type                        'APS BEAMLINE 19-BM' 
_diffrn_source.pdbx_synchrotron_site       APS 
_diffrn_source.pdbx_synchrotron_beamline   19-BM 
_diffrn_source.pdbx_wavelength             ? 
_diffrn_source.pdbx_wavelength_list        0.9792 
# 
_reflns.entry_id                     3HYQ 
_reflns.observed_criterion_sigma_I   0.0 
_reflns.observed_criterion_sigma_F   0.0 
_reflns.d_resolution_low             50 
_reflns.d_resolution_high            1.53 
_reflns.number_obs                   26450 
_reflns.number_all                   26450 
_reflns.percent_possible_obs         98.1 
_reflns.pdbx_Rmerge_I_obs            ? 
_reflns.pdbx_Rsym_value              0.062 
_reflns.pdbx_netI_over_sigmaI        19.0 
_reflns.B_iso_Wilson_estimate        21.74 
_reflns.pdbx_redundancy              3.9 
_reflns.R_free_details               ? 
_reflns.limit_h_max                  ? 
_reflns.limit_h_min                  ? 
_reflns.limit_k_max                  ? 
_reflns.limit_k_min                  ? 
_reflns.limit_l_max                  ? 
_reflns.limit_l_min                  ? 
_reflns.observed_criterion_F_max     ? 
_reflns.observed_criterion_F_min     ? 
_reflns.pdbx_chi_squared             ? 
_reflns.pdbx_scaling_rejects         ? 
_reflns.pdbx_ordinal                 1 
_reflns.pdbx_diffrn_id               1 
# 
_reflns_shell.d_res_high             1.53 
_reflns_shell.d_res_low              1.56 
_reflns_shell.percent_possible_all   78 
_reflns_shell.Rmerge_I_obs           ? 
_reflns_shell.pdbx_Rsym_value        0.308 
_reflns_shell.meanI_over_sigI_obs    2.1 
_reflns_shell.pdbx_redundancy        2.0 
_reflns_shell.percent_possible_obs   ? 
_reflns_shell.number_unique_all      1015 
_reflns_shell.number_measured_all    ? 
_reflns_shell.number_measured_obs    ? 
_reflns_shell.number_unique_obs      ? 
_reflns_shell.pdbx_chi_squared       ? 
_reflns_shell.pdbx_ordinal           1 
_reflns_shell.pdbx_diffrn_id         1 
# 
_refine.entry_id                                 3HYQ 
_refine.ls_number_reflns_obs                     26437 
_refine.ls_number_reflns_all                     26437 
_refine.pdbx_ls_sigma_I                          ? 
_refine.pdbx_ls_sigma_F                          0.0 
_refine.pdbx_data_cutoff_high_absF               ? 
_refine.pdbx_data_cutoff_low_absF                ? 
_refine.pdbx_data_cutoff_high_rms_absF           ? 
_refine.ls_d_res_low                             25.005 
_refine.ls_d_res_high                            1.525 
_refine.ls_percent_reflns_obs                    97.68 
_refine.ls_R_factor_obs                          0.164 
_refine.ls_R_factor_all                          0.164 
_refine.ls_R_factor_R_work                       0.163 
_refine.ls_R_factor_R_free                       0.187 
_refine.ls_R_factor_R_free_error                 ? 
_refine.ls_R_factor_R_free_error_details         ? 
_refine.ls_percent_reflns_R_free                 5.03 
_refine.ls_number_reflns_R_free                  1329 
_refine.ls_number_parameters                     ? 
_refine.ls_number_restraints                     ? 
_refine.occupancy_min                            ? 
_refine.occupancy_max                            ? 
_refine.correlation_coeff_Fo_to_Fc               ? 
_refine.correlation_coeff_Fo_to_Fc_free          ? 
_refine.B_iso_mean                               ? 
_refine.aniso_B[1][1]                            2.7750 
_refine.aniso_B[2][2]                            -4.3546 
_refine.aniso_B[3][3]                            1.5796 
_refine.aniso_B[1][2]                            -0.0 
_refine.aniso_B[1][3]                            1.2287 
_refine.aniso_B[2][3]                            -0.0 
_refine.solvent_model_details                    'FLAT BULK SOLVENT MODEL' 
_refine.solvent_model_param_ksol                 0.362 
_refine.solvent_model_param_bsol                 59.683 
_refine.pdbx_solvent_vdw_probe_radii             1.11 
_refine.pdbx_solvent_ion_probe_radii             ? 
_refine.pdbx_solvent_shrinkage_radii             0.90 
_refine.pdbx_ls_cross_valid_method               THROUGHOUT 
_refine.details                                  ? 
_refine.pdbx_starting_model                      ? 
_refine.pdbx_method_to_determine_struct          SAD 
_refine.pdbx_isotropic_thermal_model             ? 
_refine.pdbx_stereochemistry_target_values       MLHL 
_refine.pdbx_stereochem_target_val_spec_case     ? 
_refine.pdbx_R_Free_selection_details            RANDOM 
_refine.pdbx_overall_ESU_R                       ? 
_refine.pdbx_overall_ESU_R_Free                  ? 
_refine.overall_SU_ML                            0.09 
_refine.overall_SU_B                             ? 
_refine.ls_redundancy_reflns_obs                 ? 
_refine.B_iso_min                                ? 
_refine.B_iso_max                                ? 
_refine.overall_SU_R_Cruickshank_DPI             ? 
_refine.overall_SU_R_free                        ? 
_refine.ls_wR_factor_R_free                      ? 
_refine.ls_wR_factor_R_work                      ? 
_refine.overall_FOM_free_R_set                   ? 
_refine.overall_FOM_work_R_set                   ? 
_refine.pdbx_overall_phase_error                 ? 
_refine.pdbx_refine_id                           'X-RAY DIFFRACTION' 
_refine.pdbx_diffrn_id                           1 
_refine.pdbx_TLS_residual_ADP_flag               ? 
_refine.pdbx_overall_SU_R_free_Cruickshank_DPI   ? 
_refine.pdbx_overall_SU_R_Blow_DPI               ? 
_refine.pdbx_overall_SU_R_free_Blow_DPI          ? 
# 
_refine_hist.pdbx_refine_id                   'X-RAY DIFFRACTION' 
_refine_hist.cycle_id                         LAST 
_refine_hist.pdbx_number_atoms_protein        1228 
_refine_hist.pdbx_number_atoms_nucleic_acid   0 
_refine_hist.pdbx_number_atoms_ligand         0 
_refine_hist.number_atoms_solvent             227 
_refine_hist.number_atoms_total               1455 
_refine_hist.d_res_high                       1.525 
_refine_hist.d_res_low                        25.005 
# 
loop_
_refine_ls_restr.type 
_refine_ls_restr.dev_ideal 
_refine_ls_restr.dev_ideal_target 
_refine_ls_restr.weight 
_refine_ls_restr.number 
_refine_ls_restr.pdbx_refine_id 
_refine_ls_restr.pdbx_restraint_function 
f_bond_d           0.018 ? ? ? 'X-RAY DIFFRACTION' ? 
f_angle_deg        1.536 ? ? ? 'X-RAY DIFFRACTION' ? 
f_dihedral_angle_d 17.83 ? ? ? 'X-RAY DIFFRACTION' ? 
# 
loop_
_refine_ls_shell.pdbx_total_number_of_bins_used 
_refine_ls_shell.d_res_high 
_refine_ls_shell.d_res_low 
_refine_ls_shell.number_reflns_R_work 
_refine_ls_shell.R_factor_R_work 
_refine_ls_shell.percent_reflns_obs 
_refine_ls_shell.R_factor_R_free 
_refine_ls_shell.R_factor_R_free_error 
_refine_ls_shell.percent_reflns_R_free 
_refine_ls_shell.number_reflns_R_free 
_refine_ls_shell.number_reflns_all 
_refine_ls_shell.R_factor_all 
_refine_ls_shell.number_reflns_obs 
_refine_ls_shell.redundancy_reflns_obs 
_refine_ls_shell.pdbx_refine_id 
. 1.5249 1.5859  2295 0.2275 82.00  0.2541 . . 125 . . 2420 . 'X-RAY DIFFRACTION' 
. 1.5859 1.6581  2827 0.2003 99.00  0.2246 . . 139 . . 2966 . 'X-RAY DIFFRACTION' 
. 1.6581 1.7455  2835 0.1720 100.00 0.1997 . . 149 . . 2984 . 'X-RAY DIFFRACTION' 
. 1.7455 1.8548  2886 0.1681 100.00 0.1960 . . 141 . . 3027 . 'X-RAY DIFFRACTION' 
. 1.8548 1.9980  2832 0.1654 100.00 0.2065 . . 147 . . 2979 . 'X-RAY DIFFRACTION' 
. 1.9980 2.1989  2849 0.1596 100.00 0.2115 . . 156 . . 3005 . 'X-RAY DIFFRACTION' 
. 2.1989 2.5169  2863 0.1616 100.00 0.1785 . . 150 . . 3013 . 'X-RAY DIFFRACTION' 
. 2.5169 3.1700  2868 0.1516 100.00 0.1655 . . 153 . . 3021 . 'X-RAY DIFFRACTION' 
. 3.1700 25.0086 2853 0.1545 99.00  0.1785 . . 169 . . 3022 . 'X-RAY DIFFRACTION' 
# 
_struct.entry_id                  3HYQ 
_struct.title                     'Crystal Structure of Isopentenyl-Diphosphate delta-Isomerase from Salmonella entericase' 
_struct.pdbx_model_details        ? 
_struct.pdbx_CASP_flag            ? 
_struct.pdbx_model_type_details   ? 
# 
_struct_keywords.entry_id        3HYQ 
_struct_keywords.pdbx_keywords   ISOMERASE 
_struct_keywords.text            
;alpha-beta structure, Isomerase, Isoprene biosynthesis, Magnesium, Manganese, Metal-binding, Structural Genomics, Center for Structural Genomics of Infectious Diseases, CSGID
;
# 
loop_
_struct_asym.id 
_struct_asym.pdbx_blank_PDB_chainid_flag 
_struct_asym.pdbx_modified 
_struct_asym.entity_id 
_struct_asym.details 
A N N 1 ? 
B N N 2 ? 
# 
_struct_ref.id                         1 
_struct_ref.db_name                    UNP 
_struct_ref.db_code                    IDI_SALTY 
_struct_ref.pdbx_db_accession          Q8ZM82 
_struct_ref.entity_id                  1 
_struct_ref.pdbx_seq_one_letter_code   
;MTEEHVVLLDEQDKPSGTLEKYAAHTLNTPLHLAFSCWLFNEDGQLLVTRRSLSKKAWPGVWTNSVCGHPQQGETTEEAI
IRRCRFELGVEITDLTPVYPHFSYRATDPNGIVENEVCPVFAARATSVLQVNSEEVMDYQWSEFKSVWKSLLATPWAFSP
WMVMQASDEQARERLLNYCQR
;
_struct_ref.pdbx_align_begin           1 
_struct_ref.pdbx_db_isoform            ? 
# 
_struct_ref_seq.align_id                      1 
_struct_ref_seq.ref_id                        1 
_struct_ref_seq.pdbx_PDB_id_code              3HYQ 
_struct_ref_seq.pdbx_strand_id                A 
_struct_ref_seq.seq_align_beg                 4 
_struct_ref_seq.pdbx_seq_align_beg_ins_code   ? 
_struct_ref_seq.seq_align_end                 184 
_struct_ref_seq.pdbx_seq_align_end_ins_code   ? 
_struct_ref_seq.pdbx_db_accession             Q8ZM82 
_struct_ref_seq.db_align_beg                  1 
_struct_ref_seq.pdbx_db_align_beg_ins_code    ? 
_struct_ref_seq.db_align_end                  181 
_struct_ref_seq.pdbx_db_align_end_ins_code    ? 
_struct_ref_seq.pdbx_auth_seq_align_beg       1 
_struct_ref_seq.pdbx_auth_seq_align_end       181 
# 
loop_
_struct_ref_seq_dif.align_id 
_struct_ref_seq_dif.pdbx_pdb_id_code 
_struct_ref_seq_dif.mon_id 
_struct_ref_seq_dif.pdbx_pdb_strand_id 
_struct_ref_seq_dif.seq_num 
_struct_ref_seq_dif.pdbx_pdb_ins_code 
_struct_ref_seq_dif.pdbx_seq_db_name 
_struct_ref_seq_dif.pdbx_seq_db_accession_code 
_struct_ref_seq_dif.db_mon_id 
_struct_ref_seq_dif.pdbx_seq_db_seq_num 
_struct_ref_seq_dif.details 
_struct_ref_seq_dif.pdbx_auth_seq_num 
_struct_ref_seq_dif.pdbx_ordinal 
1 3HYQ SER A 1 ? UNP Q8ZM82 ? ? 'expression tag' -2 1 
1 3HYQ ASN A 2 ? UNP Q8ZM82 ? ? 'expression tag' -1 2 
1 3HYQ ALA A 3 ? UNP Q8ZM82 ? ? 'expression tag' 0  3 
# 
loop_
_pdbx_struct_assembly.id 
_pdbx_struct_assembly.details 
_pdbx_struct_assembly.method_details 
_pdbx_struct_assembly.oligomeric_details 
_pdbx_struct_assembly.oligomeric_count 
1 author_defined_assembly   ?    monomeric 1 
2 software_defined_assembly PISA dimeric   2 
# 
loop_
_pdbx_struct_assembly_prop.biol_id 
_pdbx_struct_assembly_prop.type 
_pdbx_struct_assembly_prop.value 
_pdbx_struct_assembly_prop.details 
2 'ABSA (A^2)' 1460  ? 
2 MORE         -12   ? 
2 'SSA (A^2)'  15410 ? 
# 
loop_
_pdbx_struct_assembly_gen.assembly_id 
_pdbx_struct_assembly_gen.oper_expression 
_pdbx_struct_assembly_gen.asym_id_list 
1 1   A,B 
2 1,2 A,B 
# 
loop_
_pdbx_struct_oper_list.id 
_pdbx_struct_oper_list.type 
_pdbx_struct_oper_list.name 
_pdbx_struct_oper_list.symmetry_operation 
_pdbx_struct_oper_list.matrix[1][1] 
_pdbx_struct_oper_list.matrix[1][2] 
_pdbx_struct_oper_list.matrix[1][3] 
_pdbx_struct_oper_list.vector[1] 
_pdbx_struct_oper_list.matrix[2][1] 
_pdbx_struct_oper_list.matrix[2][2] 
_pdbx_struct_oper_list.matrix[2][3] 
_pdbx_struct_oper_list.vector[2] 
_pdbx_struct_oper_list.matrix[3][1] 
_pdbx_struct_oper_list.matrix[3][2] 
_pdbx_struct_oper_list.matrix[3][3] 
_pdbx_struct_oper_list.vector[3] 
1 'identity operation'         1_555 x,y,z     1.0000000000  0.0000000000 0.0000000000 0.0000000000   0.0000000000 1.0000000000  0.0000000000 0.0000000000 0.0000000000 0.0000000000 1.0000000000  0.0000000000 
2 'crystal symmetry operation' 2_655 -x+1,y,-z -0.9031472585 0.2981408845 0.3089288630 -29.6048471860 0.2981408845 -0.0822357154 0.9509728178 4.3781912627 0.3089288630 0.9509728178 -0.0146170261 5.0561568771 
# 
_struct_biol.id        1 
_struct_biol.details   monomer 
# 
loop_
_struct_conf.conf_type_id 
_struct_conf.id 
_struct_conf.pdbx_PDB_helix_id 
_struct_conf.beg_label_comp_id 
_struct_conf.beg_label_asym_id 
_struct_conf.beg_label_seq_id 
_struct_conf.pdbx_beg_PDB_ins_code 
_struct_conf.end_label_comp_id 
_struct_conf.end_label_asym_id 
_struct_conf.end_label_seq_id 
_struct_conf.pdbx_end_PDB_ins_code 
_struct_conf.beg_auth_comp_id 
_struct_conf.beg_auth_asym_id 
_struct_conf.beg_auth_seq_id 
_struct_conf.end_auth_comp_id 
_struct_conf.end_auth_asym_id 
_struct_conf.end_auth_seq_id 
_struct_conf.pdbx_PDB_helix_class 
_struct_conf.details 
_struct_conf.pdbx_PDB_helix_length 
HELX_P HELX_P1 1 THR A 78  ? GLY A 92  ? THR A 75  GLY A 89  1 ? 15 
HELX_P HELX_P2 2 GLU A 146 ? THR A 157 ? GLU A 143 THR A 154 1 ? 12 
HELX_P HELX_P3 3 PRO A 158 ? PHE A 161 ? PRO A 155 PHE A 158 5 ? 4  
HELX_P HELX_P4 4 SER A 162 ? SER A 170 ? SER A 159 SER A 167 1 ? 9  
HELX_P HELX_P5 5 ASP A 171 ? ASN A 180 ? ASP A 168 ASN A 177 1 ? 10 
# 
_struct_conf_type.id          HELX_P 
_struct_conf_type.criteria    ? 
_struct_conf_type.reference   ? 
# 
loop_
_struct_conn.id 
_struct_conn.conn_type_id 
_struct_conn.pdbx_leaving_atom_flag 
_struct_conn.pdbx_PDB_id 
_struct_conn.ptnr1_label_asym_id 
_struct_conn.ptnr1_label_comp_id 
_struct_conn.ptnr1_label_seq_id 
_struct_conn.ptnr1_label_atom_id 
_struct_conn.pdbx_ptnr1_label_alt_id 
_struct_conn.pdbx_ptnr1_PDB_ins_code 
_struct_conn.pdbx_ptnr1_standard_comp_id 
_struct_conn.ptnr1_symmetry 
_struct_conn.ptnr2_label_asym_id 
_struct_conn.ptnr2_label_comp_id 
_struct_conn.ptnr2_label_seq_id 
_struct_conn.ptnr2_label_atom_id 
_struct_conn.pdbx_ptnr2_label_alt_id 
_struct_conn.pdbx_ptnr2_PDB_ins_code 
_struct_conn.ptnr1_auth_asym_id 
_struct_conn.ptnr1_auth_comp_id 
_struct_conn.ptnr1_auth_seq_id 
_struct_conn.ptnr2_auth_asym_id 
_struct_conn.ptnr2_auth_comp_id 
_struct_conn.ptnr2_auth_seq_id 
_struct_conn.ptnr2_symmetry 
_struct_conn.pdbx_ptnr3_label_atom_id 
_struct_conn.pdbx_ptnr3_label_seq_id 
_struct_conn.pdbx_ptnr3_label_comp_id 
_struct_conn.pdbx_ptnr3_label_asym_id 
_struct_conn.pdbx_ptnr3_label_alt_id 
_struct_conn.pdbx_ptnr3_PDB_ins_code 
_struct_conn.details 
_struct_conn.pdbx_dist_value 
_struct_conn.pdbx_value_order 
_struct_conn.pdbx_role 
covale1  covale both ? A VAL 139 C ? ? ? 1_555 A MSE 140 N ? ? A VAL 136 A MSE 137 1_555 ? ? ? ? ? ? ? 1.333 ? ? 
covale2  covale both ? A MSE 140 C ? ? ? 1_555 A ASP 141 N ? ? A MSE 137 A ASP 138 1_555 ? ? ? ? ? ? ? 1.341 ? ? 
covale3  covale both ? A TRP 164 C ? ? ? 1_555 A MSE 165 N ? ? A TRP 161 A MSE 162 1_555 ? ? ? ? ? ? ? 1.333 ? ? 
covale4  covale both ? A MSE 165 C ? ? ? 1_555 A VAL 166 N ? ? A MSE 162 A VAL 163 1_555 ? ? ? ? ? ? ? 1.330 ? ? 
covale5  covale both ? A VAL 166 C ? ? ? 1_555 A MSE 167 N A ? A VAL 163 A MSE 164 1_555 ? ? ? ? ? ? ? 1.331 ? ? 
covale6  covale both ? A VAL 166 C ? ? ? 1_555 A MSE 167 N B ? A VAL 163 A MSE 164 1_555 ? ? ? ? ? ? ? 1.324 ? ? 
covale7  covale both ? A VAL 166 C ? ? ? 1_555 A MSE 167 N C ? A VAL 163 A MSE 164 1_555 ? ? ? ? ? ? ? 1.324 ? ? 
covale8  covale both ? A MSE 167 C A ? ? 1_555 A GLN 168 N ? ? A MSE 164 A GLN 165 1_555 ? ? ? ? ? ? ? 1.323 ? ? 
covale9  covale both ? A MSE 167 C B ? ? 1_555 A GLN 168 N ? ? A MSE 164 A GLN 165 1_555 ? ? ? ? ? ? ? 1.328 ? ? 
covale10 covale both ? A MSE 167 C C ? ? 1_555 A GLN 168 N ? ? A MSE 164 A GLN 165 1_555 ? ? ? ? ? ? ? 1.328 ? ? 
# 
_struct_conn_type.id          covale 
_struct_conn_type.criteria    ? 
_struct_conn_type.reference   ? 
# 
loop_
_pdbx_modification_feature.ordinal 
_pdbx_modification_feature.label_comp_id 
_pdbx_modification_feature.label_asym_id 
_pdbx_modification_feature.label_seq_id 
_pdbx_modification_feature.label_alt_id 
_pdbx_modification_feature.modified_residue_label_comp_id 
_pdbx_modification_feature.modified_residue_label_asym_id 
_pdbx_modification_feature.modified_residue_label_seq_id 
_pdbx_modification_feature.modified_residue_label_alt_id 
_pdbx_modification_feature.auth_comp_id 
_pdbx_modification_feature.auth_asym_id 
_pdbx_modification_feature.auth_seq_id 
_pdbx_modification_feature.PDB_ins_code 
_pdbx_modification_feature.symmetry 
_pdbx_modification_feature.modified_residue_auth_comp_id 
_pdbx_modification_feature.modified_residue_auth_asym_id 
_pdbx_modification_feature.modified_residue_auth_seq_id 
_pdbx_modification_feature.modified_residue_PDB_ins_code 
_pdbx_modification_feature.modified_residue_symmetry 
_pdbx_modification_feature.comp_id_linking_atom 
_pdbx_modification_feature.modified_residue_id_linking_atom 
_pdbx_modification_feature.modified_residue_id 
_pdbx_modification_feature.ref_pcm_id 
_pdbx_modification_feature.ref_comp_id 
_pdbx_modification_feature.type 
_pdbx_modification_feature.category 
1 MSE A 140 ? . . . . MSE A 137 ? 1_555 . . . . . . . MET 1 MSE Selenomethionine 'Named protein modification' 
2 MSE A 165 ? . . . . MSE A 162 ? 1_555 . . . . . . . MET 1 MSE Selenomethionine 'Named protein modification' 
3 MSE A 167 A . . . . MSE A 164 ? 1_555 . . . . . . . MET 1 MSE Selenomethionine 'Named protein modification' 
4 MSE A 167 B . . . . MSE A 164 ? 1_555 . . . . . . . MET 1 MSE Selenomethionine 'Named protein modification' 
5 MSE A 167 C . . . . MSE A 164 ? 1_555 . . . . . . . MET 1 MSE Selenomethionine 'Named protein modification' 
# 
loop_
_struct_sheet.id 
_struct_sheet.type 
_struct_sheet.number_strands 
_struct_sheet.details 
A ? 4 ? 
B ? 3 ? 
C ? 2 ? 
# 
loop_
_struct_sheet_order.sheet_id 
_struct_sheet_order.range_id_1 
_struct_sheet_order.range_id_2 
_struct_sheet_order.offset 
_struct_sheet_order.sense 
A 1 2 ? anti-parallel 
A 2 3 ? parallel      
A 3 4 ? anti-parallel 
B 1 2 ? anti-parallel 
B 2 3 ? anti-parallel 
C 1 2 ? anti-parallel 
# 
loop_
_struct_sheet_range.sheet_id 
_struct_sheet_range.id 
_struct_sheet_range.beg_label_comp_id 
_struct_sheet_range.beg_label_asym_id 
_struct_sheet_range.beg_label_seq_id 
_struct_sheet_range.pdbx_beg_PDB_ins_code 
_struct_sheet_range.end_label_comp_id 
_struct_sheet_range.end_label_asym_id 
_struct_sheet_range.end_label_seq_id 
_struct_sheet_range.pdbx_end_PDB_ins_code 
_struct_sheet_range.beg_auth_comp_id 
_struct_sheet_range.beg_auth_asym_id 
_struct_sheet_range.beg_auth_seq_id 
_struct_sheet_range.end_auth_comp_id 
_struct_sheet_range.end_auth_asym_id 
_struct_sheet_range.end_auth_seq_id 
A 1 VAL A 69  ? GLY A 71  ? VAL A 66  GLY A 68  
A 2 PHE A 38  ? PHE A 43  ? PHE A 35  PHE A 40  
A 3 VAL A 123 ? ALA A 128 ? VAL A 120 ALA A 125 
A 4 ILE A 95  ? TYR A 102 ? ILE A 92  TYR A 99  
B 1 TRP A 65  ? THR A 66  ? TRP A 62  THR A 63  
B 2 LEU A 49  ? ARG A 54  ? LEU A 46  ARG A 51  
B 3 VAL A 139 ? SER A 145 ? VAL A 136 SER A 142 
C 1 SER A 106 ? THR A 110 ? SER A 103 THR A 107 
C 2 VAL A 116 ? VAL A 120 ? VAL A 113 VAL A 117 
# 
loop_
_pdbx_struct_sheet_hbond.sheet_id 
_pdbx_struct_sheet_hbond.range_id_1 
_pdbx_struct_sheet_hbond.range_id_2 
_pdbx_struct_sheet_hbond.range_1_label_atom_id 
_pdbx_struct_sheet_hbond.range_1_label_comp_id 
_pdbx_struct_sheet_hbond.range_1_label_asym_id 
_pdbx_struct_sheet_hbond.range_1_label_seq_id 
_pdbx_struct_sheet_hbond.range_1_PDB_ins_code 
_pdbx_struct_sheet_hbond.range_1_auth_atom_id 
_pdbx_struct_sheet_hbond.range_1_auth_comp_id 
_pdbx_struct_sheet_hbond.range_1_auth_asym_id 
_pdbx_struct_sheet_hbond.range_1_auth_seq_id 
_pdbx_struct_sheet_hbond.range_2_label_atom_id 
_pdbx_struct_sheet_hbond.range_2_label_comp_id 
_pdbx_struct_sheet_hbond.range_2_label_asym_id 
_pdbx_struct_sheet_hbond.range_2_label_seq_id 
_pdbx_struct_sheet_hbond.range_2_PDB_ins_code 
_pdbx_struct_sheet_hbond.range_2_auth_atom_id 
_pdbx_struct_sheet_hbond.range_2_auth_comp_id 
_pdbx_struct_sheet_hbond.range_2_auth_asym_id 
_pdbx_struct_sheet_hbond.range_2_auth_seq_id 
A 1 2 O VAL A 69  ? O VAL A 66  N CYS A 40  ? N CYS A 37  
A 2 3 N PHE A 43  ? N PHE A 40  O ALA A 126 ? O ALA A 123 
A 3 4 O VAL A 123 ? O VAL A 120 N VAL A 101 ? N VAL A 98  
B 1 2 O THR A 66  ? O THR A 63  N THR A 52  ? N THR A 49  
B 2 3 N VAL A 51  ? N VAL A 48  O GLN A 143 ? O GLN A 140 
C 1 2 N ALA A 109 ? N ALA A 106 O GLU A 117 ? O GLU A 114 
# 
_pdbx_entry_details.entry_id                   3HYQ 
_pdbx_entry_details.compound_details           ? 
_pdbx_entry_details.source_details             ? 
_pdbx_entry_details.nonpolymer_details         ? 
_pdbx_entry_details.sequence_details           ? 
_pdbx_entry_details.has_ligand_of_interest     ? 
_pdbx_entry_details.has_protein_modification   Y 
# 
_pdbx_validate_rmsd_bond.id                        1 
_pdbx_validate_rmsd_bond.PDB_model_num             1 
_pdbx_validate_rmsd_bond.auth_atom_id_1            C 
_pdbx_validate_rmsd_bond.auth_asym_id_1            A 
_pdbx_validate_rmsd_bond.auth_comp_id_1            ARG 
_pdbx_validate_rmsd_bond.auth_seq_id_1             181 
_pdbx_validate_rmsd_bond.PDB_ins_code_1            ? 
_pdbx_validate_rmsd_bond.label_alt_id_1            ? 
_pdbx_validate_rmsd_bond.auth_atom_id_2            OXT 
_pdbx_validate_rmsd_bond.auth_asym_id_2            A 
_pdbx_validate_rmsd_bond.auth_comp_id_2            ARG 
_pdbx_validate_rmsd_bond.auth_seq_id_2             181 
_pdbx_validate_rmsd_bond.PDB_ins_code_2            ? 
_pdbx_validate_rmsd_bond.label_alt_id_2            ? 
_pdbx_validate_rmsd_bond.bond_value                1.596 
_pdbx_validate_rmsd_bond.bond_target_value         1.229 
_pdbx_validate_rmsd_bond.bond_deviation            0.367 
_pdbx_validate_rmsd_bond.bond_standard_deviation   0.019 
_pdbx_validate_rmsd_bond.linker_flag               N 
# 
_pdbx_validate_rmsd_angle.id                         1 
_pdbx_validate_rmsd_angle.PDB_model_num              1 
_pdbx_validate_rmsd_angle.auth_atom_id_1             NE 
_pdbx_validate_rmsd_angle.auth_asym_id_1             A 
_pdbx_validate_rmsd_angle.auth_comp_id_1             ARG 
_pdbx_validate_rmsd_angle.auth_seq_id_1              172 
_pdbx_validate_rmsd_angle.PDB_ins_code_1             ? 
_pdbx_validate_rmsd_angle.label_alt_id_1             ? 
_pdbx_validate_rmsd_angle.auth_atom_id_2             CZ 
_pdbx_validate_rmsd_angle.auth_asym_id_2             A 
_pdbx_validate_rmsd_angle.auth_comp_id_2             ARG 
_pdbx_validate_rmsd_angle.auth_seq_id_2              172 
_pdbx_validate_rmsd_angle.PDB_ins_code_2             ? 
_pdbx_validate_rmsd_angle.label_alt_id_2             ? 
_pdbx_validate_rmsd_angle.auth_atom_id_3             NH1 
_pdbx_validate_rmsd_angle.auth_asym_id_3             A 
_pdbx_validate_rmsd_angle.auth_comp_id_3             ARG 
_pdbx_validate_rmsd_angle.auth_seq_id_3              172 
_pdbx_validate_rmsd_angle.PDB_ins_code_3             ? 
_pdbx_validate_rmsd_angle.label_alt_id_3             ? 
_pdbx_validate_rmsd_angle.angle_value                124.04 
_pdbx_validate_rmsd_angle.angle_target_value         120.30 
_pdbx_validate_rmsd_angle.angle_deviation            3.74 
_pdbx_validate_rmsd_angle.angle_standard_deviation   0.50 
_pdbx_validate_rmsd_angle.linker_flag                N 
# 
_pdbx_validate_torsion.id              1 
_pdbx_validate_torsion.PDB_model_num   1 
_pdbx_validate_torsion.auth_comp_id    TYR 
_pdbx_validate_torsion.auth_asym_id    A 
_pdbx_validate_torsion.auth_seq_id     99 
_pdbx_validate_torsion.PDB_ins_code    ? 
_pdbx_validate_torsion.label_alt_id    ? 
_pdbx_validate_torsion.phi             -157.94 
_pdbx_validate_torsion.psi             74.01 
# 
_pdbx_SG_project.id                    1 
_pdbx_SG_project.project_name          ? 
_pdbx_SG_project.full_name_of_center   'Center for Structural Genomics of Infectious Diseases' 
_pdbx_SG_project.initial_of_center     CSGID 
# 
loop_
_pdbx_struct_mod_residue.id 
_pdbx_struct_mod_residue.label_asym_id 
_pdbx_struct_mod_residue.label_comp_id 
_pdbx_struct_mod_residue.label_seq_id 
_pdbx_struct_mod_residue.auth_asym_id 
_pdbx_struct_mod_residue.auth_comp_id 
_pdbx_struct_mod_residue.auth_seq_id 
_pdbx_struct_mod_residue.PDB_ins_code 
_pdbx_struct_mod_residue.parent_comp_id 
_pdbx_struct_mod_residue.details 
1 A MSE 140 A MSE 137 ? MET SELENOMETHIONINE 
2 A MSE 165 A MSE 162 ? MET SELENOMETHIONINE 
3 A MSE 167 A MSE 164 ? MET SELENOMETHIONINE 
# 
loop_
_pdbx_struct_special_symmetry.id 
_pdbx_struct_special_symmetry.PDB_model_num 
_pdbx_struct_special_symmetry.auth_asym_id 
_pdbx_struct_special_symmetry.auth_comp_id 
_pdbx_struct_special_symmetry.auth_seq_id 
_pdbx_struct_special_symmetry.PDB_ins_code 
_pdbx_struct_special_symmetry.label_asym_id 
_pdbx_struct_special_symmetry.label_comp_id 
_pdbx_struct_special_symmetry.label_seq_id 
1 1 A HOH 332 ? B HOH . 
2 1 A HOH 408 ? B HOH . 
# 
loop_
_pdbx_unobs_or_zero_occ_residues.id 
_pdbx_unobs_or_zero_occ_residues.PDB_model_num 
_pdbx_unobs_or_zero_occ_residues.polymer_flag 
_pdbx_unobs_or_zero_occ_residues.occupancy_flag 
_pdbx_unobs_or_zero_occ_residues.auth_asym_id 
_pdbx_unobs_or_zero_occ_residues.auth_comp_id 
_pdbx_unobs_or_zero_occ_residues.auth_seq_id 
_pdbx_unobs_or_zero_occ_residues.PDB_ins_code 
_pdbx_unobs_or_zero_occ_residues.label_asym_id 
_pdbx_unobs_or_zero_occ_residues.label_comp_id 
_pdbx_unobs_or_zero_occ_residues.label_seq_id 
1  1 Y 1 A SER -2 ? A SER 1  
2  1 Y 1 A ASN -1 ? A ASN 2  
3  1 Y 1 A ALA 0  ? A ALA 3  
4  1 Y 1 A MSE 1  ? A MSE 4  
5  1 Y 1 A THR 2  ? A THR 5  
6  1 Y 1 A GLU 3  ? A GLU 6  
7  1 Y 1 A GLU 4  ? A GLU 7  
8  1 Y 1 A HIS 5  ? A HIS 8  
9  1 Y 1 A VAL 6  ? A VAL 9  
10 1 Y 1 A VAL 7  ? A VAL 10 
11 1 Y 1 A LEU 8  ? A LEU 11 
12 1 Y 1 A LEU 9  ? A LEU 12 
13 1 Y 1 A ASP 10 ? A ASP 13 
14 1 Y 1 A GLU 11 ? A GLU 14 
15 1 Y 1 A GLN 12 ? A GLN 15 
16 1 Y 1 A ASP 13 ? A ASP 16 
17 1 Y 1 A LYS 14 ? A LYS 17 
18 1 Y 1 A PRO 15 ? A PRO 18 
19 1 Y 1 A SER 16 ? A SER 19 
20 1 Y 1 A GLY 17 ? A GLY 20 
21 1 Y 1 A THR 18 ? A THR 21 
22 1 Y 1 A LEU 19 ? A LEU 22 
23 1 Y 1 A GLU 20 ? A GLU 23 
24 1 Y 1 A LYS 21 ? A LYS 24 
25 1 Y 1 A TYR 22 ? A TYR 25 
26 1 Y 1 A ALA 23 ? A ALA 26 
27 1 Y 1 A ALA 24 ? A ALA 27 
28 1 Y 1 A HIS 25 ? A HIS 28 
29 1 Y 1 A THR 26 ? A THR 29 
30 1 Y 1 A LEU 27 ? A LEU 30 
31 1 Y 1 A ASN 28 ? A ASN 31 
32 1 Y 1 A THR 29 ? A THR 32 
33 1 Y 1 A PRO 30 ? A PRO 33 
# 
loop_
_chem_comp_atom.comp_id 
_chem_comp_atom.atom_id 
_chem_comp_atom.type_symbol 
_chem_comp_atom.pdbx_aromatic_flag 
_chem_comp_atom.pdbx_stereo_config 
_chem_comp_atom.pdbx_ordinal 
ALA N    N  N N 1   
ALA CA   C  N S 2   
ALA C    C  N N 3   
ALA O    O  N N 4   
ALA CB   C  N N 5   
ALA OXT  O  N N 6   
ALA H    H  N N 7   
ALA H2   H  N N 8   
ALA HA   H  N N 9   
ALA HB1  H  N N 10  
ALA HB2  H  N N 11  
ALA HB3  H  N N 12  
ALA HXT  H  N N 13  
ARG N    N  N N 14  
ARG CA   C  N S 15  
ARG C    C  N N 16  
ARG O    O  N N 17  
ARG CB   C  N N 18  
ARG CG   C  N N 19  
ARG CD   C  N N 20  
ARG NE   N  N N 21  
ARG CZ   C  N N 22  
ARG NH1  N  N N 23  
ARG NH2  N  N N 24  
ARG OXT  O  N N 25  
ARG H    H  N N 26  
ARG H2   H  N N 27  
ARG HA   H  N N 28  
ARG HB2  H  N N 29  
ARG HB3  H  N N 30  
ARG HG2  H  N N 31  
ARG HG3  H  N N 32  
ARG HD2  H  N N 33  
ARG HD3  H  N N 34  
ARG HE   H  N N 35  
ARG HH11 H  N N 36  
ARG HH12 H  N N 37  
ARG HH21 H  N N 38  
ARG HH22 H  N N 39  
ARG HXT  H  N N 40  
ASN N    N  N N 41  
ASN CA   C  N S 42  
ASN C    C  N N 43  
ASN O    O  N N 44  
ASN CB   C  N N 45  
ASN CG   C  N N 46  
ASN OD1  O  N N 47  
ASN ND2  N  N N 48  
ASN OXT  O  N N 49  
ASN H    H  N N 50  
ASN H2   H  N N 51  
ASN HA   H  N N 52  
ASN HB2  H  N N 53  
ASN HB3  H  N N 54  
ASN HD21 H  N N 55  
ASN HD22 H  N N 56  
ASN HXT  H  N N 57  
ASP N    N  N N 58  
ASP CA   C  N S 59  
ASP C    C  N N 60  
ASP O    O  N N 61  
ASP CB   C  N N 62  
ASP CG   C  N N 63  
ASP OD1  O  N N 64  
ASP OD2  O  N N 65  
ASP OXT  O  N N 66  
ASP H    H  N N 67  
ASP H2   H  N N 68  
ASP HA   H  N N 69  
ASP HB2  H  N N 70  
ASP HB3  H  N N 71  
ASP HD2  H  N N 72  
ASP HXT  H  N N 73  
CYS N    N  N N 74  
CYS CA   C  N R 75  
CYS C    C  N N 76  
CYS O    O  N N 77  
CYS CB   C  N N 78  
CYS SG   S  N N 79  
CYS OXT  O  N N 80  
CYS H    H  N N 81  
CYS H2   H  N N 82  
CYS HA   H  N N 83  
CYS HB2  H  N N 84  
CYS HB3  H  N N 85  
CYS HG   H  N N 86  
CYS HXT  H  N N 87  
GLN N    N  N N 88  
GLN CA   C  N S 89  
GLN C    C  N N 90  
GLN O    O  N N 91  
GLN CB   C  N N 92  
GLN CG   C  N N 93  
GLN CD   C  N N 94  
GLN OE1  O  N N 95  
GLN NE2  N  N N 96  
GLN OXT  O  N N 97  
GLN H    H  N N 98  
GLN H2   H  N N 99  
GLN HA   H  N N 100 
GLN HB2  H  N N 101 
GLN HB3  H  N N 102 
GLN HG2  H  N N 103 
GLN HG3  H  N N 104 
GLN HE21 H  N N 105 
GLN HE22 H  N N 106 
GLN HXT  H  N N 107 
GLU N    N  N N 108 
GLU CA   C  N S 109 
GLU C    C  N N 110 
GLU O    O  N N 111 
GLU CB   C  N N 112 
GLU CG   C  N N 113 
GLU CD   C  N N 114 
GLU OE1  O  N N 115 
GLU OE2  O  N N 116 
GLU OXT  O  N N 117 
GLU H    H  N N 118 
GLU H2   H  N N 119 
GLU HA   H  N N 120 
GLU HB2  H  N N 121 
GLU HB3  H  N N 122 
GLU HG2  H  N N 123 
GLU HG3  H  N N 124 
GLU HE2  H  N N 125 
GLU HXT  H  N N 126 
GLY N    N  N N 127 
GLY CA   C  N N 128 
GLY C    C  N N 129 
GLY O    O  N N 130 
GLY OXT  O  N N 131 
GLY H    H  N N 132 
GLY H2   H  N N 133 
GLY HA2  H  N N 134 
GLY HA3  H  N N 135 
GLY HXT  H  N N 136 
HIS N    N  N N 137 
HIS CA   C  N S 138 
HIS C    C  N N 139 
HIS O    O  N N 140 
HIS CB   C  N N 141 
HIS CG   C  Y N 142 
HIS ND1  N  Y N 143 
HIS CD2  C  Y N 144 
HIS CE1  C  Y N 145 
HIS NE2  N  Y N 146 
HIS OXT  O  N N 147 
HIS H    H  N N 148 
HIS H2   H  N N 149 
HIS HA   H  N N 150 
HIS HB2  H  N N 151 
HIS HB3  H  N N 152 
HIS HD1  H  N N 153 
HIS HD2  H  N N 154 
HIS HE1  H  N N 155 
HIS HE2  H  N N 156 
HIS HXT  H  N N 157 
HOH O    O  N N 158 
HOH H1   H  N N 159 
HOH H2   H  N N 160 
ILE N    N  N N 161 
ILE CA   C  N S 162 
ILE C    C  N N 163 
ILE O    O  N N 164 
ILE CB   C  N S 165 
ILE CG1  C  N N 166 
ILE CG2  C  N N 167 
ILE CD1  C  N N 168 
ILE OXT  O  N N 169 
ILE H    H  N N 170 
ILE H2   H  N N 171 
ILE HA   H  N N 172 
ILE HB   H  N N 173 
ILE HG12 H  N N 174 
ILE HG13 H  N N 175 
ILE HG21 H  N N 176 
ILE HG22 H  N N 177 
ILE HG23 H  N N 178 
ILE HD11 H  N N 179 
ILE HD12 H  N N 180 
ILE HD13 H  N N 181 
ILE HXT  H  N N 182 
LEU N    N  N N 183 
LEU CA   C  N S 184 
LEU C    C  N N 185 
LEU O    O  N N 186 
LEU CB   C  N N 187 
LEU CG   C  N N 188 
LEU CD1  C  N N 189 
LEU CD2  C  N N 190 
LEU OXT  O  N N 191 
LEU H    H  N N 192 
LEU H2   H  N N 193 
LEU HA   H  N N 194 
LEU HB2  H  N N 195 
LEU HB3  H  N N 196 
LEU HG   H  N N 197 
LEU HD11 H  N N 198 
LEU HD12 H  N N 199 
LEU HD13 H  N N 200 
LEU HD21 H  N N 201 
LEU HD22 H  N N 202 
LEU HD23 H  N N 203 
LEU HXT  H  N N 204 
LYS N    N  N N 205 
LYS CA   C  N S 206 
LYS C    C  N N 207 
LYS O    O  N N 208 
LYS CB   C  N N 209 
LYS CG   C  N N 210 
LYS CD   C  N N 211 
LYS CE   C  N N 212 
LYS NZ   N  N N 213 
LYS OXT  O  N N 214 
LYS H    H  N N 215 
LYS H2   H  N N 216 
LYS HA   H  N N 217 
LYS HB2  H  N N 218 
LYS HB3  H  N N 219 
LYS HG2  H  N N 220 
LYS HG3  H  N N 221 
LYS HD2  H  N N 222 
LYS HD3  H  N N 223 
LYS HE2  H  N N 224 
LYS HE3  H  N N 225 
LYS HZ1  H  N N 226 
LYS HZ2  H  N N 227 
LYS HZ3  H  N N 228 
LYS HXT  H  N N 229 
MSE N    N  N N 230 
MSE CA   C  N S 231 
MSE C    C  N N 232 
MSE O    O  N N 233 
MSE OXT  O  N N 234 
MSE CB   C  N N 235 
MSE CG   C  N N 236 
MSE SE   SE N N 237 
MSE CE   C  N N 238 
MSE H    H  N N 239 
MSE H2   H  N N 240 
MSE HA   H  N N 241 
MSE HXT  H  N N 242 
MSE HB2  H  N N 243 
MSE HB3  H  N N 244 
MSE HG2  H  N N 245 
MSE HG3  H  N N 246 
MSE HE1  H  N N 247 
MSE HE2  H  N N 248 
MSE HE3  H  N N 249 
PHE N    N  N N 250 
PHE CA   C  N S 251 
PHE C    C  N N 252 
PHE O    O  N N 253 
PHE CB   C  N N 254 
PHE CG   C  Y N 255 
PHE CD1  C  Y N 256 
PHE CD2  C  Y N 257 
PHE CE1  C  Y N 258 
PHE CE2  C  Y N 259 
PHE CZ   C  Y N 260 
PHE OXT  O  N N 261 
PHE H    H  N N 262 
PHE H2   H  N N 263 
PHE HA   H  N N 264 
PHE HB2  H  N N 265 
PHE HB3  H  N N 266 
PHE HD1  H  N N 267 
PHE HD2  H  N N 268 
PHE HE1  H  N N 269 
PHE HE2  H  N N 270 
PHE HZ   H  N N 271 
PHE HXT  H  N N 272 
PRO N    N  N N 273 
PRO CA   C  N S 274 
PRO C    C  N N 275 
PRO O    O  N N 276 
PRO CB   C  N N 277 
PRO CG   C  N N 278 
PRO CD   C  N N 279 
PRO OXT  O  N N 280 
PRO H    H  N N 281 
PRO HA   H  N N 282 
PRO HB2  H  N N 283 
PRO HB3  H  N N 284 
PRO HG2  H  N N 285 
PRO HG3  H  N N 286 
PRO HD2  H  N N 287 
PRO HD3  H  N N 288 
PRO HXT  H  N N 289 
SER N    N  N N 290 
SER CA   C  N S 291 
SER C    C  N N 292 
SER O    O  N N 293 
SER CB   C  N N 294 
SER OG   O  N N 295 
SER OXT  O  N N 296 
SER H    H  N N 297 
SER H2   H  N N 298 
SER HA   H  N N 299 
SER HB2  H  N N 300 
SER HB3  H  N N 301 
SER HG   H  N N 302 
SER HXT  H  N N 303 
THR N    N  N N 304 
THR CA   C  N S 305 
THR C    C  N N 306 
THR O    O  N N 307 
THR CB   C  N R 308 
THR OG1  O  N N 309 
THR CG2  C  N N 310 
THR OXT  O  N N 311 
THR H    H  N N 312 
THR H2   H  N N 313 
THR HA   H  N N 314 
THR HB   H  N N 315 
THR HG1  H  N N 316 
THR HG21 H  N N 317 
THR HG22 H  N N 318 
THR HG23 H  N N 319 
THR HXT  H  N N 320 
TRP N    N  N N 321 
TRP CA   C  N S 322 
TRP C    C  N N 323 
TRP O    O  N N 324 
TRP CB   C  N N 325 
TRP CG   C  Y N 326 
TRP CD1  C  Y N 327 
TRP CD2  C  Y N 328 
TRP NE1  N  Y N 329 
TRP CE2  C  Y N 330 
TRP CE3  C  Y N 331 
TRP CZ2  C  Y N 332 
TRP CZ3  C  Y N 333 
TRP CH2  C  Y N 334 
TRP OXT  O  N N 335 
TRP H    H  N N 336 
TRP H2   H  N N 337 
TRP HA   H  N N 338 
TRP HB2  H  N N 339 
TRP HB3  H  N N 340 
TRP HD1  H  N N 341 
TRP HE1  H  N N 342 
TRP HE3  H  N N 343 
TRP HZ2  H  N N 344 
TRP HZ3  H  N N 345 
TRP HH2  H  N N 346 
TRP HXT  H  N N 347 
TYR N    N  N N 348 
TYR CA   C  N S 349 
TYR C    C  N N 350 
TYR O    O  N N 351 
TYR CB   C  N N 352 
TYR CG   C  Y N 353 
TYR CD1  C  Y N 354 
TYR CD2  C  Y N 355 
TYR CE1  C  Y N 356 
TYR CE2  C  Y N 357 
TYR CZ   C  Y N 358 
TYR OH   O  N N 359 
TYR OXT  O  N N 360 
TYR H    H  N N 361 
TYR H2   H  N N 362 
TYR HA   H  N N 363 
TYR HB2  H  N N 364 
TYR HB3  H  N N 365 
TYR HD1  H  N N 366 
TYR HD2  H  N N 367 
TYR HE1  H  N N 368 
TYR HE2  H  N N 369 
TYR HH   H  N N 370 
TYR HXT  H  N N 371 
VAL N    N  N N 372 
VAL CA   C  N S 373 
VAL C    C  N N 374 
VAL O    O  N N 375 
VAL CB   C  N N 376 
VAL CG1  C  N N 377 
VAL CG2  C  N N 378 
VAL OXT  O  N N 379 
VAL H    H  N N 380 
VAL H2   H  N N 381 
VAL HA   H  N N 382 
VAL HB   H  N N 383 
VAL HG11 H  N N 384 
VAL HG12 H  N N 385 
VAL HG13 H  N N 386 
VAL HG21 H  N N 387 
VAL HG22 H  N N 388 
VAL HG23 H  N N 389 
VAL HXT  H  N N 390 
# 
loop_
_chem_comp_bond.comp_id 
_chem_comp_bond.atom_id_1 
_chem_comp_bond.atom_id_2 
_chem_comp_bond.value_order 
_chem_comp_bond.pdbx_aromatic_flag 
_chem_comp_bond.pdbx_stereo_config 
_chem_comp_bond.pdbx_ordinal 
ALA N   CA   sing N N 1   
ALA N   H    sing N N 2   
ALA N   H2   sing N N 3   
ALA CA  C    sing N N 4   
ALA CA  CB   sing N N 5   
ALA CA  HA   sing N N 6   
ALA C   O    doub N N 7   
ALA C   OXT  sing N N 8   
ALA CB  HB1  sing N N 9   
ALA CB  HB2  sing N N 10  
ALA CB  HB3  sing N N 11  
ALA OXT HXT  sing N N 12  
ARG N   CA   sing N N 13  
ARG N   H    sing N N 14  
ARG N   H2   sing N N 15  
ARG CA  C    sing N N 16  
ARG CA  CB   sing N N 17  
ARG CA  HA   sing N N 18  
ARG C   O    doub N N 19  
ARG C   OXT  sing N N 20  
ARG CB  CG   sing N N 21  
ARG CB  HB2  sing N N 22  
ARG CB  HB3  sing N N 23  
ARG CG  CD   sing N N 24  
ARG CG  HG2  sing N N 25  
ARG CG  HG3  sing N N 26  
ARG CD  NE   sing N N 27  
ARG CD  HD2  sing N N 28  
ARG CD  HD3  sing N N 29  
ARG NE  CZ   sing N N 30  
ARG NE  HE   sing N N 31  
ARG CZ  NH1  sing N N 32  
ARG CZ  NH2  doub N N 33  
ARG NH1 HH11 sing N N 34  
ARG NH1 HH12 sing N N 35  
ARG NH2 HH21 sing N N 36  
ARG NH2 HH22 sing N N 37  
ARG OXT HXT  sing N N 38  
ASN N   CA   sing N N 39  
ASN N   H    sing N N 40  
ASN N   H2   sing N N 41  
ASN CA  C    sing N N 42  
ASN CA  CB   sing N N 43  
ASN CA  HA   sing N N 44  
ASN C   O    doub N N 45  
ASN C   OXT  sing N N 46  
ASN CB  CG   sing N N 47  
ASN CB  HB2  sing N N 48  
ASN CB  HB3  sing N N 49  
ASN CG  OD1  doub N N 50  
ASN CG  ND2  sing N N 51  
ASN ND2 HD21 sing N N 52  
ASN ND2 HD22 sing N N 53  
ASN OXT HXT  sing N N 54  
ASP N   CA   sing N N 55  
ASP N   H    sing N N 56  
ASP N   H2   sing N N 57  
ASP CA  C    sing N N 58  
ASP CA  CB   sing N N 59  
ASP CA  HA   sing N N 60  
ASP C   O    doub N N 61  
ASP C   OXT  sing N N 62  
ASP CB  CG   sing N N 63  
ASP CB  HB2  sing N N 64  
ASP CB  HB3  sing N N 65  
ASP CG  OD1  doub N N 66  
ASP CG  OD2  sing N N 67  
ASP OD2 HD2  sing N N 68  
ASP OXT HXT  sing N N 69  
CYS N   CA   sing N N 70  
CYS N   H    sing N N 71  
CYS N   H2   sing N N 72  
CYS CA  C    sing N N 73  
CYS CA  CB   sing N N 74  
CYS CA  HA   sing N N 75  
CYS C   O    doub N N 76  
CYS C   OXT  sing N N 77  
CYS CB  SG   sing N N 78  
CYS CB  HB2  sing N N 79  
CYS CB  HB3  sing N N 80  
CYS SG  HG   sing N N 81  
CYS OXT HXT  sing N N 82  
GLN N   CA   sing N N 83  
GLN N   H    sing N N 84  
GLN N   H2   sing N N 85  
GLN CA  C    sing N N 86  
GLN CA  CB   sing N N 87  
GLN CA  HA   sing N N 88  
GLN C   O    doub N N 89  
GLN C   OXT  sing N N 90  
GLN CB  CG   sing N N 91  
GLN CB  HB2  sing N N 92  
GLN CB  HB3  sing N N 93  
GLN CG  CD   sing N N 94  
GLN CG  HG2  sing N N 95  
GLN CG  HG3  sing N N 96  
GLN CD  OE1  doub N N 97  
GLN CD  NE2  sing N N 98  
GLN NE2 HE21 sing N N 99  
GLN NE2 HE22 sing N N 100 
GLN OXT HXT  sing N N 101 
GLU N   CA   sing N N 102 
GLU N   H    sing N N 103 
GLU N   H2   sing N N 104 
GLU CA  C    sing N N 105 
GLU CA  CB   sing N N 106 
GLU CA  HA   sing N N 107 
GLU C   O    doub N N 108 
GLU C   OXT  sing N N 109 
GLU CB  CG   sing N N 110 
GLU CB  HB2  sing N N 111 
GLU CB  HB3  sing N N 112 
GLU CG  CD   sing N N 113 
GLU CG  HG2  sing N N 114 
GLU CG  HG3  sing N N 115 
GLU CD  OE1  doub N N 116 
GLU CD  OE2  sing N N 117 
GLU OE2 HE2  sing N N 118 
GLU OXT HXT  sing N N 119 
GLY N   CA   sing N N 120 
GLY N   H    sing N N 121 
GLY N   H2   sing N N 122 
GLY CA  C    sing N N 123 
GLY CA  HA2  sing N N 124 
GLY CA  HA3  sing N N 125 
GLY C   O    doub N N 126 
GLY C   OXT  sing N N 127 
GLY OXT HXT  sing N N 128 
HIS N   CA   sing N N 129 
HIS N   H    sing N N 130 
HIS N   H2   sing N N 131 
HIS CA  C    sing N N 132 
HIS CA  CB   sing N N 133 
HIS CA  HA   sing N N 134 
HIS C   O    doub N N 135 
HIS C   OXT  sing N N 136 
HIS CB  CG   sing N N 137 
HIS CB  HB2  sing N N 138 
HIS CB  HB3  sing N N 139 
HIS CG  ND1  sing Y N 140 
HIS CG  CD2  doub Y N 141 
HIS ND1 CE1  doub Y N 142 
HIS ND1 HD1  sing N N 143 
HIS CD2 NE2  sing Y N 144 
HIS CD2 HD2  sing N N 145 
HIS CE1 NE2  sing Y N 146 
HIS CE1 HE1  sing N N 147 
HIS NE2 HE2  sing N N 148 
HIS OXT HXT  sing N N 149 
HOH O   H1   sing N N 150 
HOH O   H2   sing N N 151 
ILE N   CA   sing N N 152 
ILE N   H    sing N N 153 
ILE N   H2   sing N N 154 
ILE CA  C    sing N N 155 
ILE CA  CB   sing N N 156 
ILE CA  HA   sing N N 157 
ILE C   O    doub N N 158 
ILE C   OXT  sing N N 159 
ILE CB  CG1  sing N N 160 
ILE CB  CG2  sing N N 161 
ILE CB  HB   sing N N 162 
ILE CG1 CD1  sing N N 163 
ILE CG1 HG12 sing N N 164 
ILE CG1 HG13 sing N N 165 
ILE CG2 HG21 sing N N 166 
ILE CG2 HG22 sing N N 167 
ILE CG2 HG23 sing N N 168 
ILE CD1 HD11 sing N N 169 
ILE CD1 HD12 sing N N 170 
ILE CD1 HD13 sing N N 171 
ILE OXT HXT  sing N N 172 
LEU N   CA   sing N N 173 
LEU N   H    sing N N 174 
LEU N   H2   sing N N 175 
LEU CA  C    sing N N 176 
LEU CA  CB   sing N N 177 
LEU CA  HA   sing N N 178 
LEU C   O    doub N N 179 
LEU C   OXT  sing N N 180 
LEU CB  CG   sing N N 181 
LEU CB  HB2  sing N N 182 
LEU CB  HB3  sing N N 183 
LEU CG  CD1  sing N N 184 
LEU CG  CD2  sing N N 185 
LEU CG  HG   sing N N 186 
LEU CD1 HD11 sing N N 187 
LEU CD1 HD12 sing N N 188 
LEU CD1 HD13 sing N N 189 
LEU CD2 HD21 sing N N 190 
LEU CD2 HD22 sing N N 191 
LEU CD2 HD23 sing N N 192 
LEU OXT HXT  sing N N 193 
LYS N   CA   sing N N 194 
LYS N   H    sing N N 195 
LYS N   H2   sing N N 196 
LYS CA  C    sing N N 197 
LYS CA  CB   sing N N 198 
LYS CA  HA   sing N N 199 
LYS C   O    doub N N 200 
LYS C   OXT  sing N N 201 
LYS CB  CG   sing N N 202 
LYS CB  HB2  sing N N 203 
LYS CB  HB3  sing N N 204 
LYS CG  CD   sing N N 205 
LYS CG  HG2  sing N N 206 
LYS CG  HG3  sing N N 207 
LYS CD  CE   sing N N 208 
LYS CD  HD2  sing N N 209 
LYS CD  HD3  sing N N 210 
LYS CE  NZ   sing N N 211 
LYS CE  HE2  sing N N 212 
LYS CE  HE3  sing N N 213 
LYS NZ  HZ1  sing N N 214 
LYS NZ  HZ2  sing N N 215 
LYS NZ  HZ3  sing N N 216 
LYS OXT HXT  sing N N 217 
MSE N   CA   sing N N 218 
MSE N   H    sing N N 219 
MSE N   H2   sing N N 220 
MSE CA  C    sing N N 221 
MSE CA  CB   sing N N 222 
MSE CA  HA   sing N N 223 
MSE C   O    doub N N 224 
MSE C   OXT  sing N N 225 
MSE OXT HXT  sing N N 226 
MSE CB  CG   sing N N 227 
MSE CB  HB2  sing N N 228 
MSE CB  HB3  sing N N 229 
MSE CG  SE   sing N N 230 
MSE CG  HG2  sing N N 231 
MSE CG  HG3  sing N N 232 
MSE SE  CE   sing N N 233 
MSE CE  HE1  sing N N 234 
MSE CE  HE2  sing N N 235 
MSE CE  HE3  sing N N 236 
PHE N   CA   sing N N 237 
PHE N   H    sing N N 238 
PHE N   H2   sing N N 239 
PHE CA  C    sing N N 240 
PHE CA  CB   sing N N 241 
PHE CA  HA   sing N N 242 
PHE C   O    doub N N 243 
PHE C   OXT  sing N N 244 
PHE CB  CG   sing N N 245 
PHE CB  HB2  sing N N 246 
PHE CB  HB3  sing N N 247 
PHE CG  CD1  doub Y N 248 
PHE CG  CD2  sing Y N 249 
PHE CD1 CE1  sing Y N 250 
PHE CD1 HD1  sing N N 251 
PHE CD2 CE2  doub Y N 252 
PHE CD2 HD2  sing N N 253 
PHE CE1 CZ   doub Y N 254 
PHE CE1 HE1  sing N N 255 
PHE CE2 CZ   sing Y N 256 
PHE CE2 HE2  sing N N 257 
PHE CZ  HZ   sing N N 258 
PHE OXT HXT  sing N N 259 
PRO N   CA   sing N N 260 
PRO N   CD   sing N N 261 
PRO N   H    sing N N 262 
PRO CA  C    sing N N 263 
PRO CA  CB   sing N N 264 
PRO CA  HA   sing N N 265 
PRO C   O    doub N N 266 
PRO C   OXT  sing N N 267 
PRO CB  CG   sing N N 268 
PRO CB  HB2  sing N N 269 
PRO CB  HB3  sing N N 270 
PRO CG  CD   sing N N 271 
PRO CG  HG2  sing N N 272 
PRO CG  HG3  sing N N 273 
PRO CD  HD2  sing N N 274 
PRO CD  HD3  sing N N 275 
PRO OXT HXT  sing N N 276 
SER N   CA   sing N N 277 
SER N   H    sing N N 278 
SER N   H2   sing N N 279 
SER CA  C    sing N N 280 
SER CA  CB   sing N N 281 
SER CA  HA   sing N N 282 
SER C   O    doub N N 283 
SER C   OXT  sing N N 284 
SER CB  OG   sing N N 285 
SER CB  HB2  sing N N 286 
SER CB  HB3  sing N N 287 
SER OG  HG   sing N N 288 
SER OXT HXT  sing N N 289 
THR N   CA   sing N N 290 
THR N   H    sing N N 291 
THR N   H2   sing N N 292 
THR CA  C    sing N N 293 
THR CA  CB   sing N N 294 
THR CA  HA   sing N N 295 
THR C   O    doub N N 296 
THR C   OXT  sing N N 297 
THR CB  OG1  sing N N 298 
THR CB  CG2  sing N N 299 
THR CB  HB   sing N N 300 
THR OG1 HG1  sing N N 301 
THR CG2 HG21 sing N N 302 
THR CG2 HG22 sing N N 303 
THR CG2 HG23 sing N N 304 
THR OXT HXT  sing N N 305 
TRP N   CA   sing N N 306 
TRP N   H    sing N N 307 
TRP N   H2   sing N N 308 
TRP CA  C    sing N N 309 
TRP CA  CB   sing N N 310 
TRP CA  HA   sing N N 311 
TRP C   O    doub N N 312 
TRP C   OXT  sing N N 313 
TRP CB  CG   sing N N 314 
TRP CB  HB2  sing N N 315 
TRP CB  HB3  sing N N 316 
TRP CG  CD1  doub Y N 317 
TRP CG  CD2  sing Y N 318 
TRP CD1 NE1  sing Y N 319 
TRP CD1 HD1  sing N N 320 
TRP CD2 CE2  doub Y N 321 
TRP CD2 CE3  sing Y N 322 
TRP NE1 CE2  sing Y N 323 
TRP NE1 HE1  sing N N 324 
TRP CE2 CZ2  sing Y N 325 
TRP CE3 CZ3  doub Y N 326 
TRP CE3 HE3  sing N N 327 
TRP CZ2 CH2  doub Y N 328 
TRP CZ2 HZ2  sing N N 329 
TRP CZ3 CH2  sing Y N 330 
TRP CZ3 HZ3  sing N N 331 
TRP CH2 HH2  sing N N 332 
TRP OXT HXT  sing N N 333 
TYR N   CA   sing N N 334 
TYR N   H    sing N N 335 
TYR N   H2   sing N N 336 
TYR CA  C    sing N N 337 
TYR CA  CB   sing N N 338 
TYR CA  HA   sing N N 339 
TYR C   O    doub N N 340 
TYR C   OXT  sing N N 341 
TYR CB  CG   sing N N 342 
TYR CB  HB2  sing N N 343 
TYR CB  HB3  sing N N 344 
TYR CG  CD1  doub Y N 345 
TYR CG  CD2  sing Y N 346 
TYR CD1 CE1  sing Y N 347 
TYR CD1 HD1  sing N N 348 
TYR CD2 CE2  doub Y N 349 
TYR CD2 HD2  sing N N 350 
TYR CE1 CZ   doub Y N 351 
TYR CE1 HE1  sing N N 352 
TYR CE2 CZ   sing Y N 353 
TYR CE2 HE2  sing N N 354 
TYR CZ  OH   sing N N 355 
TYR OH  HH   sing N N 356 
TYR OXT HXT  sing N N 357 
VAL N   CA   sing N N 358 
VAL N   H    sing N N 359 
VAL N   H2   sing N N 360 
VAL CA  C    sing N N 361 
VAL CA  CB   sing N N 362 
VAL CA  HA   sing N N 363 
VAL C   O    doub N N 364 
VAL C   OXT  sing N N 365 
VAL CB  CG1  sing N N 366 
VAL CB  CG2  sing N N 367 
VAL CB  HB   sing N N 368 
VAL CG1 HG11 sing N N 369 
VAL CG1 HG12 sing N N 370 
VAL CG1 HG13 sing N N 371 
VAL CG2 HG21 sing N N 372 
VAL CG2 HG22 sing N N 373 
VAL CG2 HG23 sing N N 374 
VAL OXT HXT  sing N N 375 
# 
_atom_sites.entry_id                    3HYQ 
_atom_sites.fract_transf_matrix[1][1]   -0.01137123 
_atom_sites.fract_transf_matrix[1][2]   -0.00151406 
_atom_sites.fract_transf_matrix[1][3]   0.00502620 
_atom_sites.fract_transf_matrix[2][1]   -0.00343029 
_atom_sites.fract_transf_matrix[2][2]   -0.01055944 
_atom_sites.fract_transf_matrix[2][3]   -0.01094153 
_atom_sites.fract_transf_matrix[3][1]   0.00495327 
_atom_sites.fract_transf_matrix[3][2]   -0.02131130 
_atom_sites.fract_transf_matrix[3][3]   0.01901420 
_atom_sites.fract_transf_vector[1]      0.322305 
_atom_sites.fract_transf_vector[2]      0.122356 
_atom_sites.fract_transf_vector[3]      0.071903 
# 
loop_
_atom_type.symbol 
C  
N  
O  
S  
SE 
# 
loop_
_atom_site.group_PDB 
_atom_site.id 
_atom_site.type_symbol 
_atom_site.label_atom_id 
_atom_site.label_alt_id 
_atom_site.label_comp_id 
_atom_site.label_asym_id 
_atom_site.label_entity_id 
_atom_site.label_seq_id 
_atom_site.pdbx_PDB_ins_code 
_atom_site.Cartn_x 
_atom_site.Cartn_y 
_atom_site.Cartn_z 
_atom_site.occupancy 
_atom_site.B_iso_or_equiv 
_atom_site.pdbx_formal_charge 
_atom_site.auth_seq_id 
_atom_site.auth_comp_id 
_atom_site.auth_asym_id 
_atom_site.auth_atom_id 
_atom_site.pdbx_PDB_model_num 
ATOM   1    N  N   . LEU A 1 34  ? 6.121   -19.111 -1.273  1.00 72.81 ? 31  LEU A N   1 
ATOM   2    C  CA  . LEU A 1 34  ? 7.252   -18.454 -0.626  1.00 55.19 ? 31  LEU A CA  1 
ATOM   3    C  C   . LEU A 1 34  ? 6.841   -17.851 0.727   1.00 45.82 ? 31  LEU A C   1 
ATOM   4    O  O   . LEU A 1 34  ? 7.657   -17.760 1.648   1.00 62.78 ? 31  LEU A O   1 
ATOM   5    C  CB  . LEU A 1 34  ? 7.835   -17.349 -1.522  1.00 59.61 ? 31  LEU A CB  1 
ATOM   6    C  CG  . LEU A 1 34  ? 8.238   -17.624 -2.973  1.00 69.23 ? 31  LEU A CG  1 
ATOM   7    C  CD1 . LEU A 1 34  ? 8.466   -16.303 -3.715  1.00 63.04 ? 31  LEU A CD1 1 
ATOM   8    C  CD2 . LEU A 1 34  ? 9.472   -18.521 -3.057  1.00 62.68 ? 31  LEU A CD2 1 
ATOM   9    N  N   . HIS A 1 35  ? 5.572   -17.453 0.845   1.00 34.47 ? 32  HIS A N   1 
ATOM   10   C  CA  . HIS A 1 35  ? 5.105   -16.676 2.006   1.00 44.19 ? 32  HIS A CA  1 
ATOM   11   C  C   . HIS A 1 35  ? 5.799   -15.308 2.103   1.00 38.93 ? 32  HIS A C   1 
ATOM   12   O  O   . HIS A 1 35  ? 6.169   -14.861 3.212   1.00 33.04 ? 32  HIS A O   1 
ATOM   13   C  CB  . HIS A 1 35  ? 5.299   -17.465 3.307   1.00 47.90 ? 32  HIS A CB  1 
ATOM   14   C  CG  . HIS A 1 35  ? 4.899   -18.898 3.188   1.00 60.88 ? 32  HIS A CG  1 
ATOM   15   N  ND1 . HIS A 1 35  ? 3.620   -19.282 2.833   1.00 58.65 ? 32  HIS A ND1 1 
ATOM   16   C  CD2 . HIS A 1 35  ? 5.614   -20.038 3.332   1.00 44.95 ? 32  HIS A CD2 1 
ATOM   17   C  CE1 . HIS A 1 35  ? 3.565   -20.602 2.774   1.00 63.40 ? 32  HIS A CE1 1 
ATOM   18   N  NE2 . HIS A 1 35  ? 4.760   -21.085 3.071   1.00 62.92 ? 32  HIS A NE2 1 
ATOM   19   N  N   . LEU A 1 36  ? 5.983   -14.665 0.942   1.00 32.73 ? 33  LEU A N   1 
ATOM   20   C  CA  . LEU A 1 36  ? 6.594   -13.343 0.846   1.00 26.89 ? 33  LEU A CA  1 
ATOM   21   C  C   . LEU A 1 36  ? 5.614   -12.397 0.184   1.00 26.68 ? 33  LEU A C   1 
ATOM   22   O  O   . LEU A 1 36  ? 5.052   -12.702 -0.854  1.00 30.24 ? 33  LEU A O   1 
ATOM   23   C  CB  . LEU A 1 36  ? 7.861   -13.373 -0.010  1.00 29.29 ? 33  LEU A CB  1 
ATOM   24   C  CG  . LEU A 1 36  ? 8.995   -14.320 0.403   1.00 38.38 ? 33  LEU A CG  1 
ATOM   25   C  CD1 . LEU A 1 36  ? 10.132  -14.221 -0.609  1.00 38.21 ? 33  LEU A CD1 1 
ATOM   26   C  CD2 . LEU A 1 36  ? 9.503   -13.992 1.806   1.00 36.27 ? 33  LEU A CD2 1 
ATOM   27   N  N   . ALA A 1 37  ? 5.444   -11.227 0.779   1.00 24.46 ? 34  ALA A N   1 
ATOM   28   C  CA  . ALA A 1 37  ? 4.562   -10.223 0.218   1.00 22.46 ? 34  ALA A CA  1 
ATOM   29   C  C   . ALA A 1 37  ? 5.199   -8.862  0.446   1.00 20.80 ? 34  ALA A C   1 
ATOM   30   O  O   . ALA A 1 37  ? 6.303   -8.722  0.991   1.00 21.57 ? 34  ALA A O   1 
ATOM   31   C  CB  . ALA A 1 37  ? 3.198   -10.263 0.845   1.00 24.26 ? 34  ALA A CB  1 
ATOM   32   N  N   . PHE A 1 38  ? 4.537   -7.829  -0.050  1.00 20.65 ? 35  PHE A N   1 
ATOM   33   C  CA  . PHE A 1 38  ? 5.021   -6.465  0.179   1.00 21.06 ? 35  PHE A CA  1 
ATOM   34   C  C   . PHE A 1 38  ? 3.822   -5.525  0.118   1.00 17.62 ? 35  PHE A C   1 
ATOM   35   O  O   . PHE A 1 38  ? 2.759   -5.866  -0.422  1.00 18.72 ? 35  PHE A O   1 
ATOM   36   C  CB  . PHE A 1 38  ? 6.018   -6.026  -0.899  1.00 22.17 ? 35  PHE A CB  1 
ATOM   37   C  CG  . PHE A 1 38  ? 5.396   -5.864  -2.270  1.00 22.08 ? 35  PHE A CG  1 
ATOM   38   C  CD1 . PHE A 1 38  ? 4.690   -4.715  -2.586  1.00 23.04 ? 35  PHE A CD1 1 
ATOM   39   C  CD2 . PHE A 1 38  ? 5.502   -6.890  -3.240  1.00 30.83 ? 35  PHE A CD2 1 
ATOM   40   C  CE1 . PHE A 1 38  ? 4.089   -4.545  -3.833  1.00 29.58 ? 35  PHE A CE1 1 
ATOM   41   C  CE2 . PHE A 1 38  ? 4.903   -6.722  -4.487  1.00 27.50 ? 35  PHE A CE2 1 
ATOM   42   C  CZ  . PHE A 1 38  ? 4.200   -5.551  -4.780  1.00 31.79 ? 35  PHE A CZ  1 
ATOM   43   N  N   A SER A 1 39  ? 4.034   -4.334  0.660   0.50 17.36 ? 36  SER A N   1 
ATOM   44   N  N   B SER A 1 39  ? 3.964   -4.355  0.753   0.50 17.27 ? 36  SER A N   1 
ATOM   45   C  CA  A SER A 1 39  ? 3.039   -3.291  0.587   0.50 17.31 ? 36  SER A CA  1 
ATOM   46   C  CA  B SER A 1 39  ? 2.961   -3.281  0.679   0.50 17.08 ? 36  SER A CA  1 
ATOM   47   C  C   A SER A 1 39  ? 3.757   -1.988  0.253   0.50 17.42 ? 36  SER A C   1 
ATOM   48   C  C   B SER A 1 39  ? 3.632   -1.933  0.491   0.50 16.73 ? 36  SER A C   1 
ATOM   49   O  O   A SER A 1 39  ? 4.937   -1.812  0.625   0.50 13.70 ? 36  SER A O   1 
ATOM   50   O  O   B SER A 1 39  ? 4.560   -1.608  1.228   0.50 15.36 ? 36  SER A O   1 
ATOM   51   C  CB  A SER A 1 39  ? 2.311   -3.233  1.914   0.50 20.86 ? 36  SER A CB  1 
ATOM   52   C  CB  B SER A 1 39  ? 2.133   -3.212  1.950   0.50 20.88 ? 36  SER A CB  1 
ATOM   53   O  OG  A SER A 1 39  ? 1.332   -2.234  1.927   0.50 17.66 ? 36  SER A OG  1 
ATOM   54   O  OG  B SER A 1 39  ? 1.005   -4.041  1.890   0.50 24.71 ? 36  SER A OG  1 
ATOM   55   N  N   A CYS A 1 40  ? 3.058   -1.111  -0.488  0.50 15.45 ? 37  CYS A N   1 
ATOM   56   N  N   B CYS A 1 40  ? 3.160   -1.143  -0.482  0.50 15.68 ? 37  CYS A N   1 
ATOM   57   C  CA  A CYS A 1 40  ? 3.596   0.189   -0.922  0.50 15.96 ? 37  CYS A CA  1 
ATOM   58   C  CA  B CYS A 1 40  ? 3.739   0.186   -0.723  0.50 16.07 ? 37  CYS A CA  1 
ATOM   59   C  C   A CYS A 1 40  ? 2.574   1.299   -0.673  0.50 16.59 ? 37  CYS A C   1 
ATOM   60   C  C   B CYS A 1 40  ? 2.666   1.262   -0.676  0.50 16.68 ? 37  CYS A C   1 
ATOM   61   O  O   A CYS A 1 40  ? 1.378   1.184   -1.042  0.50 16.16 ? 37  CYS A O   1 
ATOM   62   O  O   B CYS A 1 40  ? 1.543   1.079   -1.195  0.50 15.96 ? 37  CYS A O   1 
ATOM   63   C  CB  A CYS A 1 40  ? 3.965   0.146   -2.405  0.50 18.27 ? 37  CYS A CB  1 
ATOM   64   C  CB  B CYS A 1 40  ? 4.486   0.230   -2.056  0.50 14.28 ? 37  CYS A CB  1 
ATOM   65   S  SG  A CYS A 1 40  ? 4.740   1.667   -3.030  0.50 18.13 ? 37  CYS A SG  1 
ATOM   66   S  SG  B CYS A 1 40  ? 5.516   1.731   -2.302  0.50 21.65 ? 37  CYS A SG  1 
ATOM   67   N  N   . TRP A 1 41  ? 3.051   2.377   -0.060  1.00 15.33 ? 38  TRP A N   1 
ATOM   68   C  CA  . TRP A 1 41  ? 2.234   3.590   0.113   1.00 15.26 ? 38  TRP A CA  1 
ATOM   69   C  C   . TRP A 1 41  ? 2.875   4.651   -0.775  1.00 18.69 ? 38  TRP A C   1 
ATOM   70   O  O   . TRP A 1 41  ? 4.036   5.048   -0.572  1.00 18.21 ? 38  TRP A O   1 
ATOM   71   C  CB  . TRP A 1 41  ? 2.286   4.040   1.593   1.00 17.00 ? 38  TRP A CB  1 
ATOM   72   C  CG  . TRP A 1 41  ? 1.624   3.030   2.550   1.00 14.88 ? 38  TRP A CG  1 
ATOM   73   C  CD1 . TRP A 1 41  ? 1.946   1.688   2.738   1.00 17.98 ? 38  TRP A CD1 1 
ATOM   74   C  CD2 . TRP A 1 41  ? 0.488   3.284   3.380   1.00 13.18 ? 38  TRP A CD2 1 
ATOM   75   N  NE1 . TRP A 1 41  ? 1.108   1.144   3.697   1.00 19.45 ? 38  TRP A NE1 1 
ATOM   76   C  CE2 . TRP A 1 41  ? 0.227   2.099   4.121   1.00 16.65 ? 38  TRP A CE2 1 
ATOM   77   C  CE3 . TRP A 1 41  ? -0.260  4.452   3.678   1.00 14.55 ? 38  TRP A CE3 1 
ATOM   78   C  CZ2 . TRP A 1 41  ? -0.838  2.006   5.044   1.00 16.53 ? 38  TRP A CZ2 1 
ATOM   79   C  CZ3 . TRP A 1 41  ? -1.337  4.365   4.590   1.00 16.54 ? 38  TRP A CZ3 1 
ATOM   80   C  CH2 . TRP A 1 41  ? -1.599  3.130   5.275   1.00 17.31 ? 38  TRP A CH2 1 
ATOM   81   N  N   A LEU A 1 42  ? 2.161   5.052   -1.820  0.70 14.64 ? 39  LEU A N   1 
ATOM   82   N  N   B LEU A 1 42  ? 2.097   5.130   -1.734  0.30 14.91 ? 39  LEU A N   1 
ATOM   83   C  CA  A LEU A 1 42  ? 2.695   5.930   -2.851  0.70 14.91 ? 39  LEU A CA  1 
ATOM   84   C  CA  B LEU A 1 42  ? 2.617   5.999   -2.770  0.30 14.86 ? 39  LEU A CA  1 
ATOM   85   C  C   A LEU A 1 42  ? 2.224   7.371   -2.646  0.70 16.49 ? 39  LEU A C   1 
ATOM   86   C  C   B LEU A 1 42  ? 2.212   7.426   -2.512  0.30 16.64 ? 39  LEU A C   1 
ATOM   87   O  O   A LEU A 1 42  ? 1.027   7.633   -2.472  0.70 16.69 ? 39  LEU A O   1 
ATOM   88   O  O   B LEU A 1 42  ? 1.064   7.722   -2.138  0.30 14.14 ? 39  LEU A O   1 
ATOM   89   C  CB  A LEU A 1 42  ? 2.181   5.412   -4.205  0.70 16.48 ? 39  LEU A CB  1 
ATOM   90   C  CB  B LEU A 1 42  ? 2.112   5.530   -4.138  0.30 16.46 ? 39  LEU A CB  1 
ATOM   91   C  CG  A LEU A 1 42  ? 2.718   6.160   -5.424  0.70 17.69 ? 39  LEU A CG  1 
ATOM   92   C  CG  B LEU A 1 42  ? 2.793   4.243   -4.607  0.30 15.62 ? 39  LEU A CG  1 
ATOM   93   C  CD1 A LEU A 1 42  ? 4.191   5.864   -5.633  0.70 16.62 ? 39  LEU A CD1 1 
ATOM   94   C  CD1 B LEU A 1 42  ? 2.082   3.693   -5.832  0.30 31.45 ? 39  LEU A CD1 1 
ATOM   95   C  CD2 A LEU A 1 42  ? 1.927   5.744   -6.681  0.70 18.04 ? 39  LEU A CD2 1 
ATOM   96   C  CD2 B LEU A 1 42  ? 4.286   4.457   -4.915  0.30 12.56 ? 39  LEU A CD2 1 
ATOM   97   N  N   . PHE A 1 43  ? 3.167   8.331   -2.701  1.00 17.39 ? 40  PHE A N   1 
ATOM   98   C  CA  . PHE A 1 43  ? 2.860   9.729   -2.481  1.00 16.41 ? 40  PHE A CA  1 
ATOM   99   C  C   . PHE A 1 43  ? 3.183   10.552  -3.709  1.00 16.87 ? 40  PHE A C   1 
ATOM   100  O  O   . PHE A 1 43  ? 4.060   10.176  -4.479  1.00 19.73 ? 40  PHE A O   1 
ATOM   101  C  CB  . PHE A 1 43  ? 3.692   10.289  -1.317  1.00 16.77 ? 40  PHE A CB  1 
ATOM   102  C  CG  . PHE A 1 43  ? 3.371   9.676   0.029   1.00 15.63 ? 40  PHE A CG  1 
ATOM   103  C  CD1 . PHE A 1 43  ? 3.873   8.401   0.361   1.00 16.82 ? 40  PHE A CD1 1 
ATOM   104  C  CD2 . PHE A 1 43  ? 2.547   10.370  0.947   1.00 18.27 ? 40  PHE A CD2 1 
ATOM   105  C  CE1 . PHE A 1 43  ? 3.568   7.860   1.627   1.00 17.89 ? 40  PHE A CE1 1 
ATOM   106  C  CE2 . PHE A 1 43  ? 2.244   9.820   2.203   1.00 19.42 ? 40  PHE A CE2 1 
ATOM   107  C  CZ  . PHE A 1 43  ? 2.763   8.550   2.518   1.00 17.35 ? 40  PHE A CZ  1 
ATOM   108  N  N   . ASN A 1 44  ? 2.461   11.664  -3.870  1.00 18.86 ? 41  ASN A N   1 
ATOM   109  C  CA  . ASN A 1 44  ? 2.774   12.574  -4.983  1.00 18.72 ? 41  ASN A CA  1 
ATOM   110  C  C   . ASN A 1 44  ? 3.672   13.748  -4.509  1.00 22.23 ? 41  ASN A C   1 
ATOM   111  O  O   . ASN A 1 44  ? 4.049   13.844  -3.327  1.00 23.62 ? 41  ASN A O   1 
ATOM   112  C  CB  . ASN A 1 44  ? 1.495   12.997  -5.756  1.00 21.01 ? 41  ASN A CB  1 
ATOM   113  C  CG  . ASN A 1 44  ? 0.540   13.904  -4.941  1.00 22.87 ? 41  ASN A CG  1 
ATOM   114  O  OD1 . ASN A 1 44  ? -0.636  14.100  -5.341  1.00 28.19 ? 41  ASN A OD1 1 
ATOM   115  N  ND2 . ASN A 1 44  ? 1.005   14.436  -3.817  1.00 18.14 ? 41  ASN A ND2 1 
ATOM   116  N  N   A GLU A 1 45  ? 4.011   14.647  -5.427  0.50 27.32 ? 42  GLU A N   1 
ATOM   117  N  N   B GLU A 1 45  ? 3.992   14.645  -5.438  0.50 27.28 ? 42  GLU A N   1 
ATOM   118  C  CA  A GLU A 1 45  ? 4.921   15.744  -5.062  0.50 29.33 ? 42  GLU A CA  1 
ATOM   119  C  CA  B GLU A 1 45  ? 4.889   15.764  -5.118  0.50 29.40 ? 42  GLU A CA  1 
ATOM   120  C  C   A GLU A 1 45  ? 4.298   16.752  -4.085  0.50 30.85 ? 42  GLU A C   1 
ATOM   121  C  C   B GLU A 1 45  ? 4.295   16.755  -4.110  0.50 30.80 ? 42  GLU A C   1 
ATOM   122  O  O   A GLU A 1 45  ? 5.027   17.471  -3.398  0.50 36.23 ? 42  GLU A O   1 
ATOM   123  O  O   B GLU A 1 45  ? 5.039   17.458  -3.425  0.50 36.20 ? 42  GLU A O   1 
ATOM   124  C  CB  A GLU A 1 45  ? 5.500   16.431  -6.306  0.50 38.43 ? 42  GLU A CB  1 
ATOM   125  C  CB  B GLU A 1 45  ? 5.385   16.463  -6.392  0.50 38.22 ? 42  GLU A CB  1 
ATOM   126  C  CG  A GLU A 1 45  ? 6.735   17.300  -6.027  0.50 59.07 ? 42  GLU A CG  1 
ATOM   127  C  CG  B GLU A 1 45  ? 4.304   17.082  -7.257  0.50 53.62 ? 42  GLU A CG  1 
ATOM   128  C  CD  A GLU A 1 45  ? 8.034   16.502  -5.907  0.50 77.68 ? 42  GLU A CD  1 
ATOM   129  C  CD  B GLU A 1 45  ? 4.869   17.743  -8.504  0.50 78.65 ? 42  GLU A CD  1 
ATOM   130  O  OE1 A GLU A 1 45  ? 9.014   16.864  -6.597  0.50 77.69 ? 42  GLU A OE1 1 
ATOM   131  O  OE1 B GLU A 1 45  ? 5.786   17.162  -9.123  0.50 74.22 ? 42  GLU A OE1 1 
ATOM   132  O  OE2 A GLU A 1 45  ? 8.083   15.523  -5.132  0.50 65.10 ? 42  GLU A OE2 1 
ATOM   133  O  OE2 B GLU A 1 45  ? 4.393   18.841  -8.864  0.50 73.81 ? 42  GLU A OE2 1 
ATOM   134  N  N   . ASP A 1 46  ? 2.965   16.790  -4.005  1.00 24.84 ? 43  ASP A N   1 
ATOM   135  C  CA  . ASP A 1 46  ? 2.244   17.609  -3.046  1.00 26.64 ? 43  ASP A CA  1 
ATOM   136  C  C   . ASP A 1 46  ? 2.105   16.960  -1.677  1.00 26.42 ? 43  ASP A C   1 
ATOM   137  O  O   . ASP A 1 46  ? 1.476   17.514  -0.761  1.00 30.62 ? 43  ASP A O   1 
ATOM   138  C  CB  . ASP A 1 46  ? 0.841   17.900  -3.561  1.00 37.50 ? 43  ASP A CB  1 
ATOM   139  C  CG  . ASP A 1 46  ? 0.813   18.945  -4.648  1.00 56.58 ? 43  ASP A CG  1 
ATOM   140  O  OD1 . ASP A 1 46  ? 1.871   19.533  -4.959  1.00 50.70 ? 43  ASP A OD1 1 
ATOM   141  O  OD2 . ASP A 1 46  ? -0.285  19.174  -5.188  1.00 74.54 ? 43  ASP A OD2 1 
ATOM   142  N  N   . GLY A 1 47  ? 2.658   15.754  -1.558  1.00 22.81 ? 44  GLY A N   1 
ATOM   143  C  CA  . GLY A 1 47  ? 2.667   15.038  -0.287  1.00 25.06 ? 44  GLY A CA  1 
ATOM   144  C  C   . GLY A 1 47  ? 1.390   14.284  0.006   1.00 21.88 ? 44  GLY A C   1 
ATOM   145  O  O   . GLY A 1 47  ? 1.203   13.818  1.128   1.00 22.22 ? 44  GLY A O   1 
ATOM   146  N  N   . GLN A 1 48  ? 0.515   14.163  -0.996  1.00 18.84 ? 45  GLN A N   1 
ATOM   147  C  CA  . GLN A 1 48  ? -0.712  13.387  -0.807  1.00 19.78 ? 45  GLN A CA  1 
ATOM   148  C  C   . GLN A 1 48  ? -0.424  11.875  -1.030  1.00 16.80 ? 45  GLN A C   1 
ATOM   149  O  O   . GLN A 1 48  ? 0.481   11.499  -1.774  1.00 18.26 ? 45  GLN A O   1 
ATOM   150  C  CB  . GLN A 1 48  ? -1.778  13.849  -1.794  1.00 20.33 ? 45  GLN A CB  1 
ATOM   151  C  CG  . GLN A 1 48  ? -2.298  15.255  -1.500  1.00 22.44 ? 45  GLN A CG  1 
ATOM   152  C  CD  . GLN A 1 48  ? -3.123  15.767  -2.670  1.00 29.29 ? 45  GLN A CD  1 
ATOM   153  O  OE1 . GLN A 1 48  ? -2.748  15.610  -3.854  1.00 27.61 ? 45  GLN A OE1 1 
ATOM   154  N  NE2 . GLN A 1 48  ? -4.274  16.346  -2.351  1.00 40.83 ? 45  GLN A NE2 1 
ATOM   155  N  N   . LEU A 1 49  ? -1.196  11.037  -0.333  1.00 17.39 ? 46  LEU A N   1 
ATOM   156  C  CA  . LEU A 1 49  ? -1.147  9.569   -0.435  1.00 16.60 ? 46  LEU A CA  1 
ATOM   157  C  C   . LEU A 1 49  ? -2.175  9.046   -1.453  1.00 16.01 ? 46  LEU A C   1 
ATOM   158  O  O   . LEU A 1 49  ? -3.326  9.501   -1.420  1.00 18.70 ? 46  LEU A O   1 
ATOM   159  C  CB  . LEU A 1 49  ? -1.515  8.997   0.933   1.00 18.86 ? 46  LEU A CB  1 
ATOM   160  C  CG  . LEU A 1 49  ? -1.734  7.489   1.009   1.00 17.46 ? 46  LEU A CG  1 
ATOM   161  C  CD1 . LEU A 1 49  ? -0.378  6.713   0.721   1.00 21.31 ? 46  LEU A CD1 1 
ATOM   162  C  CD2 . LEU A 1 49  ? -2.317  7.068   2.376   1.00 21.26 ? 46  LEU A CD2 1 
ATOM   163  N  N   . LEU A 1 50  ? -1.774  8.076   -2.264  1.00 15.85 ? 47  LEU A N   1 
ATOM   164  C  CA  . LEU A 1 50  ? -2.705  7.436   -3.223  1.00 15.34 ? 47  LEU A CA  1 
ATOM   165  C  C   . LEU A 1 50  ? -3.413  6.294   -2.536  1.00 16.47 ? 47  LEU A C   1 
ATOM   166  O  O   . LEU A 1 50  ? -2.770  5.273   -2.167  1.00 19.24 ? 47  LEU A O   1 
ATOM   167  C  CB  . LEU A 1 50  ? -1.981  6.932   -4.449  1.00 17.44 ? 47  LEU A CB  1 
ATOM   168  C  CG  . LEU A 1 50  ? -2.957  6.367   -5.479  1.00 18.59 ? 47  LEU A CG  1 
ATOM   169  C  CD1 . LEU A 1 50  ? -3.847  7.517   -6.022  1.00 19.32 ? 47  LEU A CD1 1 
ATOM   170  C  CD2 . LEU A 1 50  ? -2.158  5.721   -6.587  1.00 20.02 ? 47  LEU A CD2 1 
ATOM   171  N  N   . VAL A 1 51  ? -4.716  6.486   -2.264  1.00 15.12 ? 48  VAL A N   1 
ATOM   172  C  CA  . VAL A 1 51  ? -5.528  5.412   -1.710  1.00 15.15 ? 48  VAL A CA  1 
ATOM   173  C  C   . VAL A 1 51  ? -6.268  4.797   -2.911  1.00 14.72 ? 48  VAL A C   1 
ATOM   174  O  O   . VAL A 1 51  ? -6.798  5.520   -3.759  1.00 16.49 ? 48  VAL A O   1 
ATOM   175  C  CB  . VAL A 1 51  ? -6.555  5.925   -0.686  1.00 15.13 ? 48  VAL A CB  1 
ATOM   176  C  CG1 . VAL A 1 51  ? -7.274  4.771   -0.026  1.00 18.64 ? 48  VAL A CG1 1 
ATOM   177  C  CG2 . VAL A 1 51  ? -5.798  6.723   0.449   1.00 17.14 ? 48  VAL A CG2 1 
ATOM   178  N  N   . THR A 1 52  ? -6.212  3.491   -3.008  1.00 13.16 ? 49  THR A N   1 
ATOM   179  C  CA  . THR A 1 52  ? -6.813  2.808   -4.162  1.00 12.64 ? 49  THR A CA  1 
ATOM   180  C  C   . THR A 1 52  ? -8.002  1.936   -3.739  1.00 16.58 ? 49  THR A C   1 
ATOM   181  O  O   . THR A 1 52  ? -8.060  1.448   -2.588  1.00 16.27 ? 49  THR A O   1 
ATOM   182  C  CB  . THR A 1 52  ? -5.819  1.982   -4.947  1.00 15.13 ? 49  THR A CB  1 
ATOM   183  O  OG1 . THR A 1 52  ? -5.283  0.938   -4.074  1.00 16.90 ? 49  THR A OG1 1 
ATOM   184  C  CG2 . THR A 1 52  ? -4.670  2.825   -5.494  1.00 16.66 ? 49  THR A CG2 1 
ATOM   185  N  N   . ARG A 1 53  ? -8.906  1.668   -4.691  1.00 15.89 ? 50  ARG A N   1 
ATOM   186  C  CA  . ARG A 1 53  ? -10.028 0.761   -4.445  1.00 15.05 ? 50  ARG A CA  1 
ATOM   187  C  C   . ARG A 1 53  ? -9.847  -0.442  -5.352  1.00 15.29 ? 50  ARG A C   1 
ATOM   188  O  O   . ARG A 1 53  ? -9.793  -0.278  -6.580  1.00 15.98 ? 50  ARG A O   1 
ATOM   189  C  CB  . ARG A 1 53  ? -11.361 1.462   -4.755  1.00 14.52 ? 50  ARG A CB  1 
ATOM   190  C  CG  . ARG A 1 53  ? -12.530 0.650   -4.192  1.00 17.33 ? 50  ARG A CG  1 
ATOM   191  C  CD  . ARG A 1 53  ? -13.905 1.283   -4.476  1.00 16.13 ? 50  ARG A CD  1 
ATOM   192  N  NE  . ARG A 1 53  ? -14.876 0.365   -3.918  1.00 16.93 ? 50  ARG A NE  1 
ATOM   193  C  CZ  . ARG A 1 53  ? -16.092 0.146   -4.448  1.00 18.51 ? 50  ARG A CZ  1 
ATOM   194  N  NH1 . ARG A 1 53  ? -16.514 0.931   -5.432  1.00 18.55 ? 50  ARG A NH1 1 
ATOM   195  N  NH2 . ARG A 1 53  ? -16.845 -0.843  -3.965  1.00 18.86 ? 50  ARG A NH2 1 
ATOM   196  N  N   . ARG A 1 54  ? -9.661  -1.616  -4.753  1.00 15.72 ? 51  ARG A N   1 
ATOM   197  C  CA  . ARG A 1 54  ? -9.448  -2.833  -5.549  1.00 15.44 ? 51  ARG A CA  1 
ATOM   198  C  C   . ARG A 1 54  ? -10.611 -3.097  -6.507  1.00 15.91 ? 51  ARG A C   1 
ATOM   199  O  O   . ARG A 1 54  ? -11.758 -2.889  -6.144  1.00 17.62 ? 51  ARG A O   1 
ATOM   200  C  CB  . ARG A 1 54  ? -9.218  -4.048  -4.632  1.00 15.80 ? 51  ARG A CB  1 
ATOM   201  C  CG  . ARG A 1 54  ? -7.948  -3.842  -3.765  1.00 17.75 ? 51  ARG A CG  1 
ATOM   202  C  CD  . ARG A 1 54  ? -7.737  -4.935  -2.710  1.00 17.26 ? 51  ARG A CD  1 
ATOM   203  N  NE  . ARG A 1 54  ? -7.629  -6.291  -3.247  1.00 18.34 ? 51  ARG A NE  1 
ATOM   204  C  CZ  . ARG A 1 54  ? -6.477  -6.833  -3.659  1.00 20.15 ? 51  ARG A CZ  1 
ATOM   205  N  NH1 . ARG A 1 54  ? -5.359  -6.099  -3.695  1.00 19.05 ? 51  ARG A NH1 1 
ATOM   206  N  NH2 . ARG A 1 54  ? -6.456  -8.117  -4.093  1.00 20.89 ? 51  ARG A NH2 1 
ATOM   207  N  N   A SER A 1 55  ? -10.321 -3.504  -7.748  0.50 16.87 ? 52  SER A N   1 
ATOM   208  N  N   B SER A 1 55  ? -10.290 -3.571  -7.715  0.50 16.88 ? 52  SER A N   1 
ATOM   209  C  CA  A SER A 1 55  ? -11.419 -3.772  -8.683  0.50 15.79 ? 52  SER A CA  1 
ATOM   210  C  CA  B SER A 1 55  ? -11.320 -3.909  -8.694  0.50 16.86 ? 52  SER A CA  1 
ATOM   211  C  C   A SER A 1 55  ? -12.343 -4.885  -8.161  0.50 17.95 ? 52  SER A C   1 
ATOM   212  C  C   B SER A 1 55  ? -12.307 -4.987  -8.208  0.50 17.96 ? 52  SER A C   1 
ATOM   213  O  O   A SER A 1 55  ? -12.001 -5.681  -7.275  0.50 18.82 ? 52  SER A O   1 
ATOM   214  O  O   B SER A 1 55  ? -11.972 -5.847  -7.367  0.50 17.81 ? 52  SER A O   1 
ATOM   215  C  CB  A SER A 1 55  ? -10.867 -4.196  -10.053 0.50 17.97 ? 52  SER A CB  1 
ATOM   216  C  CB  B SER A 1 55  ? -10.641 -4.366  -10.001 0.50 17.49 ? 52  SER A CB  1 
ATOM   217  O  OG  A SER A 1 55  ? -10.360 -5.510  -9.954  0.50 15.75 ? 52  SER A OG  1 
ATOM   218  O  OG  B SER A 1 55  ? -11.589 -4.773  -10.950 0.50 26.03 ? 52  SER A OG  1 
ATOM   219  N  N   . LEU A 1 56  ? -13.526 -4.952  -8.771  1.00 19.75 ? 53  LEU A N   1 
ATOM   220  C  CA  . LEU A 1 56  ? -14.504 -5.986  -8.428  1.00 22.76 ? 53  LEU A CA  1 
ATOM   221  C  C   . LEU A 1 56  ? -14.087 -7.369  -8.944  1.00 26.83 ? 53  LEU A C   1 
ATOM   222  O  O   . LEU A 1 56  ? -14.591 -8.381  -8.481  1.00 29.82 ? 53  LEU A O   1 
ATOM   223  C  CB  . LEU A 1 56  ? -15.868 -5.636  -9.034  1.00 22.60 ? 53  LEU A CB  1 
ATOM   224  C  CG  . LEU A 1 56  ? -16.486 -4.332  -8.548  1.00 26.20 ? 53  LEU A CG  1 
ATOM   225  C  CD1 . LEU A 1 56  ? -17.783 -4.061  -9.361  1.00 27.63 ? 53  LEU A CD1 1 
ATOM   226  C  CD2 . LEU A 1 56  ? -16.771 -4.330  -6.984  1.00 26.14 ? 53  LEU A CD2 1 
ATOM   227  N  N   . SER A 1 57  ? -13.155 -7.398  -9.880  1.00 23.20 ? 54  SER A N   1 
ATOM   228  C  CA  . SER A 1 57  ? -12.667 -8.684  -10.387 1.00 32.85 ? 54  SER A CA  1 
ATOM   229  C  C   . SER A 1 57  ? -11.461 -9.295  -9.644  1.00 34.57 ? 54  SER A C   1 
ATOM   230  O  O   . SER A 1 57  ? -10.998 -10.400 -9.979  1.00 30.17 ? 54  SER A O   1 
ATOM   231  C  CB  . SER A 1 57  ? -12.411 -8.546  -11.883 1.00 32.21 ? 54  SER A CB  1 
ATOM   232  O  OG  . SER A 1 57  ? -11.356 -7.633  -12.117 1.00 33.46 ? 54  SER A OG  1 
ATOM   233  N  N   . LYS A 1 58  ? -10.939 -8.625  -8.611  1.00 22.87 ? 55  LYS A N   1 
ATOM   234  C  CA  . LYS A 1 58  ? -9.914  -9.252  -7.818  1.00 20.90 ? 55  LYS A CA  1 
ATOM   235  C  C   . LYS A 1 58  ? -10.471 -10.459 -7.096  1.00 24.34 ? 55  LYS A C   1 
ATOM   236  O  O   . LYS A 1 58  ? -11.597 -10.416 -6.563  1.00 25.06 ? 55  LYS A O   1 
ATOM   237  C  CB  . LYS A 1 58  ? -9.340  -8.285  -6.754  1.00 20.47 ? 55  LYS A CB  1 
ATOM   238  C  CG  . LYS A 1 58  ? -8.685  -7.012  -7.338  1.00 20.02 ? 55  LYS A CG  1 
ATOM   239  C  CD  . LYS A 1 58  ? -7.574  -7.327  -8.399  1.00 19.98 ? 55  LYS A CD  1 
ATOM   240  C  CE  . LYS A 1 58  ? -6.499  -8.228  -7.879  1.00 24.02 ? 55  LYS A CE  1 
ATOM   241  N  NZ  . LYS A 1 58  ? -5.532  -8.521  -9.008  1.00 27.28 ? 55  LYS A NZ  1 
ATOM   242  N  N   . LYS A 1 59  ? -9.700  -11.556 -7.089  1.00 25.41 ? 56  LYS A N   1 
ATOM   243  C  CA  . LYS A 1 59  ? -10.157 -12.716 -6.323  1.00 27.11 ? 56  LYS A CA  1 
ATOM   244  C  C   . LYS A 1 59  ? -10.207 -12.402 -4.837  1.00 28.92 ? 56  LYS A C   1 
ATOM   245  O  O   . LYS A 1 59  ? -11.130 -12.828 -4.147  1.00 30.38 ? 56  LYS A O   1 
ATOM   246  C  CB  . LYS A 1 59  ? -9.276  -13.958 -6.559  1.00 30.77 ? 56  LYS A CB  1 
ATOM   247  C  CG  . LYS A 1 59  ? -9.127  -14.337 -8.028  1.00 54.13 ? 56  LYS A CG  1 
ATOM   248  C  CD  . LYS A 1 59  ? -8.347  -15.644 -8.182  1.00 65.94 ? 56  LYS A CD  1 
ATOM   249  C  CE  . LYS A 1 59  ? -8.590  -16.272 -9.556  1.00 71.51 ? 56  LYS A CE  1 
ATOM   250  N  NZ  . LYS A 1 59  ? -7.973  -17.630 -9.681  1.00 73.06 ? 56  LYS A NZ  1 
ATOM   251  N  N   . ALA A 1 60  ? -9.243  -11.626 -4.340  1.00 23.77 ? 57  ALA A N   1 
ATOM   252  C  CA  . ALA A 1 60  ? -9.140  -11.381 -2.917  1.00 21.83 ? 57  ALA A CA  1 
ATOM   253  C  C   . ALA A 1 60  ? -9.508  -9.908  -2.644  1.00 24.12 ? 57  ALA A C   1 
ATOM   254  O  O   . ALA A 1 60  ? -9.077  -9.022  -3.374  1.00 22.44 ? 57  ALA A O   1 
ATOM   255  C  CB  . ALA A 1 60  ? -7.768  -11.670 -2.466  1.00 26.87 ? 57  ALA A CB  1 
ATOM   256  N  N   . TRP A 1 61  ? -10.372 -9.688  -1.657  1.00 22.33 ? 58  TRP A N   1 
ATOM   257  C  CA  . TRP A 1 61  ? -10.770 -8.333  -1.228  1.00 19.96 ? 58  TRP A CA  1 
ATOM   258  C  C   . TRP A 1 61  ? -11.201 -7.426  -2.383  1.00 20.05 ? 58  TRP A C   1 
ATOM   259  O  O   . TRP A 1 61  ? -10.759 -6.269  -2.498  1.00 19.13 ? 58  TRP A O   1 
ATOM   260  C  CB  . TRP A 1 61  ? -9.635  -7.679  -0.393  1.00 20.01 ? 58  TRP A CB  1 
ATOM   261  C  CG  . TRP A 1 61  ? -9.227  -8.526  0.770   1.00 24.05 ? 58  TRP A CG  1 
ATOM   262  C  CD1 . TRP A 1 61  ? -8.192  -9.449  0.796   1.00 31.31 ? 58  TRP A CD1 1 
ATOM   263  C  CD2 . TRP A 1 61  ? -9.834  -8.563  2.060   1.00 34.76 ? 58  TRP A CD2 1 
ATOM   264  N  NE1 . TRP A 1 61  ? -8.135  -10.029 2.040   1.00 34.16 ? 58  TRP A NE1 1 
ATOM   265  C  CE2 . TRP A 1 61  ? -9.130  -9.512  2.828   1.00 29.01 ? 58  TRP A CE2 1 
ATOM   266  C  CE3 . TRP A 1 61  ? -10.909 -7.896  2.640   1.00 36.50 ? 58  TRP A CE3 1 
ATOM   267  C  CZ2 . TRP A 1 61  ? -9.472  -9.803  4.136   1.00 38.13 ? 58  TRP A CZ2 1 
ATOM   268  C  CZ3 . TRP A 1 61  ? -11.244 -8.189  3.946   1.00 46.69 ? 58  TRP A CZ3 1 
ATOM   269  C  CH2 . TRP A 1 61  ? -10.529 -9.134  4.676   1.00 41.64 ? 58  TRP A CH2 1 
ATOM   270  N  N   . PRO A 1 62  ? -12.085 -7.910  -3.272  1.00 17.75 ? 59  PRO A N   1 
ATOM   271  C  CA  . PRO A 1 62  ? -12.546 -7.034  -4.321  1.00 15.80 ? 59  PRO A CA  1 
ATOM   272  C  C   . PRO A 1 62  ? -13.295 -5.815  -3.762  1.00 17.85 ? 59  PRO A C   1 
ATOM   273  O  O   . PRO A 1 62  ? -14.059 -5.966  -2.777  1.00 19.07 ? 59  PRO A O   1 
ATOM   274  C  CB  . PRO A 1 62  ? -13.544 -7.929  -5.108  1.00 18.34 ? 59  PRO A CB  1 
ATOM   275  C  CG  . PRO A 1 62  ? -13.950 -8.974  -4.082  1.00 17.67 ? 59  PRO A CG  1 
ATOM   276  C  CD  . PRO A 1 62  ? -12.732 -9.247  -3.311  1.00 19.13 ? 59  PRO A CD  1 
ATOM   277  N  N   . GLY A 1 63  ? -13.160 -4.652  -4.406  1.00 17.76 ? 60  GLY A N   1 
ATOM   278  C  CA  . GLY A 1 63  ? -13.988 -3.499  -4.064  1.00 17.49 ? 60  GLY A CA  1 
ATOM   279  C  C   . GLY A 1 63  ? -13.640 -2.789  -2.766  1.00 16.48 ? 60  GLY A C   1 
ATOM   280  O  O   . GLY A 1 63  ? -14.429 -1.983  -2.278  1.00 17.33 ? 60  GLY A O   1 
ATOM   281  N  N   . VAL A 1 64  ? -12.481 -3.090  -2.177  1.00 16.18 ? 61  VAL A N   1 
ATOM   282  C  CA  . VAL A 1 64  ? -12.085 -2.544  -0.885  1.00 15.65 ? 61  VAL A CA  1 
ATOM   283  C  C   . VAL A 1 64  ? -11.057 -1.420  -1.063  1.00 16.54 ? 61  VAL A C   1 
ATOM   284  O  O   . VAL A 1 64  ? -10.142 -1.527  -1.891  1.00 16.68 ? 61  VAL A O   1 
ATOM   285  C  CB  . VAL A 1 64  ? -11.445 -3.712  -0.045  1.00 19.95 ? 61  VAL A CB  1 
ATOM   286  C  CG1 . VAL A 1 64  ? -10.776 -3.254  1.195   1.00 22.37 ? 61  VAL A CG1 1 
ATOM   287  C  CG2 . VAL A 1 64  ? -12.565 -4.703  0.280   1.00 20.69 ? 61  VAL A CG2 1 
ATOM   288  N  N   . TRP A 1 65  ? -11.213 -0.371  -0.272  1.00 15.51 ? 62  TRP A N   1 
ATOM   289  C  CA  . TRP A 1 65  ? -10.273 0.741   -0.261  1.00 13.97 ? 62  TRP A CA  1 
ATOM   290  C  C   . TRP A 1 65  ? -9.039  0.330   0.564   1.00 16.89 ? 62  TRP A C   1 
ATOM   291  O  O   . TRP A 1 65  ? -9.163  -0.288  1.648   1.00 17.72 ? 62  TRP A O   1 
ATOM   292  C  CB  . TRP A 1 65  ? -10.920 1.964   0.423   1.00 16.73 ? 62  TRP A CB  1 
ATOM   293  C  CG  . TRP A 1 65  ? -11.911 2.615   -0.503  1.00 15.15 ? 62  TRP A CG  1 
ATOM   294  C  CD1 . TRP A 1 65  ? -13.278 2.464   -0.488  1.00 16.74 ? 62  TRP A CD1 1 
ATOM   295  C  CD2 . TRP A 1 65  ? -11.605 3.509   -1.583  1.00 17.03 ? 62  TRP A CD2 1 
ATOM   296  N  NE1 . TRP A 1 65  ? -13.848 3.254   -1.486  1.00 16.65 ? 62  TRP A NE1 1 
ATOM   297  C  CE2 . TRP A 1 65  ? -12.834 3.908   -2.159  1.00 16.33 ? 62  TRP A CE2 1 
ATOM   298  C  CE3 . TRP A 1 65  ? -10.392 4.065   -2.085  1.00 16.00 ? 62  TRP A CE3 1 
ATOM   299  C  CZ2 . TRP A 1 65  ? -12.894 4.805   -3.242  1.00 16.78 ? 62  TRP A CZ2 1 
ATOM   300  C  CZ3 . TRP A 1 65  ? -10.441 4.947   -3.159  1.00 16.05 ? 62  TRP A CZ3 1 
ATOM   301  C  CH2 . TRP A 1 65  ? -11.690 5.293   -3.745  1.00 17.55 ? 62  TRP A CH2 1 
ATOM   302  N  N   . THR A 1 66  ? -7.871  0.659   0.040   1.00 14.79 ? 63  THR A N   1 
ATOM   303  C  CA  . THR A 1 66  ? -6.614  0.157   0.630   1.00 16.14 ? 63  THR A CA  1 
ATOM   304  C  C   . THR A 1 66  ? -5.401  1.035   0.286   1.00 14.73 ? 63  THR A C   1 
ATOM   305  O  O   . THR A 1 66  ? -5.521  2.035   -0.426  1.00 16.29 ? 63  THR A O   1 
ATOM   306  C  CB  . THR A 1 66  ? -6.446  -1.292  0.079   1.00 16.17 ? 63  THR A CB  1 
ATOM   307  O  OG1 . THR A 1 66  ? -5.341  -1.952  0.720   1.00 16.99 ? 63  THR A OG1 1 
ATOM   308  C  CG2 . THR A 1 66  ? -6.218  -1.302  -1.476  1.00 16.75 ? 63  THR A CG2 1 
ATOM   309  N  N   . ASN A 1 67  ? -4.220  0.720   0.846   1.00 16.21 ? 64  ASN A N   1 
ATOM   310  C  CA  . ASN A 1 67  ? -3.042  1.519   0.504   1.00 17.76 ? 64  ASN A CA  1 
ATOM   311  C  C   . ASN A 1 67  ? -2.662  1.222   -0.954  1.00 16.82 ? 64  ASN A C   1 
ATOM   312  O  O   . ASN A 1 67  ? -3.205  0.306   -1.590  1.00 18.24 ? 64  ASN A O   1 
ATOM   313  C  CB  . ASN A 1 67  ? -1.899  1.148   1.467   1.00 17.58 ? 64  ASN A CB  1 
ATOM   314  C  CG  . ASN A 1 67  ? -1.506  -0.291  1.345   1.00 21.55 ? 64  ASN A CG  1 
ATOM   315  O  OD1 . ASN A 1 67  ? -2.187  -1.193  1.854   1.00 23.35 ? 64  ASN A OD1 1 
ATOM   316  N  ND2 . ASN A 1 67  ? -0.424  -0.552  0.607   1.00 20.37 ? 64  ASN A ND2 1 
ATOM   317  N  N   . SER A 1 68  ? -1.736  1.988   -1.490  1.00 15.69 ? 65  SER A N   1 
ATOM   318  C  CA  . SER A 1 68  ? -1.600  2.103   -2.930  1.00 15.42 ? 65  SER A CA  1 
ATOM   319  C  C   . SER A 1 68  ? -1.450  0.783   -3.667  1.00 16.89 ? 65  SER A C   1 
ATOM   320  O  O   . SER A 1 68  ? -2.157  0.564   -4.663  1.00 19.80 ? 65  SER A O   1 
ATOM   321  C  CB  . SER A 1 68  ? -0.393  3.019   -3.206  1.00 15.92 ? 65  SER A CB  1 
ATOM   322  O  OG  . SER A 1 68  ? -0.452  4.137   -2.359  1.00 15.25 ? 65  SER A OG  1 
ATOM   323  N  N   . VAL A 1 69  ? -0.533  -0.103  -3.228  1.00 14.18 ? 66  VAL A N   1 
ATOM   324  C  CA  . VAL A 1 69  ? -0.272  -1.340  -3.940  1.00 16.31 ? 66  VAL A CA  1 
ATOM   325  C  C   . VAL A 1 69  ? 0.167   -2.388  -2.904  1.00 17.98 ? 66  VAL A C   1 
ATOM   326  O  O   . VAL A 1 69  ? 0.835   -2.045  -1.899  1.00 17.72 ? 66  VAL A O   1 
ATOM   327  C  CB  . VAL A 1 69  ? 0.878   -1.150  -4.993  1.00 19.27 ? 66  VAL A CB  1 
ATOM   328  C  CG1 . VAL A 1 69  ? 1.251   -2.492  -5.635  1.00 24.49 ? 66  VAL A CG1 1 
ATOM   329  C  CG2 . VAL A 1 69  ? 0.458   -0.207  -6.105  1.00 22.65 ? 66  VAL A CG2 1 
ATOM   330  N  N   A CYS A 1 70  ? -0.245  -3.631  -3.119  0.70 16.23 ? 67  CYS A N   1 
ATOM   331  N  N   B CYS A 1 70  ? -0.191  -3.658  -3.118  0.30 16.33 ? 67  CYS A N   1 
ATOM   332  C  CA  A CYS A 1 70  ? 0.343   -4.728  -2.375  0.70 17.33 ? 67  CYS A CA  1 
ATOM   333  C  CA  B CYS A 1 70  ? 0.224   -4.760  -2.223  0.30 16.32 ? 67  CYS A CA  1 
ATOM   334  C  C   A CYS A 1 70  ? 0.597   -5.860  -3.366  0.70 19.05 ? 67  CYS A C   1 
ATOM   335  C  C   B CYS A 1 70  ? 0.297   -6.070  -3.053  0.30 19.57 ? 67  CYS A C   1 
ATOM   336  O  O   A CYS A 1 70  ? 0.075   -5.864  -4.495  0.70 18.06 ? 67  CYS A O   1 
ATOM   337  O  O   B CYS A 1 70  ? -0.643  -6.386  -3.782  0.30 20.81 ? 67  CYS A O   1 
ATOM   338  C  CB  A CYS A 1 70  ? -0.538  -5.188  -1.216  0.70 21.76 ? 67  CYS A CB  1 
ATOM   339  C  CB  B CYS A 1 70  ? -0.734  -4.878  -1.017  0.30 20.06 ? 67  CYS A CB  1 
ATOM   340  S  SG  A CYS A 1 70  ? -2.188  -5.724  -1.658  0.70 21.63 ? 67  CYS A SG  1 
ATOM   341  S  SG  B CYS A 1 70  ? -0.319  -6.145  0.235   0.30 37.15 ? 67  CYS A SG  1 
ATOM   342  N  N   . GLY A 1 71  ? 1.401   -6.818  -2.961  1.00 19.56 ? 68  GLY A N   1 
ATOM   343  C  CA  . GLY A 1 71  ? 1.652   -7.921  -3.891  1.00 19.15 ? 68  GLY A CA  1 
ATOM   344  C  C   . GLY A 1 71  ? 2.670   -8.906  -3.348  1.00 18.67 ? 68  GLY A C   1 
ATOM   345  O  O   . GLY A 1 71  ? 2.963   -8.952  -2.152  1.00 21.80 ? 68  GLY A O   1 
ATOM   346  N  N   . HIS A 1 72  ? 3.197   -9.693  -4.289  1.00 21.24 ? 69  HIS A N   1 
ATOM   347  C  CA  . HIS A 1 72  ? 4.152   -10.759 -4.002  1.00 22.70 ? 69  HIS A CA  1 
ATOM   348  C  C   . HIS A 1 72  ? 5.214   -10.747 -5.083  1.00 21.94 ? 69  HIS A C   1 
ATOM   349  O  O   . HIS A 1 72  ? 4.895   -10.563 -6.284  1.00 23.69 ? 69  HIS A O   1 
ATOM   350  C  CB  . HIS A 1 72  ? 3.442   -12.130 -4.000  1.00 22.54 ? 69  HIS A CB  1 
ATOM   351  C  CG  . HIS A 1 72  ? 2.240   -12.173 -3.109  1.00 28.02 ? 69  HIS A CG  1 
ATOM   352  N  ND1 . HIS A 1 72  ? 2.305   -12.547 -1.780  1.00 29.58 ? 69  HIS A ND1 1 
ATOM   353  C  CD2 . HIS A 1 72  ? 0.943   -11.868 -3.351  1.00 28.28 ? 69  HIS A CD2 1 
ATOM   354  C  CE1 . HIS A 1 72  ? 1.095   -12.485 -1.247  1.00 27.72 ? 69  HIS A CE1 1 
ATOM   355  N  NE2 . HIS A 1 72  ? 0.249   -12.076 -2.180  1.00 35.19 ? 69  HIS A NE2 1 
ATOM   356  N  N   . PRO A 1 73  ? 6.467   -11.003 -4.731  1.00 23.12 ? 70  PRO A N   1 
ATOM   357  C  CA  . PRO A 1 73  ? 7.544   -11.078 -5.728  1.00 23.62 ? 70  PRO A CA  1 
ATOM   358  C  C   . PRO A 1 73  ? 7.413   -12.358 -6.520  1.00 25.13 ? 70  PRO A C   1 
ATOM   359  O  O   . PRO A 1 73  ? 6.842   -13.336 -6.039  1.00 25.21 ? 70  PRO A O   1 
ATOM   360  C  CB  . PRO A 1 73  ? 8.820   -11.061 -4.859  1.00 26.60 ? 70  PRO A CB  1 
ATOM   361  C  CG  . PRO A 1 73  ? 8.356   -11.750 -3.555  1.00 29.13 ? 70  PRO A CG  1 
ATOM   362  C  CD  . PRO A 1 73  ? 6.965   -11.169 -3.343  1.00 25.70 ? 70  PRO A CD  1 
ATOM   363  N  N   . GLN A 1 74  ? 7.926   -12.361 -7.736  1.00 21.82 ? 71  GLN A N   1 
ATOM   364  C  CA  . GLN A 1 74  ? 7.882   -13.631 -8.472  1.00 25.99 ? 71  GLN A CA  1 
ATOM   365  C  C   . GLN A 1 74  ? 9.290   -14.214 -8.457  1.00 44.65 ? 71  GLN A C   1 
ATOM   366  O  O   . GLN A 1 74  ? 10.146  -13.756 -7.674  1.00 45.59 ? 71  GLN A O   1 
ATOM   367  C  CB  . GLN A 1 74  ? 7.152   -13.570 -9.863  1.00 32.72 ? 71  GLN A CB  1 
ATOM   368  C  CG  . GLN A 1 74  ? 7.358   -12.356 -10.723 1.00 30.02 ? 71  GLN A CG  1 
ATOM   369  C  CD  . GLN A 1 74  ? 6.313   -12.125 -11.848 1.00 28.45 ? 71  GLN A CD  1 
ATOM   370  O  OE1 . GLN A 1 74  ? 6.587   -11.396 -12.788 1.00 36.52 ? 71  GLN A OE1 1 
ATOM   371  N  NE2 . GLN A 1 74  ? 5.127   -12.681 -11.716 1.00 26.87 ? 71  GLN A NE2 1 
ATOM   372  N  N   . GLN A 1 75  ? 9.514   -15.265 -9.236  1.00 39.72 ? 72  GLN A N   1 
ATOM   373  C  CA  . GLN A 1 75  ? 10.758  -16.036 -9.164  1.00 48.86 ? 72  GLN A CA  1 
ATOM   374  C  C   . GLN A 1 75  ? 12.023  -15.178 -9.230  1.00 40.61 ? 72  GLN A C   1 
ATOM   375  O  O   . GLN A 1 75  ? 12.241  -14.446 -10.197 1.00 56.07 ? 72  GLN A O   1 
ATOM   376  C  CB  . GLN A 1 75  ? 10.785  -17.092 -10.282 1.00 64.29 ? 72  GLN A CB  1 
ATOM   377  C  CG  . GLN A 1 75  ? 11.148  -16.528 -11.679 1.00 65.63 ? 72  GLN A CG  1 
ATOM   378  C  CD  . GLN A 1 75  ? 9.983   -15.825 -12.402 1.00 73.26 ? 72  GLN A CD  1 
ATOM   379  O  OE1 . GLN A 1 75  ? 8.808   -15.994 -12.040 1.00 65.41 ? 72  GLN A OE1 1 
ATOM   380  N  NE2 . GLN A 1 75  ? 10.313  -15.050 -13.449 1.00 61.30 ? 72  GLN A NE2 1 
ATOM   381  N  N   . GLY A 1 76  ? 12.850  -15.278 -8.191  1.00 53.21 ? 73  GLY A N   1 
ATOM   382  C  CA  . GLY A 1 76  ? 14.118  -14.575 -8.147  1.00 55.80 ? 73  GLY A CA  1 
ATOM   383  C  C   . GLY A 1 76  ? 13.997  -13.093 -8.438  1.00 67.18 ? 73  GLY A C   1 
ATOM   384  O  O   . GLY A 1 76  ? 14.813  -12.518 -9.167  1.00 55.73 ? 73  GLY A O   1 
ATOM   385  N  N   . GLU A 1 77  ? 12.963  -12.477 -7.874  1.00 37.90 ? 74  GLU A N   1 
ATOM   386  C  CA  . GLU A 1 77  ? 12.757  -11.059 -8.006  1.00 27.73 ? 74  GLU A CA  1 
ATOM   387  C  C   . GLU A 1 77  ? 12.945  -10.418 -6.635  1.00 29.79 ? 74  GLU A C   1 
ATOM   388  O  O   . GLU A 1 77  ? 12.502  -10.985 -5.642  1.00 34.59 ? 74  GLU A O   1 
ATOM   389  C  CB  . GLU A 1 77  ? 11.303  -10.835 -8.493  1.00 38.31 ? 74  GLU A CB  1 
ATOM   390  C  CG  . GLU A 1 77  ? 10.997  -9.429  -8.976  1.00 30.84 ? 74  GLU A CG  1 
ATOM   391  C  CD  . GLU A 1 77  ? 9.526   -9.218  -9.358  1.00 28.00 ? 74  GLU A CD  1 
ATOM   392  O  OE1 . GLU A 1 77  ? 9.260   -8.456  -10.307 1.00 27.38 ? 74  GLU A OE1 1 
ATOM   393  O  OE2 . GLU A 1 77  ? 8.646   -9.800  -8.707  1.00 24.52 ? 74  GLU A OE2 1 
ATOM   394  N  N   . THR A 1 78  ? 13.602  -9.266  -6.550  1.00 30.34 ? 75  THR A N   1 
ATOM   395  C  CA  . THR A 1 78  ? 13.696  -8.570  -5.268  1.00 31.06 ? 75  THR A CA  1 
ATOM   396  C  C   . THR A 1 78  ? 12.363  -7.929  -4.913  1.00 34.70 ? 75  THR A C   1 
ATOM   397  O  O   . THR A 1 78  ? 11.503  -7.755  -5.775  1.00 29.90 ? 75  THR A O   1 
ATOM   398  C  CB  . THR A 1 78  ? 14.754  -7.457  -5.234  1.00 37.13 ? 75  THR A CB  1 
ATOM   399  O  OG1 . THR A 1 78  ? 14.398  -6.426  -6.166  1.00 35.18 ? 75  THR A OG1 1 
ATOM   400  C  CG2 . THR A 1 78  ? 16.170  -8.029  -5.572  1.00 37.57 ? 75  THR A CG2 1 
ATOM   401  N  N   . THR A 1 79  ? 12.210  -7.577  -3.650  1.00 31.20 ? 76  THR A N   1 
ATOM   402  C  CA  . THR A 1 79  ? 11.000  -6.879  -3.192  1.00 26.52 ? 76  THR A CA  1 
ATOM   403  C  C   . THR A 1 79  ? 10.819  -5.572  -3.921  1.00 29.90 ? 76  THR A C   1 
ATOM   404  O  O   . THR A 1 79  ? 9.711   -5.246  -4.367  1.00 25.92 ? 76  THR A O   1 
ATOM   405  C  CB  . THR A 1 79  ? 11.073  -6.594  -1.692  1.00 36.97 ? 76  THR A CB  1 
ATOM   406  O  OG1 . THR A 1 79  ? 11.289  -7.833  -1.013  1.00 43.37 ? 76  THR A OG1 1 
ATOM   407  C  CG2 . THR A 1 79  ? 9.788   -5.989  -1.191  1.00 29.50 ? 76  THR A CG2 1 
ATOM   408  N  N   A GLU A 1 80  ? 11.910  -4.824  -4.018  0.50 25.93 ? 77  GLU A N   1 
ATOM   409  N  N   B GLU A 1 80  ? 11.887  -4.789  -4.049  0.50 25.83 ? 77  GLU A N   1 
ATOM   410  C  CA  A GLU A 1 80  ? 11.951  -3.566  -4.736  0.50 28.34 ? 77  GLU A CA  1 
ATOM   411  C  CA  B GLU A 1 80  ? 11.773  -3.504  -4.736  0.50 27.59 ? 77  GLU A CA  1 
ATOM   412  C  C   A GLU A 1 80  ? 11.464  -3.762  -6.176  0.50 26.59 ? 77  GLU A C   1 
ATOM   413  C  C   B GLU A 1 80  ? 11.480  -3.707  -6.239  0.50 26.61 ? 77  GLU A C   1 
ATOM   414  O  O   A GLU A 1 80  ? 10.596  -3.034  -6.653  0.50 25.14 ? 77  GLU A O   1 
ATOM   415  O  O   B GLU A 1 80  ? 10.734  -2.929  -6.824  0.50 26.10 ? 77  GLU A O   1 
ATOM   416  C  CB  A GLU A 1 80  ? 13.389  -3.041  -4.724  0.50 26.52 ? 77  GLU A CB  1 
ATOM   417  C  CB  B GLU A 1 80  ? 13.001  -2.608  -4.475  0.50 26.08 ? 77  GLU A CB  1 
ATOM   418  C  CG  A GLU A 1 80  ? 13.887  -2.597  -3.335  0.50 37.92 ? 77  GLU A CG  1 
ATOM   419  C  CG  B GLU A 1 80  ? 13.218  -2.310  -2.974  0.50 25.53 ? 77  GLU A CG  1 
ATOM   420  C  CD  A GLU A 1 80  ? 14.255  -3.734  -2.358  0.50 27.58 ? 77  GLU A CD  1 
ATOM   421  C  CD  B GLU A 1 80  ? 14.279  -1.252  -2.683  0.50 41.93 ? 77  GLU A CD  1 
ATOM   422  O  OE1 A GLU A 1 80  ? 14.386  -4.924  -2.731  0.50 26.69 ? 77  GLU A OE1 1 
ATOM   423  O  OE1 B GLU A 1 80  ? 14.673  -0.496  -3.602  0.50 44.12 ? 77  GLU A OE1 1 
ATOM   424  O  OE2 A GLU A 1 80  ? 14.425  -3.400  -1.168  0.50 42.50 ? 77  GLU A OE2 1 
ATOM   425  O  OE2 B GLU A 1 80  ? 14.715  -1.180  -1.513  0.50 39.40 ? 77  GLU A OE2 1 
ATOM   426  N  N   . GLU A 1 81  ? 12.022  -4.754  -6.856  1.00 26.97 ? 78  GLU A N   1 
ATOM   427  C  CA  . GLU A 1 81  ? 11.689  -5.017  -8.263  1.00 24.55 ? 78  GLU A CA  1 
ATOM   428  C  C   . GLU A 1 81  ? 10.186  -5.298  -8.382  1.00 22.68 ? 78  GLU A C   1 
ATOM   429  O  O   . GLU A 1 81  ? 9.534   -4.816  -9.315  1.00 22.61 ? 78  GLU A O   1 
ATOM   430  C  CB  . GLU A 1 81  ? 12.493  -6.185  -8.850  1.00 30.00 ? 78  GLU A CB  1 
ATOM   431  C  CG  . GLU A 1 81  ? 13.894  -5.765  -9.251  1.00 32.53 ? 78  GLU A CG  1 
ATOM   432  C  CD  . GLU A 1 81  ? 14.877  -6.948  -9.350  1.00 34.39 ? 78  GLU A CD  1 
ATOM   433  O  OE1 . GLU A 1 81  ? 14.516  -8.102  -9.038  1.00 36.88 ? 78  GLU A OE1 1 
ATOM   434  O  OE2 . GLU A 1 81  ? 16.042  -6.694  -9.731  1.00 47.00 ? 78  GLU A OE2 1 
ATOM   435  N  N   . ALA A 1 82  ? 9.652   -6.090  -7.466  1.00 22.84 ? 79  ALA A N   1 
ATOM   436  C  CA  . ALA A 1 82  ? 8.225   -6.443  -7.488  1.00 20.05 ? 79  ALA A CA  1 
ATOM   437  C  C   . ALA A 1 82  ? 7.348   -5.211  -7.300  1.00 20.00 ? 79  ALA A C   1 
ATOM   438  O  O   . ALA A 1 82  ? 6.287   -5.096  -7.939  1.00 20.12 ? 79  ALA A O   1 
ATOM   439  C  CB  . ALA A 1 82  ? 7.928   -7.490  -6.399  1.00 24.70 ? 79  ALA A CB  1 
ATOM   440  N  N   . ILE A 1 83  ? 7.756   -4.308  -6.397  1.00 19.94 ? 80  ILE A N   1 
ATOM   441  C  CA  . ILE A 1 83  ? 6.998   -3.076  -6.184  1.00 16.28 ? 80  ILE A CA  1 
ATOM   442  C  C   . ILE A 1 83  ? 6.975   -2.234  -7.464  1.00 17.76 ? 80  ILE A C   1 
ATOM   443  O  O   . ILE A 1 83  ? 5.930   -1.717  -7.875  1.00 19.16 ? 80  ILE A O   1 
ATOM   444  C  CB  . ILE A 1 83  ? 7.582   -2.274  -5.005  1.00 19.20 ? 80  ILE A CB  1 
ATOM   445  C  CG1 . ILE A 1 83  ? 7.370   -3.082  -3.724  1.00 21.18 ? 80  ILE A CG1 1 
ATOM   446  C  CG2 . ILE A 1 83  ? 6.940   -0.896  -4.952  1.00 21.26 ? 80  ILE A CG2 1 
ATOM   447  C  CD1 . ILE A 1 83  ? 8.110   -2.468  -2.500  1.00 23.91 ? 80  ILE A CD1 1 
ATOM   448  N  N   . ILE A 1 84  ? 8.158   -2.019  -8.046  1.00 19.64 ? 81  ILE A N   1 
ATOM   449  C  CA  . ILE A 1 84  ? 8.226   -1.282  -9.302  1.00 18.18 ? 81  ILE A CA  1 
ATOM   450  C  C   . ILE A 1 84  ? 7.326   -1.938  -10.380 1.00 17.85 ? 81  ILE A C   1 
ATOM   451  O  O   . ILE A 1 84  ? 6.568   -1.238  -11.087 1.00 20.45 ? 81  ILE A O   1 
ATOM   452  C  CB  . ILE A 1 84  ? 9.686   -1.259  -9.808  1.00 21.73 ? 81  ILE A CB  1 
ATOM   453  C  CG1 . ILE A 1 84  ? 10.502  -0.339  -8.905  1.00 24.35 ? 81  ILE A CG1 1 
ATOM   454  C  CG2 . ILE A 1 84  ? 9.745   -0.841  -11.291 1.00 25.47 ? 81  ILE A CG2 1 
ATOM   455  C  CD1 . ILE A 1 84  ? 12.021  -0.513  -9.100  1.00 26.39 ? 81  ILE A CD1 1 
ATOM   456  N  N   . ARG A 1 85  ? 7.372   -3.258  -10.479 1.00 17.53 ? 82  ARG A N   1 
ATOM   457  C  CA  . ARG A 1 85  ? 6.597   -3.989  -11.496 1.00 17.84 ? 82  ARG A CA  1 
ATOM   458  C  C   . ARG A 1 85  ? 5.082   -3.796  -11.270 1.00 19.32 ? 82  ARG A C   1 
ATOM   459  O  O   . ARG A 1 85  ? 4.319   -3.497  -12.223 1.00 18.07 ? 82  ARG A O   1 
ATOM   460  C  CB  . ARG A 1 85  ? 6.924   -5.460  -11.415 1.00 19.16 ? 82  ARG A CB  1 
ATOM   461  C  CG  . ARG A 1 85  ? 6.045   -6.282  -12.403 1.00 20.06 ? 82  ARG A CG  1 
ATOM   462  C  CD  . ARG A 1 85  ? 6.503   -7.746  -12.483 1.00 20.84 ? 82  ARG A CD  1 
ATOM   463  N  NE  . ARG A 1 85  ? 6.605   -8.375  -11.169 1.00 21.77 ? 82  ARG A NE  1 
ATOM   464  C  CZ  . ARG A 1 85  ? 5.588   -8.951  -10.529 1.00 20.92 ? 82  ARG A CZ  1 
ATOM   465  N  NH1 . ARG A 1 85  ? 4.368   -8.985  -11.067 1.00 21.24 ? 82  ARG A NH1 1 
ATOM   466  N  NH2 . ARG A 1 85  ? 5.823   -9.526  -9.321  1.00 20.05 ? 82  ARG A NH2 1 
ATOM   467  N  N   . ARG A 1 86  ? 4.633   -3.944  -10.019 1.00 17.81 ? 83  ARG A N   1 
ATOM   468  C  CA  . ARG A 1 86  ? 3.199   -3.836  -9.749  1.00 16.90 ? 83  ARG A CA  1 
ATOM   469  C  C   . ARG A 1 86  ? 2.714   -2.399  -9.776  1.00 15.78 ? 83  ARG A C   1 
ATOM   470  O  O   . ARG A 1 86  ? 1.567   -2.123  -10.171 1.00 17.98 ? 83  ARG A O   1 
ATOM   471  C  CB  . ARG A 1 86  ? 2.747   -4.560  -8.462  1.00 17.69 ? 83  ARG A CB  1 
ATOM   472  C  CG  . ARG A 1 86  ? 2.909   -6.091  -8.515  1.00 18.54 ? 83  ARG A CG  1 
ATOM   473  C  CD  . ARG A 1 86  ? 2.259   -6.718  -9.766  1.00 17.86 ? 83  ARG A CD  1 
ATOM   474  N  NE  . ARG A 1 86  ? 0.814   -6.583  -9.690  1.00 19.61 ? 83  ARG A NE  1 
ATOM   475  C  CZ  . ARG A 1 86  ? -0.040  -7.329  -10.402 1.00 19.93 ? 83  ARG A CZ  1 
ATOM   476  N  NH1 . ARG A 1 86  ? 0.405   -8.207  -11.328 1.00 19.20 ? 83  ARG A NH1 1 
ATOM   477  N  NH2 . ARG A 1 86  ? -1.354  -7.152  -10.207 1.00 21.38 ? 83  ARG A NH2 1 
ATOM   478  N  N   . CYS A 1 87  ? 3.557   -1.430  -9.412  1.00 16.93 ? 84  CYS A N   1 
ATOM   479  C  CA  . CYS A 1 87  ? 3.110   -0.035  -9.561  1.00 17.87 ? 84  CYS A CA  1 
ATOM   480  C  C   . CYS A 1 87  ? 2.919   0.279   -11.045 1.00 17.63 ? 84  CYS A C   1 
ATOM   481  O  O   . CYS A 1 87  ? 1.961   0.964   -11.434 1.00 18.57 ? 84  CYS A O   1 
ATOM   482  C  CB  . CYS A 1 87  ? 4.122   0.969   -8.947  1.00 19.90 ? 84  CYS A CB  1 
ATOM   483  S  SG  . CYS A 1 87  ? 4.056   1.009   -7.119  1.00 20.27 ? 84  CYS A SG  1 
ATOM   484  N  N   . ARG A 1 88  ? 3.858   -0.197  -11.868 1.00 18.56 ? 85  ARG A N   1 
ATOM   485  C  CA  . ARG A 1 88  ? 3.731   0.084   -13.299 1.00 18.23 ? 85  ARG A CA  1 
ATOM   486  C  C   . ARG A 1 88  ? 2.463   -0.618  -13.851 1.00 19.23 ? 85  ARG A C   1 
ATOM   487  O  O   . ARG A 1 88  ? 1.711   -0.021  -14.634 1.00 20.95 ? 85  ARG A O   1 
ATOM   488  C  CB  . ARG A 1 88  ? 4.983   -0.400  -14.026 1.00 23.09 ? 85  ARG A CB  1 
ATOM   489  C  CG  . ARG A 1 88  ? 5.049   0.091   -15.448 1.00 28.46 ? 85  ARG A CG  1 
ATOM   490  C  CD  . ARG A 1 88  ? 6.384   -0.370  -16.051 1.00 33.43 ? 85  ARG A CD  1 
ATOM   491  N  NE  . ARG A 1 88  ? 7.509   0.371   -15.478 1.00 27.83 ? 85  ARG A NE  1 
ATOM   492  C  CZ  . ARG A 1 88  ? 8.614   -0.173  -15.003 1.00 29.69 ? 85  ARG A CZ  1 
ATOM   493  N  NH1 . ARG A 1 88  ? 9.577   0.624   -14.571 1.00 27.59 ? 85  ARG A NH1 1 
ATOM   494  N  NH2 . ARG A 1 88  ? 8.793   -1.493  -15.009 1.00 33.78 ? 85  ARG A NH2 1 
ATOM   495  N  N   . PHE A 1 89  ? 2.212   -1.865  -13.453 1.00 18.49 ? 86  PHE A N   1 
ATOM   496  C  CA  . PHE A 1 89  ? 1.118   -2.623  -14.061 1.00 17.14 ? 86  PHE A CA  1 
ATOM   497  C  C   . PHE A 1 89  ? -0.252  -2.195  -13.546 1.00 17.63 ? 86  PHE A C   1 
ATOM   498  O  O   . PHE A 1 89  ? -1.195  -2.013  -14.336 1.00 18.83 ? 86  PHE A O   1 
ATOM   499  C  CB  . PHE A 1 89  ? 1.285   -4.104  -13.776 1.00 18.22 ? 86  PHE A CB  1 
ATOM   500  C  CG  . PHE A 1 89  ? 0.221   -4.959  -14.398 1.00 18.76 ? 86  PHE A CG  1 
ATOM   501  C  CD1 . PHE A 1 89  ? 0.094   -4.995  -15.779 1.00 20.04 ? 86  PHE A CD1 1 
ATOM   502  C  CD2 . PHE A 1 89  ? -0.645  -5.737  -13.606 1.00 18.55 ? 86  PHE A CD2 1 
ATOM   503  C  CE1 . PHE A 1 89  ? -0.908  -5.795  -16.374 1.00 19.86 ? 86  PHE A CE1 1 
ATOM   504  C  CE2 . PHE A 1 89  ? -1.660  -6.527  -14.201 1.00 20.63 ? 86  PHE A CE2 1 
ATOM   505  C  CZ  . PHE A 1 89  ? -1.772  -6.551  -15.597 1.00 21.15 ? 86  PHE A CZ  1 
ATOM   506  N  N   . GLU A 1 90  ? -0.352  -2.002  -12.224 1.00 16.55 ? 87  GLU A N   1 
ATOM   507  C  CA  . GLU A 1 90  ? -1.666  -1.669  -11.662 1.00 16.64 ? 87  GLU A CA  1 
ATOM   508  C  C   . GLU A 1 90  ? -2.027  -0.217  -11.856 1.00 16.09 ? 87  GLU A C   1 
ATOM   509  O  O   . GLU A 1 90  ? -3.195  0.135   -12.016 1.00 17.46 ? 87  GLU A O   1 
ATOM   510  C  CB  . GLU A 1 90  ? -1.706  -2.040  -10.142 1.00 15.72 ? 87  GLU A CB  1 
ATOM   511  C  CG  . GLU A 1 90  ? -1.491  -3.494  -9.939  1.00 17.67 ? 87  GLU A CG  1 
ATOM   512  C  CD  . GLU A 1 90  ? -1.501  -3.928  -8.486  1.00 23.27 ? 87  GLU A CD  1 
ATOM   513  O  OE1 . GLU A 1 90  ? -1.981  -3.169  -7.632  1.00 20.45 ? 87  GLU A OE1 1 
ATOM   514  O  OE2 . GLU A 1 90  ? -0.971  -5.023  -8.166  1.00 24.21 ? 87  GLU A OE2 1 
ATOM   515  N  N   . LEU A 1 91  ? -1.031  0.665   -11.744 1.00 17.74 ? 88  LEU A N   1 
ATOM   516  C  CA  . LEU A 1 91  ? -1.263  2.115   -11.679 1.00 16.21 ? 88  LEU A CA  1 
ATOM   517  C  C   . LEU A 1 91  ? -0.670  2.839   -12.877 1.00 18.09 ? 88  LEU A C   1 
ATOM   518  O  O   . LEU A 1 91  ? -0.919  4.039   -13.009 1.00 19.97 ? 88  LEU A O   1 
ATOM   519  C  CB  . LEU A 1 91  ? -0.687  2.749   -10.392 1.00 16.64 ? 88  LEU A CB  1 
ATOM   520  C  CG  . LEU A 1 91  ? -1.245  2.088   -9.114  1.00 16.81 ? 88  LEU A CG  1 
ATOM   521  C  CD1 . LEU A 1 91  ? -0.468  2.640   -7.893  1.00 18.29 ? 88  LEU A CD1 1 
ATOM   522  C  CD2 . LEU A 1 91  ? -2.703  2.324   -8.964  1.00 18.70 ? 88  LEU A CD2 1 
ATOM   523  N  N   . GLY A 1 92  ? 0.094   2.129   -13.721 1.00 18.68 ? 89  GLY A N   1 
ATOM   524  C  CA  . GLY A 1 92  ? 0.678   2.772   -14.912 1.00 19.64 ? 89  GLY A CA  1 
ATOM   525  C  C   . GLY A 1 92  ? 1.718   3.821   -14.526 1.00 27.11 ? 89  GLY A C   1 
ATOM   526  O  O   . GLY A 1 92  ? 2.006   4.733   -15.315 1.00 26.29 ? 89  GLY A O   1 
ATOM   527  N  N   . VAL A 1 93  ? 2.286   3.734   -13.318 1.00 19.86 ? 90  VAL A N   1 
ATOM   528  C  CA  . VAL A 1 93  ? 3.110   4.821   -12.825 1.00 20.64 ? 90  VAL A CA  1 
ATOM   529  C  C   . VAL A 1 93  ? 4.556   4.432   -12.572 1.00 19.84 ? 90  VAL A C   1 
ATOM   530  O  O   . VAL A 1 93  ? 4.859   3.270   -12.195 1.00 19.97 ? 90  VAL A O   1 
ATOM   531  C  CB  . VAL A 1 93  ? 2.477   5.395   -11.498 1.00 22.77 ? 90  VAL A CB  1 
ATOM   532  C  CG1 . VAL A 1 93  ? 2.692   4.453   -10.343 1.00 23.18 ? 90  VAL A CG1 1 
ATOM   533  C  CG2 . VAL A 1 93  ? 2.972   6.812   -11.166 1.00 25.33 ? 90  VAL A CG2 1 
ATOM   534  N  N   . GLU A 1 94  ? 5.457   5.404   -12.760 1.00 21.34 ? 91  GLU A N   1 
ATOM   535  C  CA  . GLU A 1 94  ? 6.860   5.236   -12.395 1.00 20.65 ? 91  GLU A CA  1 
ATOM   536  C  C   . GLU A 1 94  ? 7.076   5.791   -10.990 1.00 21.11 ? 91  GLU A C   1 
ATOM   537  O  O   . GLU A 1 94  ? 6.374   6.730   -10.573 1.00 20.60 ? 91  GLU A O   1 
ATOM   538  C  CB  . GLU A 1 94  ? 7.745   6.023   -13.394 1.00 25.04 ? 91  GLU A CB  1 
ATOM   539  C  CG  . GLU A 1 94  ? 7.678   5.458   -14.831 1.00 25.61 ? 91  GLU A CG  1 
ATOM   540  C  CD  . GLU A 1 94  ? 8.040   3.985   -14.895 1.00 25.59 ? 91  GLU A CD  1 
ATOM   541  O  OE1 . GLU A 1 94  ? 9.077   3.578   -14.341 1.00 28.44 ? 91  GLU A OE1 1 
ATOM   542  O  OE2 . GLU A 1 94  ? 7.281   3.209   -15.509 1.00 28.56 ? 91  GLU A OE2 1 
ATOM   543  N  N   . ILE A 1 95  ? 8.041   5.219   -10.271 1.00 19.89 ? 92  ILE A N   1 
ATOM   544  C  CA  . ILE A 1 95  ? 8.251   5.645   -8.884  1.00 20.31 ? 92  ILE A CA  1 
ATOM   545  C  C   . ILE A 1 95  ? 9.729   5.868   -8.556  1.00 23.43 ? 92  ILE A C   1 
ATOM   546  O  O   . ILE A 1 95  ? 10.627  5.418   -9.289  1.00 24.06 ? 92  ILE A O   1 
ATOM   547  C  CB  . ILE A 1 95  ? 7.683   4.565   -7.917  1.00 20.79 ? 92  ILE A CB  1 
ATOM   548  C  CG1 . ILE A 1 95  ? 8.520   3.280   -7.961  1.00 21.73 ? 92  ILE A CG1 1 
ATOM   549  C  CG2 . ILE A 1 95  ? 6.164   4.329   -8.196  1.00 21.37 ? 92  ILE A CG2 1 
ATOM   550  C  CD1 . ILE A 1 95  ? 8.012   2.163   -6.935  1.00 21.89 ? 92  ILE A CD1 1 
ATOM   551  N  N   . THR A 1 96  ? 9.975   6.567   -7.457  1.00 19.59 ? 93  THR A N   1 
ATOM   552  C  CA  . THR A 1 96  ? 11.340  6.739   -7.000  1.00 23.11 ? 93  THR A CA  1 
ATOM   553  C  C   . THR A 1 96  ? 11.373  6.823   -5.478  1.00 25.36 ? 93  THR A C   1 
ATOM   554  O  O   . THR A 1 96  ? 10.325  6.869   -4.803  1.00 20.65 ? 93  THR A O   1 
ATOM   555  C  CB  . THR A 1 96  ? 11.955  7.999   -7.649  1.00 26.56 ? 93  THR A CB  1 
ATOM   556  O  OG1 . THR A 1 96  ? 13.395  7.961   -7.511  1.00 27.81 ? 93  THR A OG1 1 
ATOM   557  C  CG2 . THR A 1 96  ? 11.367  9.271   -7.020  1.00 23.40 ? 93  THR A CG2 1 
ATOM   558  N  N   . ASP A 1 97  ? 12.582  6.839   -4.921  1.00 21.46 ? 94  ASP A N   1 
ATOM   559  C  CA  . ASP A 1 97  ? 12.804  7.040   -3.494  1.00 21.38 ? 94  ASP A CA  1 
ATOM   560  C  C   . ASP A 1 97  ? 12.111  5.979   -2.646  1.00 22.41 ? 94  ASP A C   1 
ATOM   561  O  O   . ASP A 1 97  ? 11.529  6.303   -1.593  1.00 21.77 ? 94  ASP A O   1 
ATOM   562  C  CB  . ASP A 1 97  ? 12.354  8.422   -3.047  1.00 22.43 ? 94  ASP A CB  1 
ATOM   563  C  CG  . ASP A 1 97  ? 12.934  8.791   -1.677  1.00 33.57 ? 94  ASP A CG  1 
ATOM   564  O  OD1 . ASP A 1 97  ? 13.953  8.191   -1.259  1.00 37.55 ? 94  ASP A OD1 1 
ATOM   565  O  OD2 . ASP A 1 97  ? 12.352  9.655   -1.015  1.00 33.28 ? 94  ASP A OD2 1 
ATOM   566  N  N   A LEU A 1 98  ? 12.144  4.739   -3.118  0.70 21.23 ? 95  LEU A N   1 
ATOM   567  N  N   B LEU A 1 98  ? 12.161  4.734   -3.102  0.30 21.36 ? 95  LEU A N   1 
ATOM   568  C  CA  A LEU A 1 98  ? 11.598  3.619   -2.340  0.70 20.10 ? 95  LEU A CA  1 
ATOM   569  C  CA  B LEU A 1 98  ? 11.595  3.621   -2.345  0.30 20.30 ? 95  LEU A CA  1 
ATOM   570  C  C   A LEU A 1 98  ? 12.256  3.547   -0.980  0.70 24.55 ? 95  LEU A C   1 
ATOM   571  C  C   B LEU A 1 98  ? 12.259  3.516   -0.983  0.30 24.53 ? 95  LEU A C   1 
ATOM   572  O  O   A LEU A 1 98  ? 13.479  3.457   -0.884  0.70 29.87 ? 95  LEU A O   1 
ATOM   573  O  O   B LEU A 1 98  ? 13.478  3.379   -0.892  0.30 29.67 ? 95  LEU A O   1 
ATOM   574  C  CB  A LEU A 1 98  ? 11.798  2.283   -3.048  0.70 25.22 ? 95  LEU A CB  1 
ATOM   575  C  CB  B LEU A 1 98  ? 11.773  2.310   -3.101  0.30 25.17 ? 95  LEU A CB  1 
ATOM   576  C  CG  A LEU A 1 98  ? 10.630  1.507   -3.659  0.70 32.74 ? 95  LEU A CG  1 
ATOM   577  C  CG  B LEU A 1 98  ? 10.905  2.096   -4.334  0.30 26.18 ? 95  LEU A CG  1 
ATOM   578  C  CD1 A LEU A 1 98  ? 11.096  0.102   -4.144  0.70 29.12 ? 95  LEU A CD1 1 
ATOM   579  C  CD1 B LEU A 1 98  ? 11.370  0.846   -5.065  0.30 21.28 ? 95  LEU A CD1 1 
ATOM   580  C  CD2 A LEU A 1 98  ? 9.401   1.384   -2.740  0.70 20.47 ? 95  LEU A CD2 1 
ATOM   581  C  CD2 B LEU A 1 98  ? 9.452   1.946   -3.922  0.30 27.89 ? 95  LEU A CD2 1 
ATOM   582  N  N   . THR A 1 99  ? 11.459  3.571   0.075   1.00 19.43 ? 96  THR A N   1 
ATOM   583  C  CA  . THR A 1 99  ? 12.002  3.669   1.439   1.00 21.59 ? 96  THR A CA  1 
ATOM   584  C  C   . THR A 1 99  ? 11.234  2.726   2.360   1.00 26.35 ? 96  THR A C   1 
ATOM   585  O  O   . THR A 1 99  ? 10.004  2.800   2.462   1.00 21.59 ? 96  THR A O   1 
ATOM   586  C  CB  . THR A 1 99  ? 11.808  5.095   1.911   1.00 23.71 ? 96  THR A CB  1 
ATOM   587  O  OG1 . THR A 1 99  ? 12.506  5.999   1.024   1.00 24.58 ? 96  THR A OG1 1 
ATOM   588  C  CG2 . THR A 1 99  ? 12.282  5.274   3.402   1.00 27.59 ? 96  THR A CG2 1 
ATOM   589  N  N   . PRO A 1 100 ? 11.955  1.866   3.099   1.00 26.46 ? 97  PRO A N   1 
ATOM   590  C  CA  . PRO A 1 100 ? 11.293  0.995   4.088   1.00 23.55 ? 97  PRO A CA  1 
ATOM   591  C  C   . PRO A 1 100 ? 10.663  1.797   5.188   1.00 26.99 ? 97  PRO A C   1 
ATOM   592  O  O   . PRO A 1 100 ? 11.280  2.725   5.785   1.00 30.54 ? 97  PRO A O   1 
ATOM   593  C  CB  . PRO A 1 100 ? 12.440  0.128   4.666   1.00 31.93 ? 97  PRO A CB  1 
ATOM   594  C  CG  . PRO A 1 100 ? 13.679  0.512   3.924   1.00 32.58 ? 97  PRO A CG  1 
ATOM   595  C  CD  . PRO A 1 100 ? 13.433  1.814   3.183   1.00 30.12 ? 97  PRO A CD  1 
ATOM   596  N  N   . VAL A 1 101 ? 9.422   1.469   5.521   1.00 19.94 ? 98  VAL A N   1 
ATOM   597  C  CA  . VAL A 1 101 ? 8.783   2.128   6.656   1.00 20.68 ? 98  VAL A CA  1 
ATOM   598  C  C   . VAL A 1 101 ? 8.303   1.168   7.734   1.00 23.24 ? 98  VAL A C   1 
ATOM   599  O  O   . VAL A 1 101 ? 7.940   1.617   8.830   1.00 23.23 ? 98  VAL A O   1 
ATOM   600  C  CB  . VAL A 1 101 ? 7.629   3.058   6.281   1.00 21.69 ? 98  VAL A CB  1 
ATOM   601  C  CG1 . VAL A 1 101 ? 8.130   4.177   5.333   1.00 24.29 ? 98  VAL A CG1 1 
ATOM   602  C  CG2 . VAL A 1 101 ? 6.516   2.245   5.591   1.00 20.96 ? 98  VAL A CG2 1 
ATOM   603  N  N   . TYR A 1 102 ? 8.250   -0.127  7.431   1.00 21.29 ? 99  TYR A N   1 
ATOM   604  C  CA  . TYR A 1 102 ? 7.793   -1.092  8.435   1.00 21.33 ? 99  TYR A CA  1 
ATOM   605  C  C   . TYR A 1 102 ? 8.348   -2.449  8.030   1.00 20.61 ? 99  TYR A C   1 
ATOM   606  O  O   . TYR A 1 102 ? 7.641   -3.310  7.517   1.00 22.38 ? 99  TYR A O   1 
ATOM   607  C  CB  . TYR A 1 102 ? 6.261   -1.068  8.524   1.00 21.72 ? 99  TYR A CB  1 
ATOM   608  C  CG  . TYR A 1 102 ? 5.586   -1.783  9.671   1.00 22.29 ? 99  TYR A CG  1 
ATOM   609  C  CD1 . TYR A 1 102 ? 6.295   -2.608  10.553  1.00 23.31 ? 99  TYR A CD1 1 
ATOM   610  C  CD2 . TYR A 1 102 ? 4.210   -1.625  9.871   1.00 20.98 ? 99  TYR A CD2 1 
ATOM   611  C  CE1 . TYR A 1 102 ? 5.624   -3.286  11.610  1.00 22.22 ? 99  TYR A CE1 1 
ATOM   612  C  CE2 . TYR A 1 102 ? 3.529   -2.305  10.906  1.00 23.02 ? 99  TYR A CE2 1 
ATOM   613  C  CZ  . TYR A 1 102 ? 4.263   -3.108  11.792  1.00 24.27 ? 99  TYR A CZ  1 
ATOM   614  O  OH  . TYR A 1 102 ? 3.570   -3.772  12.796  1.00 25.59 ? 99  TYR A OH  1 
ATOM   615  N  N   . PRO A 1 103 ? 9.655   -2.656  8.227   1.00 24.18 ? 100 PRO A N   1 
ATOM   616  C  CA  . PRO A 1 103 ? 10.281  -3.868  7.692   1.00 26.83 ? 100 PRO A CA  1 
ATOM   617  C  C   . PRO A 1 103 ? 9.802   -5.144  8.361   1.00 22.28 ? 100 PRO A C   1 
ATOM   618  O  O   . PRO A 1 103 ? 9.845   -6.195  7.725   1.00 26.86 ? 100 PRO A O   1 
ATOM   619  C  CB  . PRO A 1 103 ? 11.779  -3.686  8.010   1.00 36.37 ? 100 PRO A CB  1 
ATOM   620  C  CG  . PRO A 1 103 ? 11.947  -2.355  8.563   1.00 30.15 ? 100 PRO A CG  1 
ATOM   621  C  CD  . PRO A 1 103 ? 10.609  -1.716  8.844   1.00 27.70 ? 100 PRO A CD  1 
ATOM   622  N  N   . HIS A 1 104 ? 9.335   -5.044  9.603   1.00 24.70 ? 101 HIS A N   1 
ATOM   623  C  CA  . HIS A 1 104 ? 8.976   -6.226  10.379  1.00 27.98 ? 101 HIS A CA  1 
ATOM   624  C  C   . HIS A 1 104 ? 7.504   -6.613  10.273  1.00 28.37 ? 101 HIS A C   1 
ATOM   625  O  O   . HIS A 1 104 ? 7.024   -7.541  10.937  1.00 27.88 ? 101 HIS A O   1 
ATOM   626  C  CB  . HIS A 1 104 ? 9.393   -6.015  11.847  1.00 33.31 ? 101 HIS A CB  1 
ATOM   627  C  CG  . HIS A 1 104 ? 10.873  -5.863  12.022  1.00 57.27 ? 101 HIS A CG  1 
ATOM   628  N  ND1 . HIS A 1 104 ? 11.782  -6.618  11.311  1.00 54.34 ? 101 HIS A ND1 1 
ATOM   629  C  CD2 . HIS A 1 104 ? 11.606  -5.041  12.812  1.00 64.67 ? 101 HIS A CD2 1 
ATOM   630  C  CE1 . HIS A 1 104 ? 13.011  -6.270  11.654  1.00 54.61 ? 101 HIS A CE1 1 
ATOM   631  N  NE2 . HIS A 1 104 ? 12.931  -5.315  12.566  1.00 63.20 ? 101 HIS A NE2 1 
ATOM   632  N  N   . PHE A 1 105 ? 6.751   -5.909  9.427   1.00 21.67 ? 102 PHE A N   1 
ATOM   633  C  CA  . PHE A 1 105 ? 5.347   -6.215  9.366   1.00 21.62 ? 102 PHE A CA  1 
ATOM   634  C  C   . PHE A 1 105 ? 5.084   -7.600  8.795   1.00 23.38 ? 102 PHE A C   1 
ATOM   635  O  O   . PHE A 1 105 ? 5.689   -8.003  7.791   1.00 23.36 ? 102 PHE A O   1 
ATOM   636  C  CB  . PHE A 1 105 ? 4.588   -5.183  8.464   1.00 21.93 ? 102 PHE A CB  1 
ATOM   637  C  CG  . PHE A 1 105 ? 3.101   -5.451  8.396   1.00 20.83 ? 102 PHE A CG  1 
ATOM   638  C  CD1 . PHE A 1 105 ? 2.288   -5.303  9.546   1.00 23.85 ? 102 PHE A CD1 1 
ATOM   639  C  CD2 . PHE A 1 105 ? 2.518   -5.870  7.211   1.00 21.10 ? 102 PHE A CD2 1 
ATOM   640  C  CE1 . PHE A 1 105 ? 0.919   -5.602  9.500   1.00 24.84 ? 102 PHE A CE1 1 
ATOM   641  C  CE2 . PHE A 1 105 ? 1.131   -6.158  7.150   1.00 24.05 ? 102 PHE A CE2 1 
ATOM   642  C  CZ  . PHE A 1 105 ? 0.343   -6.022  8.285   1.00 24.46 ? 102 PHE A CZ  1 
ATOM   643  N  N   . SER A 1 106 ? 4.147   -8.311  9.416   1.00 24.98 ? 103 SER A N   1 
ATOM   644  C  CA  . SER A 1 106 ? 3.743   -9.638  8.945   1.00 27.40 ? 103 SER A CA  1 
ATOM   645  C  C   . SER A 1 106 ? 2.243   -9.627  8.922   1.00 26.92 ? 103 SER A C   1 
ATOM   646  O  O   . SER A 1 106 ? 1.578   -9.078  9.812   1.00 34.34 ? 103 SER A O   1 
ATOM   647  C  CB  . SER A 1 106 ? 4.216   -10.763 9.877   1.00 32.92 ? 103 SER A CB  1 
ATOM   648  O  OG  . SER A 1 106 ? 5.582   -11.102 9.635   1.00 40.16 ? 103 SER A OG  1 
ATOM   649  N  N   . TYR A 1 107 ? 1.700   -10.244 7.893   1.00 28.14 ? 104 TYR A N   1 
ATOM   650  C  CA  . TYR A 1 107 ? 0.272   -10.314 7.760   1.00 31.98 ? 104 TYR A CA  1 
ATOM   651  C  C   . TYR A 1 107 ? -0.207  -11.753 8.023   1.00 36.06 ? 104 TYR A C   1 
ATOM   652  O  O   . TYR A 1 107 ? 0.186   -12.706 7.334   1.00 35.37 ? 104 TYR A O   1 
ATOM   653  C  CB  . TYR A 1 107 ? -0.159  -9.816  6.378   1.00 32.79 ? 104 TYR A CB  1 
ATOM   654  C  CG  . TYR A 1 107 ? -1.656  -9.823  6.222   1.00 32.17 ? 104 TYR A CG  1 
ATOM   655  C  CD1 . TYR A 1 107 ? -2.454  -8.995  6.996   1.00 32.44 ? 104 TYR A CD1 1 
ATOM   656  C  CD2 . TYR A 1 107 ? -2.272  -10.679 5.319   1.00 49.00 ? 104 TYR A CD2 1 
ATOM   657  C  CE1 . TYR A 1 107 ? -3.834  -9.000  6.869   1.00 37.76 ? 104 TYR A CE1 1 
ATOM   658  C  CE2 . TYR A 1 107 ? -3.643  -10.696 5.184   1.00 48.67 ? 104 TYR A CE2 1 
ATOM   659  C  CZ  . TYR A 1 107 ? -4.420  -9.855  5.963   1.00 46.36 ? 104 TYR A CZ  1 
ATOM   660  O  OH  . TYR A 1 107 ? -5.791  -9.872  5.837   1.00 45.30 ? 104 TYR A OH  1 
ATOM   661  N  N   A ARG A 1 108 ? -1.052  -11.884 9.037   0.70 33.66 ? 105 ARG A N   1 
ATOM   662  N  N   B ARG A 1 108 ? -1.032  -11.899 9.051   0.30 33.97 ? 105 ARG A N   1 
ATOM   663  C  CA  A ARG A 1 108 ? -1.584  -13.167 9.477   0.70 44.69 ? 105 ARG A CA  1 
ATOM   664  C  CA  B ARG A 1 108 ? -1.562  -13.200 9.422   0.30 44.56 ? 105 ARG A CA  1 
ATOM   665  C  C   A ARG A 1 108 ? -3.079  -13.223 9.181   0.70 43.61 ? 105 ARG A C   1 
ATOM   666  C  C   B ARG A 1 108 ? -3.058  -13.223 9.167   0.30 43.66 ? 105 ARG A C   1 
ATOM   667  O  O   A ARG A 1 108 ? -3.855  -12.430 9.718   0.70 47.78 ? 105 ARG A O   1 
ATOM   668  O  O   B ARG A 1 108 ? -3.810  -12.419 9.720   0.30 47.54 ? 105 ARG A O   1 
ATOM   669  C  CB  A ARG A 1 108 ? -1.333  -13.325 10.977  0.70 48.64 ? 105 ARG A CB  1 
ATOM   670  C  CB  B ARG A 1 108 ? -1.269  -13.499 10.890  0.30 48.53 ? 105 ARG A CB  1 
ATOM   671  C  CG  A ARG A 1 108 ? -2.386  -14.115 11.738  0.70 50.18 ? 105 ARG A CG  1 
ATOM   672  C  CG  B ARG A 1 108 ? -1.172  -14.981 11.220  0.30 49.26 ? 105 ARG A CG  1 
ATOM   673  C  CD  A ARG A 1 108 ? -2.192  -15.622 11.601  0.70 56.85 ? 105 ARG A CD  1 
ATOM   674  C  CD  B ARG A 1 108 ? -2.497  -15.584 11.630  0.30 56.99 ? 105 ARG A CD  1 
ATOM   675  N  NE  A ARG A 1 108 ? -2.529  -16.313 12.851  0.70 65.52 ? 105 ARG A NE  1 
ATOM   676  N  NE  B ARG A 1 108 ? -2.311  -16.552 12.710  0.30 62.62 ? 105 ARG A NE  1 
ATOM   677  C  CZ  A ARG A 1 108 ? -1.631  -16.628 13.780  0.70 52.35 ? 105 ARG A CZ  1 
ATOM   678  C  CZ  B ARG A 1 108 ? -2.072  -16.209 13.973  0.30 54.38 ? 105 ARG A CZ  1 
ATOM   679  N  NH1 A ARG A 1 108 ? -1.995  -17.251 14.904  0.70 46.75 ? 105 ARG A NH1 1 
ATOM   680  N  NH1 B ARG A 1 108 ? -1.997  -14.926 14.302  0.30 43.62 ? 105 ARG A NH1 1 
ATOM   681  N  NH2 A ARG A 1 108 ? -0.360  -16.320 13.574  0.70 35.39 ? 105 ARG A NH2 1 
ATOM   682  N  NH2 B ARG A 1 108 ? -1.910  -17.143 14.905  0.30 46.77 ? 105 ARG A NH2 1 
ATOM   683  N  N   . ALA A 1 109 ? -3.479  -14.143 8.314   1.00 36.20 ? 106 ALA A N   1 
ATOM   684  C  CA  . ALA A 1 109 ? -4.886  -14.268 7.957   1.00 50.15 ? 106 ALA A CA  1 
ATOM   685  C  C   . ALA A 1 109 ? -5.386  -15.666 8.300   1.00 47.28 ? 106 ALA A C   1 
ATOM   686  O  O   . ALA A 1 109 ? -4.722  -16.664 7.990   1.00 37.76 ? 106 ALA A O   1 
ATOM   687  C  CB  . ALA A 1 109 ? -5.092  -13.973 6.465   1.00 45.12 ? 106 ALA A CB  1 
ATOM   688  N  N   . THR A 1 110 ? -6.553  -15.746 8.931   1.00 50.31 ? 107 THR A N   1 
ATOM   689  C  CA  . THR A 1 110 ? -7.165  -17.050 9.186   1.00 53.09 ? 107 THR A CA  1 
ATOM   690  C  C   . THR A 1 110 ? -8.530  -17.142 8.499   1.00 58.66 ? 107 THR A C   1 
ATOM   691  O  O   . THR A 1 110 ? -9.301  -16.175 8.490   1.00 62.12 ? 107 THR A O   1 
ATOM   692  C  CB  . THR A 1 110 ? -7.329  -17.308 10.696  1.00 57.20 ? 107 THR A CB  1 
ATOM   693  O  OG1 . THR A 1 110 ? -8.377  -16.479 11.205  1.00 56.32 ? 107 THR A OG1 1 
ATOM   694  C  CG2 . THR A 1 110 ? -6.045  -16.965 11.437  1.00 50.54 ? 107 THR A CG2 1 
ATOM   695  N  N   . ASP A 1 111 ? -8.825  -18.299 7.922   1.00 46.26 ? 108 ASP A N   1 
ATOM   696  C  CA  . ASP A 1 111 ? -10.150 -18.531 7.357   1.00 52.69 ? 108 ASP A CA  1 
ATOM   697  C  C   . ASP A 1 111 ? -11.137 -19.010 8.440   1.00 59.49 ? 108 ASP A C   1 
ATOM   698  O  O   . ASP A 1 111 ? -10.748 -19.213 9.603   1.00 48.34 ? 108 ASP A O   1 
ATOM   699  C  CB  . ASP A 1 111 ? -10.076 -19.473 6.136   1.00 52.62 ? 108 ASP A CB  1 
ATOM   700  C  CG  . ASP A 1 111 ? -9.885  -20.944 6.509   1.00 64.80 ? 108 ASP A CG  1 
ATOM   701  O  OD1 . ASP A 1 111 ? -10.062 -21.321 7.688   1.00 48.54 ? 108 ASP A OD1 1 
ATOM   702  O  OD2 . ASP A 1 111 ? -9.568  -21.742 5.599   1.00 55.39 ? 108 ASP A OD2 1 
ATOM   703  N  N   . PRO A 1 112 ? -12.426 -19.148 8.074   1.00 76.60 ? 109 PRO A N   1 
ATOM   704  C  CA  . PRO A 1 112 ? -13.478 -19.655 8.971   1.00 60.70 ? 109 PRO A CA  1 
ATOM   705  C  C   . PRO A 1 112 ? -13.235 -21.036 9.629   1.00 45.48 ? 109 PRO A C   1 
ATOM   706  O  O   . PRO A 1 112 ? -13.904 -21.326 10.619  1.00 58.28 ? 109 PRO A O   1 
ATOM   707  C  CB  . PRO A 1 112 ? -14.709 -19.698 8.061   1.00 65.98 ? 109 PRO A CB  1 
ATOM   708  C  CG  . PRO A 1 112 ? -14.486 -18.565 7.115   1.00 59.89 ? 109 PRO A CG  1 
ATOM   709  C  CD  . PRO A 1 112 ? -13.000 -18.523 6.864   1.00 58.37 ? 109 PRO A CD  1 
ATOM   710  N  N   . ASN A 1 113 ? -12.323 -21.852 9.106   1.00 41.71 ? 110 ASN A N   1 
ATOM   711  C  CA  . ASN A 1 113 ? -11.951 -23.123 9.744   1.00 48.32 ? 110 ASN A CA  1 
ATOM   712  C  C   . ASN A 1 113 ? -10.621 -23.055 10.516  1.00 33.39 ? 110 ASN A C   1 
ATOM   713  O  O   . ASN A 1 113 ? -10.096 -24.086 10.988  1.00 31.74 ? 110 ASN A O   1 
ATOM   714  C  CB  . ASN A 1 113 ? -11.869 -24.241 8.703   1.00 44.95 ? 110 ASN A CB  1 
ATOM   715  C  CG  . ASN A 1 113 ? -13.232 -24.627 8.139   1.00 58.42 ? 110 ASN A CG  1 
ATOM   716  O  OD1 . ASN A 1 113 ? -14.280 -24.300 8.711   1.00 50.28 ? 110 ASN A OD1 1 
ATOM   717  N  ND2 . ASN A 1 113 ? -13.221 -25.333 7.009   1.00 64.07 ? 110 ASN A ND2 1 
ATOM   718  N  N   . GLY A 1 114 ? -10.047 -21.853 10.587  1.00 40.22 ? 111 GLY A N   1 
ATOM   719  C  CA  . GLY A 1 114 ? -8.830  -21.652 11.363  1.00 34.91 ? 111 GLY A CA  1 
ATOM   720  C  C   . GLY A 1 114 ? -7.576  -22.050 10.619  1.00 38.03 ? 111 GLY A C   1 
ATOM   721  O  O   . GLY A 1 114 ? -6.512  -22.205 11.224  1.00 45.16 ? 111 GLY A O   1 
ATOM   722  N  N   . ILE A 1 115 ? -7.688  -22.219 9.301   1.00 41.71 ? 112 ILE A N   1 
ATOM   723  C  CA  . ILE A 1 115 ? -6.507  -22.435 8.473   1.00 38.23 ? 112 ILE A CA  1 
ATOM   724  C  C   . ILE A 1 115 ? -5.764  -21.106 8.386   1.00 48.38 ? 112 ILE A C   1 
ATOM   725  O  O   . ILE A 1 115 ? -6.339  -20.075 8.033   1.00 41.25 ? 112 ILE A O   1 
ATOM   726  C  CB  . ILE A 1 115 ? -6.862  -22.955 7.076   1.00 52.24 ? 112 ILE A CB  1 
ATOM   727  C  CG1 . ILE A 1 115 ? -7.447  -24.370 7.184   1.00 44.80 ? 112 ILE A CG1 1 
ATOM   728  C  CG2 . ILE A 1 115 ? -5.614  -22.949 6.193   1.00 52.69 ? 112 ILE A CG2 1 
ATOM   729  C  CD1 . ILE A 1 115 ? -8.505  -24.675 6.157   1.00 70.49 ? 112 ILE A CD1 1 
ATOM   730  N  N   . VAL A 1 116 ? -4.485  -21.130 8.733   1.00 37.74 ? 113 VAL A N   1 
ATOM   731  C  CA  . VAL A 1 116 ? -3.749  -19.889 8.890   1.00 50.31 ? 113 VAL A CA  1 
ATOM   732  C  C   . VAL A 1 116 ? -2.789  -19.671 7.729   1.00 50.56 ? 113 VAL A C   1 
ATOM   733  O  O   . VAL A 1 116 ? -2.175  -20.614 7.218   1.00 55.12 ? 113 VAL A O   1 
ATOM   734  C  CB  . VAL A 1 116 ? -3.011  -19.828 10.259  1.00 52.62 ? 113 VAL A CB  1 
ATOM   735  C  CG1 . VAL A 1 116 ? -1.941  -18.770 10.239  1.00 48.11 ? 113 VAL A CG1 1 
ATOM   736  C  CG2 . VAL A 1 116 ? -3.999  -19.562 11.392  1.00 45.13 ? 113 VAL A CG2 1 
ATOM   737  N  N   . GLU A 1 117 ? -2.711  -18.422 7.284   1.00 42.39 ? 114 GLU A N   1 
ATOM   738  C  CA  . GLU A 1 117 ? -1.716  -18.017 6.310   1.00 41.25 ? 114 GLU A CA  1 
ATOM   739  C  C   . GLU A 1 117 ? -0.857  -16.930 6.963   1.00 36.88 ? 114 GLU A C   1 
ATOM   740  O  O   . GLU A 1 117 ? -1.375  -15.944 7.478   1.00 36.24 ? 114 GLU A O   1 
ATOM   741  C  CB  . GLU A 1 117 ? -2.388  -17.508 5.027   1.00 51.22 ? 114 GLU A CB  1 
ATOM   742  C  CG  . GLU A 1 117 ? -3.124  -18.615 4.242   1.00 60.71 ? 114 GLU A CG  1 
ATOM   743  C  CD  . GLU A 1 117 ? -3.795  -18.110 2.964   1.00 81.57 ? 114 GLU A CD  1 
ATOM   744  O  OE1 . GLU A 1 117 ? -3.589  -16.928 2.601   1.00 88.90 ? 114 GLU A OE1 1 
ATOM   745  O  OE2 . GLU A 1 117 ? -4.526  -18.900 2.320   1.00 78.85 ? 114 GLU A OE2 1 
ATOM   746  N  N   . ASN A 1 118 ? 0.454   -17.158 6.989   1.00 38.20 ? 115 ASN A N   1 
ATOM   747  C  CA  . ASN A 1 118 ? 1.402   -16.195 7.533   1.00 34.53 ? 115 ASN A CA  1 
ATOM   748  C  C   . ASN A 1 118 ? 2.360   -15.758 6.433   1.00 28.41 ? 115 ASN A C   1 
ATOM   749  O  O   . ASN A 1 118 ? 2.885   -16.597 5.713   1.00 34.29 ? 115 ASN A O   1 
ATOM   750  C  CB  . ASN A 1 118 ? 2.231   -16.874 8.619   1.00 33.30 ? 115 ASN A CB  1 
ATOM   751  C  CG  . ASN A 1 118 ? 1.506   -16.972 9.936   1.00 30.95 ? 115 ASN A CG  1 
ATOM   752  O  OD1 . ASN A 1 118 ? 1.238   -15.957 10.589  1.00 35.68 ? 115 ASN A OD1 1 
ATOM   753  N  ND2 . ASN A 1 118 ? 1.250   -18.220 10.380  1.00 29.29 ? 115 ASN A ND2 1 
ATOM   754  N  N   . GLU A 1 119 ? 2.633   -14.457 6.300   1.00 29.94 ? 116 GLU A N   1 
ATOM   755  C  CA  . GLU A 1 119 ? 3.631   -14.046 5.313   1.00 29.04 ? 116 GLU A CA  1 
ATOM   756  C  C   . GLU A 1 119 ? 4.313   -12.787 5.813   1.00 25.12 ? 116 GLU A C   1 
ATOM   757  O  O   . GLU A 1 119 ? 3.674   -11.962 6.474   1.00 37.21 ? 116 GLU A O   1 
ATOM   758  C  CB  . GLU A 1 119 ? 2.971   -13.789 3.953   1.00 41.00 ? 116 GLU A CB  1 
ATOM   759  C  CG  . GLU A 1 119 ? 1.943   -12.650 3.996   1.00 33.08 ? 116 GLU A CG  1 
ATOM   760  C  CD  . GLU A 1 119 ? 1.236   -12.449 2.670   1.00 46.31 ? 116 GLU A CD  1 
ATOM   761  O  OE1 . GLU A 1 119 ? 1.480   -13.255 1.722   1.00 39.79 ? 116 GLU A OE1 1 
ATOM   762  O  OE2 . GLU A 1 119 ? 0.443   -11.479 2.592   1.00 62.55 ? 116 GLU A OE2 1 
ATOM   763  N  N   . VAL A 1 120 ? 5.603   -12.642 5.525   1.00 24.36 ? 117 VAL A N   1 
ATOM   764  C  CA  . VAL A 1 120 ? 6.253   -11.407 5.843   1.00 23.63 ? 117 VAL A CA  1 
ATOM   765  C  C   . VAL A 1 120 ? 5.718   -10.436 4.803   1.00 25.19 ? 117 VAL A C   1 
ATOM   766  O  O   . VAL A 1 120 ? 5.449   -10.825 3.657   1.00 26.19 ? 117 VAL A O   1 
ATOM   767  C  CB  . VAL A 1 120 ? 7.804   -11.490 5.794   1.00 25.90 ? 117 VAL A CB  1 
ATOM   768  C  CG1 . VAL A 1 120 ? 8.323   -12.444 6.916   1.00 32.35 ? 117 VAL A CG1 1 
ATOM   769  C  CG2 . VAL A 1 120 ? 8.292   -11.922 4.456   1.00 30.70 ? 117 VAL A CG2 1 
ATOM   770  N  N   . CYS A 1 121 ? 5.541   -9.184  5.209   1.00 21.94 ? 118 CYS A N   1 
ATOM   771  C  CA  . CYS A 1 121 ? 4.992   -8.171  4.282   1.00 19.68 ? 118 CYS A CA  1 
ATOM   772  C  C   . CYS A 1 121 ? 5.662   -6.815  4.636   1.00 18.54 ? 118 CYS A C   1 
ATOM   773  O  O   . CYS A 1 121 ? 5.027   -5.887  5.166   1.00 21.40 ? 118 CYS A O   1 
ATOM   774  C  CB  . CYS A 1 121 ? 3.494   -8.093  4.478   1.00 20.63 ? 118 CYS A CB  1 
ATOM   775  S  SG  . CYS A 1 121 ? 2.739   -6.890  3.305   1.00 24.44 ? 118 CYS A SG  1 
ATOM   776  N  N   . PRO A 1 122 ? 6.948   -6.680  4.325   1.00 21.29 ? 119 PRO A N   1 
ATOM   777  C  CA  . PRO A 1 122 ? 7.585   -5.386  4.554   1.00 20.58 ? 119 PRO A CA  1 
ATOM   778  C  C   . PRO A 1 122 ? 6.848   -4.255  3.836   1.00 18.23 ? 119 PRO A C   1 
ATOM   779  O  O   . PRO A 1 122 ? 6.353   -4.450  2.700   1.00 20.28 ? 119 PRO A O   1 
ATOM   780  C  CB  . PRO A 1 122 ? 8.991   -5.571  3.980   1.00 23.04 ? 119 PRO A CB  1 
ATOM   781  C  CG  . PRO A 1 122 ? 8.911   -6.788  3.122   1.00 25.74 ? 119 PRO A CG  1 
ATOM   782  C  CD  . PRO A 1 122 ? 7.837   -7.657  3.683   1.00 21.42 ? 119 PRO A CD  1 
ATOM   783  N  N   . VAL A 1 123 ? 6.765   -3.121  4.493   1.00 17.62 ? 120 VAL A N   1 
ATOM   784  C  CA  . VAL A 1 123 ? 6.032   -1.967  3.964   1.00 16.52 ? 120 VAL A CA  1 
ATOM   785  C  C   . VAL A 1 123 ? 7.002   -0.879  3.535   1.00 20.51 ? 120 VAL A C   1 
ATOM   786  O  O   . VAL A 1 123 ? 7.963   -0.581  4.257   1.00 18.90 ? 120 VAL A O   1 
ATOM   787  C  CB  . VAL A 1 123 ? 5.092   -1.396  5.037   1.00 16.55 ? 120 VAL A CB  1 
ATOM   788  C  CG1 . VAL A 1 123 ? 4.218   -0.235  4.418   1.00 19.81 ? 120 VAL A CG1 1 
ATOM   789  C  CG2 . VAL A 1 123 ? 4.228   -2.539  5.658   1.00 18.39 ? 120 VAL A CG2 1 
ATOM   790  N  N   . PHE A 1 124 ? 6.718   -0.251  2.384   1.00 17.50 ? 121 PHE A N   1 
ATOM   791  C  CA  . PHE A 1 124 ? 7.580   0.787   1.780   1.00 17.66 ? 121 PHE A CA  1 
ATOM   792  C  C   . PHE A 1 124 ? 6.761   1.993   1.466   1.00 21.51 ? 121 PHE A C   1 
ATOM   793  O  O   . PHE A 1 124 ? 5.558   1.899   1.235   1.00 20.04 ? 121 PHE A O   1 
ATOM   794  C  CB  . PHE A 1 124 ? 8.240   0.322   0.484   1.00 18.58 ? 121 PHE A CB  1 
ATOM   795  C  CG  . PHE A 1 124 ? 9.242   -0.788  0.689   1.00 19.39 ? 121 PHE A CG  1 
ATOM   796  C  CD1 . PHE A 1 124 ? 8.778   -2.068  0.962   1.00 20.58 ? 121 PHE A CD1 1 
ATOM   797  C  CD2 . PHE A 1 124 ? 10.595  -0.520  0.657   1.00 28.67 ? 121 PHE A CD2 1 
ATOM   798  C  CE1 . PHE A 1 124 ? 9.692   -3.136  1.154   1.00 28.86 ? 121 PHE A CE1 1 
ATOM   799  C  CE2 . PHE A 1 124 ? 11.504  -1.580  0.868   1.00 33.22 ? 121 PHE A CE2 1 
ATOM   800  C  CZ  . PHE A 1 124 ? 11.036  -2.857  1.121   1.00 28.10 ? 121 PHE A CZ  1 
ATOM   801  N  N   . ALA A 1 125 ? 7.417   3.135   1.457   1.00 17.85 ? 122 ALA A N   1 
ATOM   802  C  CA  . ALA A 1 125 ? 6.833   4.343   0.861   1.00 16.62 ? 122 ALA A CA  1 
ATOM   803  C  C   . ALA A 1 125 ? 7.594   4.618   -0.419  1.00 17.72 ? 122 ALA A C   1 
ATOM   804  O  O   . ALA A 1 125 ? 8.784   4.258   -0.560  1.00 19.59 ? 122 ALA A O   1 
ATOM   805  C  CB  . ALA A 1 125 ? 6.932   5.532   1.807   1.00 17.00 ? 122 ALA A CB  1 
ATOM   806  N  N   . ALA A 1 126 ? 6.927   5.281   -1.367  1.00 16.46 ? 123 ALA A N   1 
ATOM   807  C  CA  . ALA A 1 126 ? 7.581   5.707   -2.613  1.00 16.45 ? 123 ALA A CA  1 
ATOM   808  C  C   . ALA A 1 126 ? 6.926   6.963   -3.137  1.00 19.90 ? 123 ALA A C   1 
ATOM   809  O  O   . ALA A 1 126 ? 5.836   7.319   -2.686  1.00 19.17 ? 123 ALA A O   1 
ATOM   810  C  CB  . ALA A 1 126 ? 7.536   4.613   -3.685  1.00 19.92 ? 123 ALA A CB  1 
ATOM   811  N  N   A ARG A 1 127 ? 7.594   7.580   -4.112  0.50 17.16 ? 124 ARG A N   1 
ATOM   812  N  N   B ARG A 1 127 ? 7.597   7.682   -4.043  0.50 17.24 ? 124 ARG A N   1 
ATOM   813  C  CA  A ARG A 1 127 ? 7.120   8.803   -4.742  0.50 17.69 ? 124 ARG A CA  1 
ATOM   814  C  CA  B ARG A 1 127 ? 7.044   8.902   -4.659  0.50 17.35 ? 124 ARG A CA  1 
ATOM   815  C  C   A ARG A 1 127 ? 6.771   8.519   -6.187  0.50 20.43 ? 124 ARG A C   1 
ATOM   816  C  C   B ARG A 1 127 ? 6.805   8.650   -6.139  0.50 20.21 ? 124 ARG A C   1 
ATOM   817  O  O   A ARG A 1 127 ? 7.530   7.836   -6.908  0.50 20.98 ? 124 ARG A O   1 
ATOM   818  O  O   B ARG A 1 127 ? 7.681   8.129   -6.834  0.50 20.29 ? 124 ARG A O   1 
ATOM   819  C  CB  A ARG A 1 127 ? 8.190   9.898   -4.715  0.50 22.24 ? 124 ARG A CB  1 
ATOM   820  C  CB  B ARG A 1 127 ? 8.016   10.084  -4.548  0.50 22.19 ? 124 ARG A CB  1 
ATOM   821  C  CG  A ARG A 1 127 ? 7.610   11.254  -5.073  0.50 25.53 ? 124 ARG A CG  1 
ATOM   822  C  CG  B ARG A 1 127 ? 8.476   10.387  -3.177  0.50 20.16 ? 124 ARG A CG  1 
ATOM   823  C  CD  A ARG A 1 127 ? 6.993   11.902  -3.861  0.50 32.96 ? 124 ARG A CD  1 
ATOM   824  C  CD  B ARG A 1 127 ? 9.649   11.387  -3.172  0.50 27.46 ? 124 ARG A CD  1 
ATOM   825  N  NE  A ARG A 1 127 ? 8.045   12.470  -3.042  0.50 36.39 ? 124 ARG A NE  1 
ATOM   826  N  NE  B ARG A 1 127 ? 10.357  11.328  -1.894  0.50 18.87 ? 124 ARG A NE  1 
ATOM   827  C  CZ  A ARG A 1 127 ? 7.894   13.510  -2.230  0.50 32.38 ? 124 ARG A CZ  1 
ATOM   828  C  CZ  B ARG A 1 127 ? 10.147  12.150  -0.870  0.50 39.67 ? 124 ARG A CZ  1 
ATOM   829  N  NH1 A ARG A 1 127 ? 8.939   13.940  -1.553  0.50 31.55 ? 124 ARG A NH1 1 
ATOM   830  N  NH1 B ARG A 1 127 ? 9.264   13.132  -0.971  0.50 34.98 ? 124 ARG A NH1 1 
ATOM   831  N  NH2 A ARG A 1 127 ? 6.714   14.108  -2.093  0.50 28.29 ? 124 ARG A NH2 1 
ATOM   832  N  NH2 B ARG A 1 127 ? 10.830  11.997  0.257   0.50 32.59 ? 124 ARG A NH2 1 
ATOM   833  N  N   . ALA A 1 128 ? 5.620   9.043   -6.611  1.00 19.28 ? 125 ALA A N   1 
ATOM   834  C  CA  . ALA A 1 128 ? 5.211   8.903   -8.023  1.00 20.49 ? 125 ALA A CA  1 
ATOM   835  C  C   . ALA A 1 128 ? 5.986   9.915   -8.872  1.00 23.90 ? 125 ALA A C   1 
ATOM   836  O  O   . ALA A 1 128 ? 6.151   11.091  -8.451  1.00 27.23 ? 125 ALA A O   1 
ATOM   837  C  CB  . ALA A 1 128 ? 3.692   9.149   -8.174  1.00 23.12 ? 125 ALA A CB  1 
ATOM   838  N  N   . THR A 1 129 ? 6.452   9.502   -10.039 1.00 22.62 ? 126 THR A N   1 
ATOM   839  C  CA  . THR A 1 129 ? 7.247   10.401  -10.886 1.00 28.16 ? 126 THR A CA  1 
ATOM   840  C  C   . THR A 1 129 ? 6.584   10.599  -12.254 1.00 31.69 ? 126 THR A C   1 
ATOM   841  O  O   . THR A 1 129 ? 7.130   11.307  -13.136 1.00 31.61 ? 126 THR A O   1 
ATOM   842  C  CB  . THR A 1 129 ? 8.701   9.910   -11.093 1.00 24.62 ? 126 THR A CB  1 
ATOM   843  O  OG1 . THR A 1 129 ? 8.724   8.668   -11.801 1.00 28.28 ? 126 THR A OG1 1 
ATOM   844  C  CG2 . THR A 1 129 ? 9.436   9.759   -9.756  1.00 27.28 ? 126 THR A CG2 1 
ATOM   845  N  N   . SER A 1 130 ? 5.433   9.958   -12.456 1.00 23.53 ? 127 SER A N   1 
ATOM   846  C  CA  . SER A 1 130 ? 4.726   10.118  -13.728 1.00 25.77 ? 127 SER A CA  1 
ATOM   847  C  C   . SER A 1 130 ? 3.237   10.168  -13.468 1.00 27.39 ? 127 SER A C   1 
ATOM   848  O  O   . SER A 1 130 ? 2.785   9.933   -12.343 1.00 25.70 ? 127 SER A O   1 
ATOM   849  C  CB  . SER A 1 130 ? 5.050   9.009   -14.710 1.00 25.73 ? 127 SER A CB  1 
ATOM   850  O  OG  . SER A 1 130 ? 4.578   7.742   -14.260 1.00 25.60 ? 127 SER A OG  1 
ATOM   851  N  N   A VAL A 1 131 ? 2.472   10.528  -14.493 0.50 26.45 ? 128 VAL A N   1 
ATOM   852  N  N   B VAL A 1 131 ? 2.484   10.427  -14.534 0.50 26.37 ? 128 VAL A N   1 
ATOM   853  C  CA  A VAL A 1 131 ? 1.030   10.617  -14.351 0.50 24.17 ? 128 VAL A CA  1 
ATOM   854  C  CA  B VAL A 1 131 ? 1.036   10.550  -14.472 0.50 24.41 ? 128 VAL A CA  1 
ATOM   855  C  C   A VAL A 1 131 ? 0.479   9.199   -14.219 0.50 20.24 ? 128 VAL A C   1 
ATOM   856  C  C   B VAL A 1 131 ? 0.358   9.187   -14.381 0.50 20.50 ? 128 VAL A C   1 
ATOM   857  O  O   A VAL A 1 131 ? 1.045   8.260   -14.775 0.50 30.83 ? 128 VAL A O   1 
ATOM   858  O  O   B VAL A 1 131 ? 0.679   8.282   -15.156 0.50 23.48 ? 128 VAL A O   1 
ATOM   859  C  CB  A VAL A 1 131 ? 0.407   11.343  -15.575 0.50 25.89 ? 128 VAL A CB  1 
ATOM   860  C  CB  B VAL A 1 131 ? 0.533   11.254  -15.746 0.50 25.28 ? 128 VAL A CB  1 
ATOM   861  C  CG1 A VAL A 1 131 ? 0.583   10.516  -16.843 0.50 23.90 ? 128 VAL A CG1 1 
ATOM   862  C  CG1 B VAL A 1 131 ? -0.994  11.111  -15.888 0.50 23.21 ? 128 VAL A CG1 1 
ATOM   863  C  CG2 A VAL A 1 131 ? -1.076  11.690  -15.337 0.50 22.30 ? 128 VAL A CG2 1 
ATOM   864  C  CG2 B VAL A 1 131 ? 0.978   12.713  -15.754 0.50 24.73 ? 128 VAL A CG2 1 
ATOM   865  N  N   . LEU A 1 132 ? -0.623  9.050   -13.485 1.00 22.16 ? 129 LEU A N   1 
ATOM   866  C  CA  . LEU A 1 132 ? -1.278  7.720   -13.376 1.00 21.22 ? 129 LEU A CA  1 
ATOM   867  C  C   . LEU A 1 132 ? -1.920  7.301   -14.694 1.00 25.00 ? 129 LEU A C   1 
ATOM   868  O  O   . LEU A 1 132 ? -2.485  8.139   -15.405 1.00 27.34 ? 129 LEU A O   1 
ATOM   869  C  CB  . LEU A 1 132 ? -2.363  7.684   -12.293 1.00 20.92 ? 129 LEU A CB  1 
ATOM   870  C  CG  . LEU A 1 132 ? -1.908  7.955   -10.856 1.00 21.07 ? 129 LEU A CG  1 
ATOM   871  C  CD1 . LEU A 1 132 ? -3.135  7.901   -9.910  1.00 24.52 ? 129 LEU A CD1 1 
ATOM   872  C  CD2 . LEU A 1 132 ? -0.796  6.985   -10.345 1.00 23.16 ? 129 LEU A CD2 1 
ATOM   873  N  N   A GLN A 1 133 ? -1.858  6.008   -14.980 0.50 20.56 ? 130 GLN A N   1 
ATOM   874  N  N   B GLN A 1 133 ? -1.856  6.013   -14.995 0.50 20.56 ? 130 GLN A N   1 
ATOM   875  C  CA  A GLN A 1 133 ? -2.591  5.370   -16.078 0.50 23.88 ? 130 GLN A CA  1 
ATOM   876  C  CA  B GLN A 1 133 ? -2.629  5.392   -16.079 0.50 23.77 ? 130 GLN A CA  1 
ATOM   877  C  C   A GLN A 1 133 ? -3.104  4.059   -15.481 0.50 19.30 ? 130 GLN A C   1 
ATOM   878  C  C   B GLN A 1 133 ? -3.113  4.073   -15.488 0.50 19.37 ? 130 GLN A C   1 
ATOM   879  O  O   A GLN A 1 133 ? -2.511  2.996   -15.625 0.50 21.61 ? 130 GLN A O   1 
ATOM   880  O  O   B GLN A 1 133 ? -2.510  3.019   -15.643 0.50 21.63 ? 130 GLN A O   1 
ATOM   881  C  CB  A GLN A 1 133 ? -1.674  5.109   -17.277 0.50 29.00 ? 130 GLN A CB  1 
ATOM   882  C  CB  B GLN A 1 133 ? -1.769  5.144   -17.319 0.50 29.05 ? 130 GLN A CB  1 
ATOM   883  C  CG  A GLN A 1 133 ? -1.124  6.393   -17.913 0.50 36.91 ? 130 GLN A CG  1 
ATOM   884  C  CG  B GLN A 1 133 ? -1.152  6.415   -17.905 0.50 36.90 ? 130 GLN A CG  1 
ATOM   885  C  CD  A GLN A 1 133 ? -0.049  6.136   -18.960 0.50 46.59 ? 130 GLN A CD  1 
ATOM   886  C  CD  B GLN A 1 133 ? -2.169  7.281   -18.617 0.50 44.84 ? 130 GLN A CD  1 
ATOM   887  O  OE1 A GLN A 1 133 ? 0.770   5.220   -18.827 0.50 54.91 ? 130 GLN A OE1 1 
ATOM   888  O  OE1 B GLN A 1 133 ? -2.549  8.341   -18.127 0.50 33.59 ? 130 GLN A OE1 1 
ATOM   889  N  NE2 A GLN A 1 133 ? -0.040  6.960   -20.001 0.50 67.98 ? 130 GLN A NE2 1 
ATOM   890  N  NE2 B GLN A 1 133 ? -2.624  6.823   -19.777 0.50 54.91 ? 130 GLN A NE2 1 
ATOM   891  N  N   . VAL A 1 134 ? -4.179  4.194   -14.704 1.00 22.04 ? 131 VAL A N   1 
ATOM   892  C  CA  . VAL A 1 134 ? -4.629  3.094   -13.872 1.00 21.80 ? 131 VAL A CA  1 
ATOM   893  C  C   . VAL A 1 134 ? -5.245  1.947   -14.686 1.00 21.34 ? 131 VAL A C   1 
ATOM   894  O  O   . VAL A 1 134 ? -6.005  2.164   -15.664 1.00 25.36 ? 131 VAL A O   1 
ATOM   895  C  CB  . VAL A 1 134 ? -5.606  3.638   -12.813 1.00 24.32 ? 131 VAL A CB  1 
ATOM   896  C  CG1 . VAL A 1 134 ? -6.204  2.511   -12.027 1.00 26.59 ? 131 VAL A CG1 1 
ATOM   897  C  CG2 . VAL A 1 134 ? -4.888  4.611   -11.891 1.00 22.22 ? 131 VAL A CG2 1 
ATOM   898  N  N   . ASN A 1 135 ? -4.902  0.722   -14.326 1.00 20.65 ? 132 ASN A N   1 
ATOM   899  C  CA  . ASN A 1 135 ? -5.397  -0.453  -14.993 1.00 18.25 ? 132 ASN A CA  1 
ATOM   900  C  C   . ASN A 1 135 ? -6.740  -0.788  -14.340 1.00 21.81 ? 132 ASN A C   1 
ATOM   901  O  O   . ASN A 1 135 ? -6.761  -1.275  -13.198 1.00 18.47 ? 132 ASN A O   1 
ATOM   902  C  CB  . ASN A 1 135 ? -4.396  -1.602  -14.780 1.00 20.25 ? 132 ASN A CB  1 
ATOM   903  C  CG  . ASN A 1 135 ? -4.759  -2.872  -15.503 1.00 23.58 ? 132 ASN A CG  1 
ATOM   904  O  OD1 . ASN A 1 135 ? -5.931  -3.144  -15.787 1.00 26.13 ? 132 ASN A OD1 1 
ATOM   905  N  ND2 . ASN A 1 135 ? -3.754  -3.688  -15.758 1.00 26.65 ? 132 ASN A ND2 1 
ATOM   906  N  N   . SER A 1 136 ? -7.848  -0.634  -15.073 1.00 24.44 ? 133 SER A N   1 
ATOM   907  C  CA  . SER A 1 136 ? -9.168  -0.907  -14.483 1.00 24.75 ? 133 SER A CA  1 
ATOM   908  C  C   . SER A 1 136 ? -9.445  -2.357  -14.086 1.00 24.21 ? 133 SER A C   1 
ATOM   909  O  O   . SER A 1 136 ? -10.354 -2.622  -13.263 1.00 25.70 ? 133 SER A O   1 
ATOM   910  C  CB  . SER A 1 136 ? -10.269 -0.377  -15.420 1.00 27.07 ? 133 SER A CB  1 
ATOM   911  O  OG  . SER A 1 136 ? -10.259 -1.195  -16.565 1.00 34.31 ? 133 SER A OG  1 
ATOM   912  N  N   . GLU A 1 137 ? -8.682  -3.320  -14.597 1.00 19.49 ? 134 GLU A N   1 
ATOM   913  C  CA  . GLU A 1 137 ? -8.848  -4.691  -14.153 1.00 23.28 ? 134 GLU A CA  1 
ATOM   914  C  C   . GLU A 1 137 ? -8.295  -4.903  -12.763 1.00 21.89 ? 134 GLU A C   1 
ATOM   915  O  O   . GLU A 1 137 ? -8.591  -5.915  -12.103 1.00 23.11 ? 134 GLU A O   1 
ATOM   916  C  CB  . GLU A 1 137 ? -8.191  -5.613  -15.141 1.00 28.44 ? 134 GLU A CB  1 
ATOM   917  C  CG  . GLU A 1 137 ? -8.949  -5.411  -16.464 1.00 37.71 ? 134 GLU A CG  1 
ATOM   918  C  CD  . GLU A 1 137 ? -8.538  -6.349  -17.572 1.00 56.00 ? 134 GLU A CD  1 
ATOM   919  O  OE1 . GLU A 1 137 ? -7.373  -6.792  -17.575 1.00 46.68 ? 134 GLU A OE1 1 
ATOM   920  O  OE2 . GLU A 1 137 ? -9.382  -6.619  -18.457 1.00 62.02 ? 134 GLU A OE2 1 
ATOM   921  N  N   . GLU A 1 138 ? -7.455  -3.942  -12.330 1.00 18.92 ? 135 GLU A N   1 
ATOM   922  C  CA  . GLU A 1 138 ? -6.781  -4.056  -11.025 1.00 18.02 ? 135 GLU A CA  1 
ATOM   923  C  C   . GLU A 1 138 ? -7.388  -3.086  -10.017 1.00 17.72 ? 135 GLU A C   1 
ATOM   924  O  O   . GLU A 1 138 ? -7.548  -3.455  -8.840  1.00 18.16 ? 135 GLU A O   1 
ATOM   925  C  CB  . GLU A 1 138 ? -5.253  -3.755  -11.135 1.00 17.40 ? 135 GLU A CB  1 
ATOM   926  C  CG  . GLU A 1 138 ? -4.523  -4.763  -12.031 1.00 19.65 ? 135 GLU A CG  1 
ATOM   927  C  CD  . GLU A 1 138 ? -4.562  -6.168  -11.517 1.00 23.86 ? 135 GLU A CD  1 
ATOM   928  O  OE1 . GLU A 1 138 ? -4.448  -6.375  -10.291 1.00 22.26 ? 135 GLU A OE1 1 
ATOM   929  O  OE2 . GLU A 1 138 ? -4.733  -7.107  -12.326 1.00 26.59 ? 135 GLU A OE2 1 
ATOM   930  N  N   . VAL A 1 139 ? -7.659  -1.862  -10.457 1.00 18.16 ? 136 VAL A N   1 
ATOM   931  C  CA  . VAL A 1 139 ? -8.056  -0.763  -9.552  1.00 17.95 ? 136 VAL A CA  1 
ATOM   932  C  C   . VAL A 1 139 ? -9.269  -0.069  -10.169 1.00 17.94 ? 136 VAL A C   1 
ATOM   933  O  O   . VAL A 1 139 ? -9.206  0.359   -11.330 1.00 20.76 ? 136 VAL A O   1 
ATOM   934  C  CB  . VAL A 1 139 ? -6.905  0.258   -9.438  1.00 19.25 ? 136 VAL A CB  1 
ATOM   935  C  CG1 . VAL A 1 139 ? -7.376  1.480   -8.656  1.00 18.31 ? 136 VAL A CG1 1 
ATOM   936  C  CG2 . VAL A 1 139 ? -5.680  -0.417  -8.749  1.00 19.33 ? 136 VAL A CG2 1 
HETATM 937  N  N   . MSE A 1 140 ? -10.365 0.027   -9.416  1.00 17.01 ? 137 MSE A N   1 
HETATM 938  C  CA  . MSE A 1 140 ? -11.614 0.607   -9.940  1.00 16.96 ? 137 MSE A CA  1 
HETATM 939  C  C   . MSE A 1 140 ? -11.813 2.064   -9.554  1.00 18.57 ? 137 MSE A C   1 
HETATM 940  O  O   . MSE A 1 140 ? -12.671 2.751   -10.153 1.00 21.04 ? 137 MSE A O   1 
HETATM 941  C  CB  . MSE A 1 140 ? -12.814 -0.227  -9.478  1.00 18.85 ? 137 MSE A CB  1 
HETATM 942  C  CG  . MSE A 1 140 ? -12.965 -0.240  -7.936  1.00 20.29 ? 137 MSE A CG  1 
HETATM 943  SE SE  . MSE A 1 140 ? -14.407 -1.430  -7.362  0.80 23.72 ? 137 MSE A SE  1 
HETATM 944  C  CE  . MSE A 1 140 ? -15.969 -0.680  -8.332  1.00 22.27 ? 137 MSE A CE  1 
ATOM   945  N  N   . ASP A 1 141 ? -11.028 2.557   -8.585  1.00 15.54 ? 138 ASP A N   1 
ATOM   946  C  CA  . ASP A 1 141 ? -11.179 3.956   -8.169  1.00 15.71 ? 138 ASP A CA  1 
ATOM   947  C  C   . ASP A 1 141 ? -9.945  4.295   -7.373  1.00 15.96 ? 138 ASP A C   1 
ATOM   948  O  O   . ASP A 1 141 ? -9.234  3.402   -6.943  1.00 16.88 ? 138 ASP A O   1 
ATOM   949  C  CB  . ASP A 1 141 ? -12.460 4.099   -7.292  1.00 18.16 ? 138 ASP A CB  1 
ATOM   950  C  CG  . ASP A 1 141 ? -12.977 5.526   -7.191  1.00 19.11 ? 138 ASP A CG  1 
ATOM   951  O  OD1 . ASP A 1 141 ? -12.340 6.474   -7.716  1.00 20.03 ? 138 ASP A OD1 1 
ATOM   952  O  OD2 . ASP A 1 141 ? -14.054 5.679   -6.544  1.00 22.32 ? 138 ASP A OD2 1 
ATOM   953  N  N   A TYR A 1 142 ? -9.747  5.576   -7.111  0.50 15.99 ? 139 TYR A N   1 
ATOM   954  N  N   B TYR A 1 142 ? -9.677  5.584   -7.216  0.50 16.05 ? 139 TYR A N   1 
ATOM   955  C  CA  A TYR A 1 142 ? -8.563  5.975   -6.353  0.50 16.80 ? 139 TYR A CA  1 
ATOM   956  C  CA  B TYR A 1 142 ? -8.583  6.015   -6.343  0.50 16.86 ? 139 TYR A CA  1 
ATOM   957  C  C   A TYR A 1 142 ? -8.660  7.455   -6.053  0.50 16.92 ? 139 TYR A C   1 
ATOM   958  C  C   B TYR A 1 142 ? -8.844  7.427   -5.866  0.50 17.09 ? 139 TYR A C   1 
ATOM   959  O  O   A TYR A 1 142 ? -9.356  8.222   -6.784  0.50 19.35 ? 139 TYR A O   1 
ATOM   960  O  O   B TYR A 1 142 ? -9.773  8.137   -6.295  0.50 16.69 ? 139 TYR A O   1 
ATOM   961  C  CB  A TYR A 1 142 ? -7.292  5.669   -7.151  0.50 18.90 ? 139 TYR A CB  1 
ATOM   962  C  CB  B TYR A 1 142 ? -7.197  5.949   -7.032  0.50 18.34 ? 139 TYR A CB  1 
ATOM   963  C  CG  A TYR A 1 142 ? -7.317  6.217   -8.561  0.50 17.42 ? 139 TYR A CG  1 
ATOM   964  C  CG  B TYR A 1 142 ? -7.013  6.924   -8.173  0.50 19.32 ? 139 TYR A CG  1 
ATOM   965  C  CD1 A TYR A 1 142 ? -6.872  7.511   -8.822  0.50 15.63 ? 139 TYR A CD1 1 
ATOM   966  C  CD1 B TYR A 1 142 ? -6.558  8.228   -7.957  0.50 16.47 ? 139 TYR A CD1 1 
ATOM   967  C  CD2 A TYR A 1 142 ? -7.766  5.443   -9.633  0.50 15.80 ? 139 TYR A CD2 1 
ATOM   968  C  CD2 B TYR A 1 142 ? -7.262  6.529   -9.484  0.50 14.48 ? 139 TYR A CD2 1 
ATOM   969  C  CE1 A TYR A 1 142 ? -6.880  8.022   -10.124 0.50 20.13 ? 139 TYR A CE1 1 
ATOM   970  C  CE1 B TYR A 1 142 ? -6.394  9.122   -9.015  0.50 20.50 ? 139 TYR A CE1 1 
ATOM   971  C  CE2 A TYR A 1 142 ? -7.783  5.959   -10.935 0.50 19.92 ? 139 TYR A CE2 1 
ATOM   972  C  CE2 B TYR A 1 142 ? -7.088  7.433   -10.552 0.50 16.23 ? 139 TYR A CE2 1 
ATOM   973  C  CZ  A TYR A 1 142 ? -7.331  7.233   -11.164 0.50 22.04 ? 139 TYR A CZ  1 
ATOM   974  C  CZ  B TYR A 1 142 ? -6.659  8.713   -10.293 0.50 24.40 ? 139 TYR A CZ  1 
ATOM   975  O  OH  A TYR A 1 142 ? -7.347  7.703   -12.454 0.50 30.32 ? 139 TYR A OH  1 
ATOM   976  O  OH  B TYR A 1 142 ? -6.481  9.589   -11.332 0.50 28.45 ? 139 TYR A OH  1 
ATOM   977  N  N   . GLN A 1 143 ? -7.977  7.858   -4.974  1.00 16.27 ? 140 GLN A N   1 
ATOM   978  C  CA  . GLN A 1 143 ? -8.041  9.219   -4.484  1.00 17.60 ? 140 GLN A CA  1 
ATOM   979  C  C   . GLN A 1 143 ? -6.674  9.597   -3.961  1.00 19.57 ? 140 GLN A C   1 
ATOM   980  O  O   . GLN A 1 143 ? -6.050  8.793   -3.255  1.00 18.62 ? 140 GLN A O   1 
ATOM   981  C  CB  . GLN A 1 143 ? -8.989  9.321   -3.293  1.00 22.83 ? 140 GLN A CB  1 
ATOM   982  C  CG  . GLN A 1 143 ? -10.458 9.173   -3.588  1.00 31.11 ? 140 GLN A CG  1 
ATOM   983  C  CD  . GLN A 1 143 ? -11.100 10.439  -4.179  1.00 38.21 ? 140 GLN A CD  1 
ATOM   984  O  OE1 . GLN A 1 143 ? -10.560 11.539  -4.078  1.00 35.56 ? 140 GLN A OE1 1 
ATOM   985  N  NE2 . GLN A 1 143 ? -12.274 10.271  -4.780  1.00 49.74 ? 140 GLN A NE2 1 
ATOM   986  N  N   . TRP A 1 144 ? -6.205  10.775  -4.321  1.00 17.34 ? 141 TRP A N   1 
ATOM   987  C  CA  . TRP A 1 144 ? -5.073  11.383  -3.623  1.00 17.44 ? 141 TRP A CA  1 
ATOM   988  C  C   . TRP A 1 144 ? -5.604  12.089  -2.398  1.00 21.07 ? 141 TRP A C   1 
ATOM   989  O  O   . TRP A 1 144 ? -6.446  13.011  -2.480  1.00 23.37 ? 141 TRP A O   1 
ATOM   990  C  CB  . TRP A 1 144 ? -4.338  12.357  -4.563  1.00 17.77 ? 141 TRP A CB  1 
ATOM   991  C  CG  . TRP A 1 144 ? -3.622  11.759  -5.684  1.00 18.04 ? 141 TRP A CG  1 
ATOM   992  C  CD1 . TRP A 1 144 ? -4.004  11.761  -7.026  1.00 19.76 ? 141 TRP A CD1 1 
ATOM   993  C  CD2 . TRP A 1 144 ? -2.377  11.048  -5.639  1.00 16.20 ? 141 TRP A CD2 1 
ATOM   994  N  NE1 . TRP A 1 144 ? -3.077  11.107  -7.785  1.00 23.23 ? 141 TRP A NE1 1 
ATOM   995  C  CE2 . TRP A 1 144 ? -2.049  10.683  -6.978  1.00 21.87 ? 141 TRP A CE2 1 
ATOM   996  C  CE3 . TRP A 1 144 ? -1.476  10.726  -4.609  1.00 17.47 ? 141 TRP A CE3 1 
ATOM   997  C  CZ2 . TRP A 1 144 ? -0.891  9.974   -7.317  1.00 21.05 ? 141 TRP A CZ2 1 
ATOM   998  C  CZ3 . TRP A 1 144 ? -0.297  10.015  -4.951  1.00 18.84 ? 141 TRP A CZ3 1 
ATOM   999  C  CH2 . TRP A 1 144 ? -0.008  9.663   -6.308  1.00 19.31 ? 141 TRP A CH2 1 
ATOM   1000 N  N   A SER A 1 145 ? -5.136  11.647  -1.235  0.50 18.45 ? 142 SER A N   1 
ATOM   1001 N  N   B SER A 1 145 ? -5.139  11.661  -1.240  0.50 18.46 ? 142 SER A N   1 
ATOM   1002 C  CA  A SER A 1 145 ? -5.654  12.148  0.049   0.50 17.37 ? 142 SER A CA  1 
ATOM   1003 C  CA  B SER A 1 145 ? -5.669  12.203  0.005   0.50 17.43 ? 142 SER A CA  1 
ATOM   1004 C  C   A SER A 1 145 ? -4.577  12.481  1.081   0.50 17.16 ? 142 SER A C   1 
ATOM   1005 C  C   B SER A 1 145 ? -4.535  12.687  0.913   0.50 17.97 ? 142 SER A C   1 
ATOM   1006 O  O   A SER A 1 145 ? -3.525  11.837  1.149   0.50 19.37 ? 142 SER A O   1 
ATOM   1007 O  O   B SER A 1 145 ? -3.384  12.407  0.685   0.50 18.56 ? 142 SER A O   1 
ATOM   1008 C  CB  A SER A 1 145 ? -6.605  11.129  0.678   0.50 22.61 ? 142 SER A CB  1 
ATOM   1009 C  CB  B SER A 1 145 ? -6.544  11.144  0.695   0.50 22.55 ? 142 SER A CB  1 
ATOM   1010 O  OG  A SER A 1 145 ? -7.108  11.611  1.908   0.50 21.27 ? 142 SER A OG  1 
ATOM   1011 O  OG  B SER A 1 145 ? -7.426  10.527  -0.256  0.50 25.78 ? 142 SER A OG  1 
ATOM   1012 N  N   . GLU A 1 146 ? -4.867  13.471  1.930   1.00 24.06 ? 143 GLU A N   1 
ATOM   1013 C  CA  . GLU A 1 146 ? -3.917  13.827  2.955   1.00 29.56 ? 143 GLU A CA  1 
ATOM   1014 C  C   . GLU A 1 146 ? -3.796  12.647  3.911   1.00 23.94 ? 143 GLU A C   1 
ATOM   1015 O  O   . GLU A 1 146 ? -4.792  12.094  4.389   1.00 25.31 ? 143 GLU A O   1 
ATOM   1016 C  CB  . GLU A 1 146 ? -4.406  15.080  3.687   1.00 33.47 ? 143 GLU A CB  1 
ATOM   1017 C  CG  . GLU A 1 146 ? -4.744  16.253  2.743   1.00 37.17 ? 143 GLU A CG  1 
ATOM   1018 C  CD  . GLU A 1 146 ? -3.525  16.779  1.968   1.00 63.66 ? 143 GLU A CD  1 
ATOM   1019 O  OE1 . GLU A 1 146 ? -3.694  17.526  0.960   1.00 47.70 ? 143 GLU A OE1 1 
ATOM   1020 O  OE2 . GLU A 1 146 ? -2.386  16.439  2.369   1.00 42.08 ? 143 GLU A OE2 1 
ATOM   1021 N  N   . PHE A 1 147 ? -2.571  12.261  4.219   1.00 25.95 ? 144 PHE A N   1 
ATOM   1022 C  CA  . PHE A 1 147 ? -2.357  11.119  5.085   1.00 24.79 ? 144 PHE A CA  1 
ATOM   1023 C  C   . PHE A 1 147 ? -3.037  11.297  6.485   1.00 22.97 ? 144 PHE A C   1 
ATOM   1024 O  O   . PHE A 1 147 ? -3.612  10.362  7.028   1.00 22.16 ? 144 PHE A O   1 
ATOM   1025 C  CB  . PHE A 1 147 ? -0.852  10.796  5.211   1.00 33.61 ? 144 PHE A CB  1 
ATOM   1026 C  CG  . PHE A 1 147 ? -0.570  9.645   6.093   1.00 27.23 ? 144 PHE A CG  1 
ATOM   1027 C  CD1 . PHE A 1 147 ? -0.450  8.375   5.603   1.00 33.32 ? 144 PHE A CD1 1 
ATOM   1028 C  CD2 . PHE A 1 147 ? -0.412  9.825   7.463   1.00 32.36 ? 144 PHE A CD2 1 
ATOM   1029 C  CE1 . PHE A 1 147 ? -0.197  7.311   6.431   1.00 36.86 ? 144 PHE A CE1 1 
ATOM   1030 C  CE2 . PHE A 1 147 ? -0.160  8.757   8.294   1.00 29.53 ? 144 PHE A CE2 1 
ATOM   1031 C  CZ  . PHE A 1 147 ? -0.056  7.494   7.789   1.00 31.65 ? 144 PHE A CZ  1 
ATOM   1032 N  N   A LYS A 1 148 ? -2.936  12.495  7.056   0.50 28.14 ? 145 LYS A N   1 
ATOM   1033 N  N   B LYS A 1 148 ? -2.959  12.496  7.059   0.50 28.25 ? 145 LYS A N   1 
ATOM   1034 C  CA  A LYS A 1 148 ? -3.610  12.781  8.328   0.50 26.25 ? 145 LYS A CA  1 
ATOM   1035 C  CA  B LYS A 1 148 ? -3.608  12.717  8.355   0.50 26.10 ? 145 LYS A CA  1 
ATOM   1036 C  C   A LYS A 1 148 ? -5.107  12.496  8.301   0.50 24.87 ? 145 LYS A C   1 
ATOM   1037 C  C   B LYS A 1 148 ? -5.126  12.508  8.315   0.50 24.87 ? 145 LYS A C   1 
ATOM   1038 O  O   A LYS A 1 148 ? -5.663  11.950  9.272   0.50 26.55 ? 145 LYS A O   1 
ATOM   1039 O  O   B LYS A 1 148 ? -5.718  12.012  9.288   0.50 26.68 ? 145 LYS A O   1 
ATOM   1040 C  CB  A LYS A 1 148 ? -3.353  14.236  8.744   0.50 28.66 ? 145 LYS A CB  1 
ATOM   1041 C  CB  B LYS A 1 148 ? -3.235  14.097  8.927   0.50 28.80 ? 145 LYS A CB  1 
ATOM   1042 C  CG  A LYS A 1 148 ? -1.888  14.600  8.840   0.50 36.84 ? 145 LYS A CG  1 
ATOM   1043 C  CG  B LYS A 1 148 ? -4.358  15.130  8.904   0.50 33.10 ? 145 LYS A CG  1 
ATOM   1044 C  CD  A LYS A 1 148 ? -1.713  16.044  9.333   0.50 32.39 ? 145 LYS A CD  1 
ATOM   1045 C  CD  B LYS A 1 148 ? -4.287  16.036  7.696   0.50 45.84 ? 145 LYS A CD  1 
ATOM   1046 C  CE  A LYS A 1 148 ? -0.476  16.684  8.712   0.50 33.38 ? 145 LYS A CE  1 
ATOM   1047 C  CE  B LYS A 1 148 ? -4.627  17.472  8.087   0.50 43.92 ? 145 LYS A CE  1 
ATOM   1048 N  NZ  A LYS A 1 148 ? 0.802   16.225  9.357   0.50 38.98 ? 145 LYS A NZ  1 
ATOM   1049 N  NZ  B LYS A 1 148 ? -5.673  17.520  9.152   0.50 49.48 ? 145 LYS A NZ  1 
ATOM   1050 N  N   . SER A 1 149 ? -5.749  12.818  7.174   1.00 24.07 ? 146 SER A N   1 
ATOM   1051 C  CA  . SER A 1 149 ? -7.193  12.577  6.987   1.00 23.70 ? 146 SER A CA  1 
ATOM   1052 C  C   . SER A 1 149 ? -7.470  11.071  6.898   1.00 22.75 ? 146 SER A C   1 
ATOM   1053 O  O   . SER A 1 149 ? -8.394  10.540  7.516   1.00 23.44 ? 146 SER A O   1 
ATOM   1054 C  CB  . SER A 1 149 ? -7.716  13.237  5.733   1.00 30.20 ? 146 SER A CB  1 
ATOM   1055 O  OG  . SER A 1 149 ? -7.650  14.650  5.873   1.00 32.08 ? 146 SER A OG  1 
ATOM   1056 N  N   . VAL A 1 150 ? -6.649  10.385  6.120   1.00 21.19 ? 147 VAL A N   1 
ATOM   1057 C  CA  . VAL A 1 150 ? -6.828  8.939   5.987   1.00 21.70 ? 147 VAL A CA  1 
ATOM   1058 C  C   . VAL A 1 150 ? -6.688  8.272   7.356   1.00 20.58 ? 147 VAL A C   1 
ATOM   1059 O  O   . VAL A 1 150 ? -7.456  7.386   7.717   1.00 21.18 ? 147 VAL A O   1 
ATOM   1060 C  CB  . VAL A 1 150 ? -5.811  8.370   4.976   1.00 19.88 ? 147 VAL A CB  1 
ATOM   1061 C  CG1 . VAL A 1 150 ? -5.832  6.817   4.949   1.00 23.98 ? 147 VAL A CG1 1 
ATOM   1062 C  CG2 . VAL A 1 150 ? -6.100  8.945   3.582   1.00 21.02 ? 147 VAL A CG2 1 
ATOM   1063 N  N   . TRP A 1 151 ? -5.699  8.701   8.173   1.00 20.69 ? 148 TRP A N   1 
ATOM   1064 C  CA  . TRP A 1 151 ? -5.517  8.090   9.480   1.00 19.94 ? 148 TRP A CA  1 
ATOM   1065 C  C   . TRP A 1 151 ? -6.745  8.347   10.405  1.00 19.52 ? 148 TRP A C   1 
ATOM   1066 O  O   . TRP A 1 151 ? -7.130  7.469   11.187  1.00 21.71 ? 148 TRP A O   1 
ATOM   1067 C  CB  . TRP A 1 151 ? -4.208  8.627   10.130  1.00 21.26 ? 148 TRP A CB  1 
ATOM   1068 C  CG  . TRP A 1 151 ? -4.019  8.170   11.525  1.00 21.63 ? 148 TRP A CG  1 
ATOM   1069 C  CD1 . TRP A 1 151 ? -3.854  8.999   12.633  1.00 27.45 ? 148 TRP A CD1 1 
ATOM   1070 C  CD2 . TRP A 1 151 ? -4.005  6.827   12.026  1.00 23.76 ? 148 TRP A CD2 1 
ATOM   1071 N  NE1 . TRP A 1 151 ? -3.704  8.231   13.756  1.00 29.73 ? 148 TRP A NE1 1 
ATOM   1072 C  CE2 . TRP A 1 151 ? -3.786  6.900   13.425  1.00 27.56 ? 148 TRP A CE2 1 
ATOM   1073 C  CE3 . TRP A 1 151 ? -4.114  5.563   11.436  1.00 24.29 ? 148 TRP A CE3 1 
ATOM   1074 C  CZ2 . TRP A 1 151 ? -3.716  5.751   14.234  1.00 27.17 ? 148 TRP A CZ2 1 
ATOM   1075 C  CZ3 . TRP A 1 151 ? -4.035  4.424   12.227  1.00 25.85 ? 148 TRP A CZ3 1 
ATOM   1076 C  CH2 . TRP A 1 151 ? -3.826  4.525   13.626  1.00 28.96 ? 148 TRP A CH2 1 
ATOM   1077 N  N   . LYS A 1 152 ? -7.340  9.522   10.263  1.00 20.43 ? 149 LYS A N   1 
ATOM   1078 C  CA  . LYS A 1 152 ? -8.554  9.857   11.035  1.00 20.90 ? 149 LYS A CA  1 
ATOM   1079 C  C   . LYS A 1 152 ? -9.611  8.794   10.759  1.00 22.21 ? 149 LYS A C   1 
ATOM   1080 O  O   . LYS A 1 152 ? -10.190 8.224   11.690  1.00 24.21 ? 149 LYS A O   1 
ATOM   1081 C  CB  . LYS A 1 152 ? -9.080  11.245  10.681  1.00 22.61 ? 149 LYS A CB  1 
ATOM   1082 C  CG  . LYS A 1 152 ? -8.237  12.387  11.256  1.00 33.30 ? 149 LYS A CG  1 
ATOM   1083 C  CD  . LYS A 1 152 ? -8.943  13.698  11.012  1.00 35.06 ? 149 LYS A CD  1 
ATOM   1084 C  CE  . LYS A 1 152 ? -8.028  14.880  11.359  1.00 52.59 ? 149 LYS A CE  1 
ATOM   1085 N  NZ  . LYS A 1 152 ? -8.432  16.131  10.636  1.00 50.57 ? 149 LYS A NZ  1 
ATOM   1086 N  N   . SER A 1 153 ? -9.751  8.430   9.491   1.00 22.06 ? 150 SER A N   1 
ATOM   1087 C  CA  . SER A 1 153 ? -10.771 7.410   9.173   1.00 21.37 ? 150 SER A CA  1 
ATOM   1088 C  C   . SER A 1 153 ? -10.366 5.976   9.535   1.00 20.86 ? 150 SER A C   1 
ATOM   1089 O  O   . SER A 1 153 ? -11.188 5.127   9.875   1.00 21.48 ? 150 SER A O   1 
ATOM   1090 C  CB  . SER A 1 153 ? -11.171 7.475   7.696   1.00 21.61 ? 150 SER A CB  1 
ATOM   1091 O  OG  . SER A 1 153 ? -11.812 8.708   7.403   1.00 21.56 ? 150 SER A OG  1 
ATOM   1092 N  N   . LEU A 1 154 ? -9.075  5.666   9.430   1.00 19.23 ? 151 LEU A N   1 
ATOM   1093 C  CA  . LEU A 1 154 ? -8.623  4.348   9.837   1.00 20.52 ? 151 LEU A CA  1 
ATOM   1094 C  C   . LEU A 1 154 ? -8.847  4.085   11.336  1.00 20.39 ? 151 LEU A C   1 
ATOM   1095 O  O   . LEU A 1 154 ? -9.127  2.950   11.730  1.00 25.38 ? 151 LEU A O   1 
ATOM   1096 C  CB  . LEU A 1 154 ? -7.146  4.211   9.499   1.00 22.70 ? 151 LEU A CB  1 
ATOM   1097 C  CG  . LEU A 1 154 ? -6.817  3.986   8.025   1.00 23.02 ? 151 LEU A CG  1 
ATOM   1098 C  CD1 . LEU A 1 154 ? -5.307  4.089   7.800   1.00 21.05 ? 151 LEU A CD1 1 
ATOM   1099 C  CD2 . LEU A 1 154 ? -7.343  2.630   7.562   1.00 23.34 ? 151 LEU A CD2 1 
ATOM   1100 N  N   . LEU A 1 155 ? -8.715  5.159   12.131  1.00 24.93 ? 152 LEU A N   1 
ATOM   1101 C  CA  . LEU A 1 155 ? -9.015  5.133   13.572  1.00 26.12 ? 152 LEU A CA  1 
ATOM   1102 C  C   . LEU A 1 155 ? -10.520 5.015   13.852  1.00 22.00 ? 152 LEU A C   1 
ATOM   1103 O  O   . LEU A 1 155 ? -10.936 4.152   14.642  1.00 26.33 ? 152 LEU A O   1 
ATOM   1104 C  CB  . LEU A 1 155 ? -8.508  6.419   14.257  1.00 27.59 ? 152 LEU A CB  1 
ATOM   1105 C  CG  . LEU A 1 155 ? -7.168  6.282   14.955  1.00 46.40 ? 152 LEU A CG  1 
ATOM   1106 C  CD1 . LEU A 1 155 ? -6.847  7.639   15.551  1.00 37.25 ? 152 LEU A CD1 1 
ATOM   1107 C  CD2 . LEU A 1 155 ? -7.248  5.173   16.017  1.00 35.64 ? 152 LEU A CD2 1 
ATOM   1108 N  N   . ALA A 1 156 ? -11.307 5.860   13.191  1.00 23.32 ? 153 ALA A N   1 
ATOM   1109 C  CA  . ALA A 1 156 ? -12.754 5.957   13.460  1.00 22.39 ? 153 ALA A CA  1 
ATOM   1110 C  C   . ALA A 1 156 ? -13.535 4.773   12.899  1.00 25.39 ? 153 ALA A C   1 
ATOM   1111 O  O   . ALA A 1 156 ? -14.396 4.202   13.563  1.00 23.04 ? 153 ALA A O   1 
ATOM   1112 C  CB  . ALA A 1 156 ? -13.308 7.246   12.908  1.00 23.57 ? 153 ALA A CB  1 
ATOM   1113 N  N   . THR A 1 157 ? -13.223 4.386   11.658  1.00 22.61 ? 154 THR A N   1 
ATOM   1114 C  CA  . THR A 1 157 ? -13.947 3.285   10.982  1.00 20.42 ? 154 THR A CA  1 
ATOM   1115 C  C   . THR A 1 157 ? -12.953 2.385   10.235  1.00 19.17 ? 154 THR A C   1 
ATOM   1116 O  O   . THR A 1 157 ? -12.957 2.306   8.969   1.00 21.19 ? 154 THR A O   1 
ATOM   1117 C  CB  . THR A 1 157 ? -15.015 3.792   9.969   1.00 19.82 ? 154 THR A CB  1 
ATOM   1118 O  OG1 . THR A 1 157 ? -14.405 4.602   8.969   1.00 20.67 ? 154 THR A OG1 1 
ATOM   1119 C  CG2 . THR A 1 157 ? -16.065 4.675   10.697  1.00 23.98 ? 154 THR A CG2 1 
ATOM   1120 N  N   . PRO A 1 158 ? -12.176 1.604   10.978  1.00 21.18 ? 155 PRO A N   1 
ATOM   1121 C  CA  . PRO A 1 158 ? -11.170 0.760   10.320  1.00 22.51 ? 155 PRO A CA  1 
ATOM   1122 C  C   . PRO A 1 158 ? -11.801 -0.243  9.370   1.00 21.99 ? 155 PRO A C   1 
ATOM   1123 O  O   . PRO A 1 158 ? -11.166 -0.622  8.378   1.00 21.34 ? 155 PRO A O   1 
ATOM   1124 C  CB  . PRO A 1 158 ? -10.479 0.037   11.504  1.00 23.79 ? 155 PRO A CB  1 
ATOM   1125 C  CG  . PRO A 1 158 ? -11.506 0.172   12.651  1.00 23.39 ? 155 PRO A CG  1 
ATOM   1126 C  CD  . PRO A 1 158 ? -12.067 1.529   12.456  1.00 23.40 ? 155 PRO A CD  1 
ATOM   1127 N  N   . TRP A 1 159 ? -13.019 -0.694  9.662   1.00 20.03 ? 156 TRP A N   1 
ATOM   1128 C  CA  . TRP A 1 159 ? -13.696 -1.675  8.861   1.00 21.00 ? 156 TRP A CA  1 
ATOM   1129 C  C   . TRP A 1 159 ? -14.018 -1.162  7.460   1.00 19.35 ? 156 TRP A C   1 
ATOM   1130 O  O   . TRP A 1 159 ? -14.358 -1.986  6.589   1.00 22.57 ? 156 TRP A O   1 
ATOM   1131 C  CB  . TRP A 1 159 ? -14.983 -2.124  9.584   1.00 24.05 ? 156 TRP A CB  1 
ATOM   1132 C  CG  . TRP A 1 159 ? -15.718 -0.978  10.253  1.00 25.51 ? 156 TRP A CG  1 
ATOM   1133 C  CD1 . TRP A 1 159 ? -15.649 -0.591  11.591  1.00 24.92 ? 156 TRP A CD1 1 
ATOM   1134 C  CD2 . TRP A 1 159 ? -16.615 -0.050  9.618   1.00 21.03 ? 156 TRP A CD2 1 
ATOM   1135 N  NE1 . TRP A 1 159 ? -16.442 0.506   11.799  1.00 24.19 ? 156 TRP A NE1 1 
ATOM   1136 C  CE2 . TRP A 1 159 ? -17.059 0.860   10.616  1.00 22.02 ? 156 TRP A CE2 1 
ATOM   1137 C  CE3 . TRP A 1 159 ? -17.097 0.098   8.292   1.00 20.77 ? 156 TRP A CE3 1 
ATOM   1138 C  CZ2 . TRP A 1 159 ? -17.953 1.903   10.340  1.00 23.17 ? 156 TRP A CZ2 1 
ATOM   1139 C  CZ3 . TRP A 1 159 ? -17.981 1.130   8.018   1.00 22.81 ? 156 TRP A CZ3 1 
ATOM   1140 C  CH2 . TRP A 1 159 ? -18.397 2.032   9.045   1.00 22.76 ? 156 TRP A CH2 1 
ATOM   1141 N  N   . ALA A 1 160 ? -13.847 0.136   7.201   1.00 20.17 ? 157 ALA A N   1 
ATOM   1142 C  CA  . ALA A 1 160 ? -14.135 0.647   5.836   1.00 21.08 ? 157 ALA A CA  1 
ATOM   1143 C  C   . ALA A 1 160 ? -12.918 0.480   4.914   1.00 24.63 ? 157 ALA A C   1 
ATOM   1144 O  O   . ALA A 1 160 ? -12.950 0.909   3.763   1.00 21.42 ? 157 ALA A O   1 
ATOM   1145 C  CB  . ALA A 1 160 ? -14.581 2.109   5.897   1.00 21.84 ? 157 ALA A CB  1 
ATOM   1146 N  N   . PHE A 1 161 ? -11.834 -0.119  5.425   1.00 20.59 ? 158 PHE A N   1 
ATOM   1147 C  CA  . PHE A 1 161 ? -10.582 -0.234  4.661   1.00 17.81 ? 158 PHE A CA  1 
ATOM   1148 C  C   . PHE A 1 161 ? -10.058 -1.654  4.787   1.00 18.21 ? 158 PHE A C   1 
ATOM   1149 O  O   . PHE A 1 161 ? -10.542 -2.489  5.610   1.00 19.65 ? 158 PHE A O   1 
ATOM   1150 C  CB  . PHE A 1 161 ? -9.557  0.772   5.226   1.00 16.62 ? 158 PHE A CB  1 
ATOM   1151 C  CG  . PHE A 1 161 ? -10.052 2.169   5.162   1.00 18.91 ? 158 PHE A CG  1 
ATOM   1152 C  CD1 . PHE A 1 161 ? -10.704 2.737   6.268   1.00 20.82 ? 158 PHE A CD1 1 
ATOM   1153 C  CD2 . PHE A 1 161 ? -9.863  2.931   4.029   1.00 17.90 ? 158 PHE A CD2 1 
ATOM   1154 C  CE1 . PHE A 1 161 ? -11.195 4.029   6.213   1.00 21.27 ? 158 PHE A CE1 1 
ATOM   1155 C  CE2 . PHE A 1 161 ? -10.350 4.268   3.969   1.00 20.39 ? 158 PHE A CE2 1 
ATOM   1156 C  CZ  . PHE A 1 161 ? -10.988 4.827   5.080   1.00 22.30 ? 158 PHE A CZ  1 
ATOM   1157 N  N   . SER A 1 162 ? -9.040  -1.959  3.977   1.00 16.55 ? 159 SER A N   1 
ATOM   1158 C  CA  . SER A 1 162 ? -8.455  -3.311  4.053   1.00 19.71 ? 159 SER A CA  1 
ATOM   1159 C  C   . SER A 1 162 ? -7.820  -3.544  5.438   1.00 17.00 ? 159 SER A C   1 
ATOM   1160 O  O   . SER A 1 162 ? -7.296  -2.620  6.059   1.00 17.19 ? 159 SER A O   1 
ATOM   1161 C  CB  . SER A 1 162 ? -7.418  -3.518  2.954   1.00 18.56 ? 159 SER A CB  1 
ATOM   1162 O  OG  . SER A 1 162 ? -6.254  -2.754  3.222   1.00 17.10 ? 159 SER A OG  1 
ATOM   1163 N  N   . PRO A 1 163 ? -7.837  -4.788  5.891   1.00 17.87 ? 160 PRO A N   1 
ATOM   1164 C  CA  . PRO A 1 163 ? -7.289  -5.028  7.235   1.00 21.99 ? 160 PRO A CA  1 
ATOM   1165 C  C   . PRO A 1 163 ? -5.795  -4.800  7.274   1.00 22.08 ? 160 PRO A C   1 
ATOM   1166 O  O   . PRO A 1 163 ? -5.321  -4.350  8.330   1.00 21.58 ? 160 PRO A O   1 
ATOM   1167 C  CB  . PRO A 1 163 ? -7.606  -6.513  7.499   1.00 23.37 ? 160 PRO A CB  1 
ATOM   1168 C  CG  . PRO A 1 163 ? -8.072  -7.081  6.222   1.00 26.50 ? 160 PRO A CG  1 
ATOM   1169 C  CD  . PRO A 1 163 ? -8.473  -5.955  5.271   1.00 22.26 ? 160 PRO A CD  1 
ATOM   1170 N  N   . TRP A 1 164 ? -5.052  -5.017  6.182   1.00 19.63 ? 161 TRP A N   1 
ATOM   1171 C  CA  . TRP A 1 164 ? -3.617  -4.775  6.261   1.00 19.59 ? 161 TRP A CA  1 
ATOM   1172 C  C   . TRP A 1 164 ? -3.337  -3.257  6.256   1.00 21.55 ? 161 TRP A C   1 
ATOM   1173 O  O   . TRP A 1 164 ? -2.405  -2.795  6.874   1.00 19.84 ? 161 TRP A O   1 
ATOM   1174 C  CB  . TRP A 1 164 ? -2.841  -5.493  5.148   1.00 19.83 ? 161 TRP A CB  1 
ATOM   1175 C  CG  . TRP A 1 164 ? -3.239  -5.112  3.742   1.00 19.64 ? 161 TRP A CG  1 
ATOM   1176 C  CD1 . TRP A 1 164 ? -2.668  -4.134  2.959   1.00 19.93 ? 161 TRP A CD1 1 
ATOM   1177 C  CD2 . TRP A 1 164 ? -4.283  -5.702  2.974   1.00 19.78 ? 161 TRP A CD2 1 
ATOM   1178 N  NE1 . TRP A 1 164 ? -3.286  -4.104  1.739   1.00 20.58 ? 161 TRP A NE1 1 
ATOM   1179 C  CE2 . TRP A 1 164 ? -4.284  -5.057  1.710   1.00 19.93 ? 161 TRP A CE2 1 
ATOM   1180 C  CE3 . TRP A 1 164 ? -5.199  -6.737  3.218   1.00 20.29 ? 161 TRP A CE3 1 
ATOM   1181 C  CZ2 . TRP A 1 164 ? -5.186  -5.380  0.704   1.00 22.35 ? 161 TRP A CZ2 1 
ATOM   1182 C  CZ3 . TRP A 1 164 ? -6.108  -7.083  2.201   1.00 22.56 ? 161 TRP A CZ3 1 
ATOM   1183 C  CH2 . TRP A 1 164 ? -6.103  -6.396  0.971   1.00 21.84 ? 161 TRP A CH2 1 
HETATM 1184 N  N   . MSE A 1 165 ? -4.151  -2.470  5.554   1.00 17.73 ? 162 MSE A N   1 
HETATM 1185 C  CA  . MSE A 1 165 ? -3.933  -1.028  5.608   1.00 18.62 ? 162 MSE A CA  1 
HETATM 1186 C  C   . MSE A 1 165 ? -4.067  -0.557  7.087   1.00 18.64 ? 162 MSE A C   1 
HETATM 1187 O  O   . MSE A 1 165 ? -3.253  0.199   7.588   1.00 19.79 ? 162 MSE A O   1 
HETATM 1188 C  CB  . MSE A 1 165 ? -4.935  -0.268  4.706   1.00 17.46 ? 162 MSE A CB  1 
HETATM 1189 C  CG  . MSE A 1 165 ? -4.673  1.258   4.771   1.00 16.74 ? 162 MSE A CG  1 
HETATM 1190 SE SE  . MSE A 1 165 ? -6.067  2.201   3.772   0.85 23.36 ? 162 MSE A SE  1 
HETATM 1191 C  CE  . MSE A 1 165 ? -4.964  3.717   3.230   1.00 25.59 ? 162 MSE A CE  1 
ATOM   1192 N  N   . VAL A 1 166 ? -5.128  -0.987  7.765   1.00 18.84 ? 163 VAL A N   1 
ATOM   1193 C  CA  . VAL A 1 166 ? -5.319  -0.617  9.149   1.00 20.72 ? 163 VAL A CA  1 
ATOM   1194 C  C   . VAL A 1 166 ? -4.117  -1.080  10.028  1.00 21.16 ? 163 VAL A C   1 
ATOM   1195 O  O   . VAL A 1 166 ? -3.574  -0.291  10.825  1.00 21.52 ? 163 VAL A O   1 
ATOM   1196 C  CB  . VAL A 1 166 ? -6.615  -1.290  9.622   1.00 22.60 ? 163 VAL A CB  1 
ATOM   1197 C  CG1 . VAL A 1 166 ? -6.767  -1.117  11.155  1.00 24.52 ? 163 VAL A CG1 1 
ATOM   1198 C  CG2 . VAL A 1 166 ? -7.815  -0.637  8.925   1.00 19.65 ? 163 VAL A CG2 1 
HETATM 1199 N  N   A MSE A 1 167 ? -3.688  -2.326  9.846   0.36 21.14 ? 164 MSE A N   1 
HETATM 1200 N  N   B MSE A 1 167 ? -3.707  -2.328  9.867   0.32 21.18 ? 164 MSE A N   1 
HETATM 1201 N  N   C MSE A 1 167 ? -3.710  -2.331  9.877   0.32 21.20 ? 164 MSE A N   1 
HETATM 1202 C  CA  A MSE A 1 167 ? -2.610  -2.897  10.680  0.36 22.82 ? 164 MSE A CA  1 
HETATM 1203 C  CA  B MSE A 1 167 ? -2.629  -2.851  10.710  0.32 22.89 ? 164 MSE A CA  1 
HETATM 1204 C  CA  C MSE A 1 167 ? -2.626  -2.836  10.723  0.32 22.89 ? 164 MSE A CA  1 
HETATM 1205 C  C   A MSE A 1 167 ? -1.241  -2.285  10.447  0.36 19.95 ? 164 MSE A C   1 
HETATM 1206 C  C   B MSE A 1 167 ? -1.313  -2.116  10.479  0.32 20.15 ? 164 MSE A C   1 
HETATM 1207 C  C   C MSE A 1 167 ? -1.322  -2.083  10.484  0.32 20.17 ? 164 MSE A C   1 
HETATM 1208 O  O   A MSE A 1 167 ? -0.416  -2.222  11.358  0.36 19.19 ? 164 MSE A O   1 
HETATM 1209 O  O   B MSE A 1 167 ? -0.615  -1.759  11.436  0.32 20.86 ? 164 MSE A O   1 
HETATM 1210 O  O   C MSE A 1 167 ? -0.642  -1.684  11.438  0.32 20.74 ? 164 MSE A O   1 
HETATM 1211 C  CB  A MSE A 1 167 ? -2.495  -4.395  10.475  0.36 26.13 ? 164 MSE A CB  1 
HETATM 1212 C  CB  B MSE A 1 167 ? -2.463  -4.358  10.521  0.32 26.04 ? 164 MSE A CB  1 
HETATM 1213 C  CB  C MSE A 1 167 ? -2.438  -4.343  10.554  0.32 26.00 ? 164 MSE A CB  1 
HETATM 1214 C  CG  A MSE A 1 167 ? -3.706  -5.165  10.884  0.36 28.49 ? 164 MSE A CG  1 
HETATM 1215 C  CG  B MSE A 1 167 ? -3.690  -5.166  10.929  0.32 28.53 ? 164 MSE A CG  1 
HETATM 1216 C  CG  C MSE A 1 167 ? -3.618  -5.159  11.063  0.32 28.76 ? 164 MSE A CG  1 
HETATM 1217 SE SE  A MSE A 1 167 ? -3.607  -6.901  10.055  0.36 33.68 ? 164 MSE A SE  1 
HETATM 1218 SE SE  B MSE A 1 167 ? -3.789  -5.516  12.853  0.20 56.94 ? 164 MSE A SE  1 
HETATM 1219 SE SE  C MSE A 1 167 ? -4.192  -4.605  12.854  0.20 57.91 ? 164 MSE A SE  1 
HETATM 1220 C  CE  A MSE A 1 167 ? -1.923  -7.540  10.795  0.36 34.81 ? 164 MSE A CE  1 
HETATM 1221 C  CE  B MSE A 1 167 ? -4.088  -3.687  13.522  0.32 29.23 ? 164 MSE A CE  1 
HETATM 1222 C  CE  C MSE A 1 167 ? -2.497  -4.827  13.820  0.32 32.77 ? 164 MSE A CE  1 
ATOM   1223 N  N   . GLN A 1 168 ? -0.983  -1.873  9.217   1.00 18.91 ? 165 GLN A N   1 
ATOM   1224 C  CA  . GLN A 1 168 ? 0.249   -1.175  8.885   1.00 19.12 ? 165 GLN A CA  1 
ATOM   1225 C  C   . GLN A 1 168 ? 0.253   0.215   9.517   1.00 23.61 ? 165 GLN A C   1 
ATOM   1226 O  O   . GLN A 1 168 ? 1.259   0.601   10.157  1.00 24.55 ? 165 GLN A O   1 
ATOM   1227 C  CB  . GLN A 1 168 ? 0.465   -1.109  7.367   1.00 20.73 ? 165 GLN A CB  1 
ATOM   1228 C  CG  . GLN A 1 168 ? 0.702   -2.496  6.823   1.00 18.48 ? 165 GLN A CG  1 
ATOM   1229 C  CD  . GLN A 1 168 ? 0.708   -2.608  5.326   1.00 20.33 ? 165 GLN A CD  1 
ATOM   1230 O  OE1 . GLN A 1 168 ? 0.684   -1.597  4.621   1.00 20.50 ? 165 GLN A OE1 1 
ATOM   1231 N  NE2 . GLN A 1 168 ? 0.757   -3.835  4.815   1.00 22.60 ? 165 GLN A NE2 1 
ATOM   1232 N  N   . ALA A 1 169 ? -0.826  1.000   9.360   1.00 20.30 ? 166 ALA A N   1 
ATOM   1233 C  CA  . ALA A 1 169 ? -0.831  2.368   9.861   1.00 19.83 ? 166 ALA A CA  1 
ATOM   1234 C  C   . ALA A 1 169 ? -0.921  2.412   11.395  1.00 22.26 ? 166 ALA A C   1 
ATOM   1235 O  O   . ALA A 1 169 ? -0.639  3.459   11.980  1.00 24.27 ? 166 ALA A O   1 
ATOM   1236 C  CB  . ALA A 1 169 ? -1.995  3.172   9.239   1.00 20.92 ? 166 ALA A CB  1 
ATOM   1237 N  N   . SER A 1 170 ? -1.340  1.303   11.999  1.00 21.65 ? 167 SER A N   1 
ATOM   1238 C  CA  . SER A 1 170 ? -1.559  1.281   13.454  1.00 27.04 ? 167 SER A CA  1 
ATOM   1239 C  C   . SER A 1 170 ? -0.262  1.143   14.229  1.00 29.41 ? 167 SER A C   1 
ATOM   1240 O  O   . SER A 1 170 ? -0.235  1.427   15.437  1.00 28.65 ? 167 SER A O   1 
ATOM   1241 C  CB  . SER A 1 170 ? -2.498  0.145   13.848  1.00 27.17 ? 167 SER A CB  1 
ATOM   1242 O  OG  . SER A 1 170 ? -3.820  0.427   13.358  1.00 32.36 ? 167 SER A OG  1 
ATOM   1243 N  N   . ASP A 1 171 ? 0.799   0.719   13.562  1.00 22.16 ? 168 ASP A N   1 
ATOM   1244 C  CA  . ASP A 1 171 ? 2.117   0.684   14.217  1.00 22.43 ? 168 ASP A CA  1 
ATOM   1245 C  C   . ASP A 1 171 ? 2.618   2.122   14.343  1.00 24.49 ? 168 ASP A C   1 
ATOM   1246 O  O   . ASP A 1 171 ? 2.750   2.839   13.353  1.00 22.69 ? 168 ASP A O   1 
ATOM   1247 C  CB  . ASP A 1 171 ? 3.086   -0.137  13.392  1.00 23.33 ? 168 ASP A CB  1 
ATOM   1248 C  CG  . ASP A 1 171 ? 4.453   -0.171  14.007  1.00 27.30 ? 168 ASP A CG  1 
ATOM   1249 O  OD1 . ASP A 1 171 ? 4.630   -0.871  15.033  1.00 33.30 ? 168 ASP A OD1 1 
ATOM   1250 O  OD2 . ASP A 1 171 ? 5.364   0.490   13.495  1.00 24.42 ? 168 ASP A OD2 1 
ATOM   1251 N  N   A GLU A 1 172 ? 2.913   2.565   15.567  0.60 25.95 ? 169 GLU A N   1 
ATOM   1252 N  N   B GLU A 1 172 ? 2.913   2.549   15.566  0.40 25.95 ? 169 GLU A N   1 
ATOM   1253 C  CA  A GLU A 1 172 ? 3.312   3.971   15.775  0.60 25.09 ? 169 GLU A CA  1 
ATOM   1254 C  CA  B GLU A 1 172 ? 3.294   3.945   15.788  0.40 25.23 ? 169 GLU A CA  1 
ATOM   1255 C  C   A GLU A 1 172 ? 4.542   4.379   14.976  0.60 23.44 ? 169 GLU A C   1 
ATOM   1256 C  C   B GLU A 1 172 ? 4.536   4.374   15.000  0.40 23.49 ? 169 GLU A C   1 
ATOM   1257 O  O   A GLU A 1 172 ? 4.588   5.469   14.379  0.60 22.97 ? 169 GLU A O   1 
ATOM   1258 O  O   B GLU A 1 172 ? 4.567   5.470   14.422  0.40 23.11 ? 169 GLU A O   1 
ATOM   1259 C  CB  A GLU A 1 172 ? 3.558   4.248   17.274  0.60 28.99 ? 169 GLU A CB  1 
ATOM   1260 C  CB  B GLU A 1 172 ? 3.486   4.207   17.289  0.40 29.00 ? 169 GLU A CB  1 
ATOM   1261 C  CG  A GLU A 1 172 ? 3.507   5.730   17.687  0.60 30.98 ? 169 GLU A CG  1 
ATOM   1262 C  CG  B GLU A 1 172 ? 2.389   3.614   18.166  0.40 35.82 ? 169 GLU A CG  1 
ATOM   1263 C  CD  A GLU A 1 172 ? 4.791   6.499   17.376  0.60 34.92 ? 169 GLU A CD  1 
ATOM   1264 C  CD  B GLU A 1 172 ? 1.052   4.292   17.984  0.40 45.82 ? 169 GLU A CD  1 
ATOM   1265 O  OE1 A GLU A 1 172 ? 4.713   7.743   17.245  0.60 32.97 ? 169 GLU A OE1 1 
ATOM   1266 O  OE1 B GLU A 1 172 ? 1.054   5.528   17.839  0.40 46.80 ? 169 GLU A OE1 1 
ATOM   1267 O  OE2 A GLU A 1 172 ? 5.870   5.871   17.262  0.60 37.74 ? 169 GLU A OE2 1 
ATOM   1268 O  OE2 B GLU A 1 172 ? 0.004   3.599   17.994  0.40 32.01 ? 169 GLU A OE2 1 
ATOM   1269 N  N   . GLN A 1 173 ? 5.559   3.522   14.965  1.00 21.79 ? 170 GLN A N   1 
ATOM   1270 C  CA  . GLN A 1 173 ? 6.788   3.879   14.255  1.00 23.95 ? 170 GLN A CA  1 
ATOM   1271 C  C   . GLN A 1 173 ? 6.544   3.980   12.756  1.00 23.68 ? 170 GLN A C   1 
ATOM   1272 O  O   . GLN A 1 173 ? 6.969   4.931   12.118  1.00 23.30 ? 170 GLN A O   1 
ATOM   1273 C  CB  . GLN A 1 173 ? 7.970   2.965   14.607  1.00 27.84 ? 170 GLN A CB  1 
ATOM   1274 C  CG  . GLN A 1 173 ? 8.616   3.389   15.993  1.00 35.01 ? 170 GLN A CG  1 
ATOM   1275 C  CD  . GLN A 1 173 ? 9.339   4.799   15.996  1.00 45.05 ? 170 GLN A CD  1 
ATOM   1276 O  OE1 . GLN A 1 173 ? 10.422  4.962   15.418  1.00 48.69 ? 170 GLN A OE1 1 
ATOM   1277 N  NE2 . GLN A 1 173 ? 8.743   5.787   16.682  1.00 43.05 ? 170 GLN A NE2 1 
ATOM   1278 N  N   . ALA A 1 174 ? 5.826   3.005   12.195  1.00 22.36 ? 171 ALA A N   1 
ATOM   1279 C  CA  . ALA A 1 174 ? 5.544   3.064   10.755  1.00 20.68 ? 171 ALA A CA  1 
ATOM   1280 C  C   . ALA A 1 174 ? 4.699   4.285   10.425  1.00 20.45 ? 171 ALA A C   1 
ATOM   1281 O  O   . ALA A 1 174 ? 4.924   4.940   9.424   1.00 19.04 ? 171 ALA A O   1 
ATOM   1282 C  CB  . ALA A 1 174 ? 4.840   1.774   10.285  1.00 20.69 ? 171 ALA A CB  1 
ATOM   1283 N  N   . ARG A 1 175 ? 3.722   4.614   11.284  1.00 17.93 ? 172 ARG A N   1 
ATOM   1284 C  CA  . ARG A 1 175 ? 2.875   5.752   10.998  1.00 19.77 ? 172 ARG A CA  1 
ATOM   1285 C  C   . ARG A 1 175 ? 3.689   7.044   11.031  1.00 20.42 ? 172 ARG A C   1 
ATOM   1286 O  O   . ARG A 1 175 ? 3.518   7.915   10.152  1.00 21.67 ? 172 ARG A O   1 
ATOM   1287 C  CB  . ARG A 1 175 ? 1.716   5.779   11.988  1.00 23.97 ? 172 ARG A CB  1 
ATOM   1288 C  CG  . ARG A 1 175 ? 0.776   6.992   11.776  1.00 29.17 ? 172 ARG A CG  1 
ATOM   1289 C  CD  . ARG A 1 175 ? -0.550  6.816   12.529  1.00 25.37 ? 172 ARG A CD  1 
ATOM   1290 N  NE  . ARG A 1 175 ? -0.384  6.970   13.983  1.00 31.13 ? 172 ARG A NE  1 
ATOM   1291 C  CZ  . ARG A 1 175 ? -0.337  5.986   14.888  1.00 30.96 ? 172 ARG A CZ  1 
ATOM   1292 N  NH1 . ARG A 1 175 ? -0.391  4.690   14.584  1.00 29.08 ? 172 ARG A NH1 1 
ATOM   1293 N  NH2 . ARG A 1 175 ? -0.195  6.317   16.169  1.00 43.14 ? 172 ARG A NH2 1 
ATOM   1294 N  N   . GLU A 1 176 ? 4.616   7.163   11.999  1.00 20.41 ? 173 GLU A N   1 
ATOM   1295 C  CA  . GLU A 1 176 ? 5.483   8.342   11.985  1.00 19.55 ? 173 GLU A CA  1 
ATOM   1296 C  C   . GLU A 1 176 ? 6.311   8.451   10.728  1.00 19.24 ? 173 GLU A C   1 
ATOM   1297 O  O   . GLU A 1 176 ? 6.485   9.544   10.154  1.00 20.31 ? 173 GLU A O   1 
ATOM   1298 C  CB  . GLU A 1 176 ? 6.484   8.342   13.160  1.00 26.99 ? 173 GLU A CB  1 
ATOM   1299 C  CG  . GLU A 1 176 ? 5.975   9.031   14.343  1.00 33.75 ? 173 GLU A CG  1 
ATOM   1300 C  CD  . GLU A 1 176 ? 7.075   9.365   15.304  1.00 39.13 ? 173 GLU A CD  1 
ATOM   1301 O  OE1 . GLU A 1 176 ? 7.172   8.659   16.335  1.00 40.11 ? 173 GLU A OE1 1 
ATOM   1302 O  OE2 . GLU A 1 176 ? 7.808   10.358  15.049  1.00 33.83 ? 173 GLU A OE2 1 
ATOM   1303 N  N   A ARG A 1 177 ? 6.829   7.309   10.284  0.50 19.19 ? 174 ARG A N   1 
ATOM   1304 N  N   B ARG A 1 177 ? 6.839   7.321   10.251  0.50 19.08 ? 174 ARG A N   1 
ATOM   1305 C  CA  A ARG A 1 177 ? 7.633   7.271   9.083   0.50 19.38 ? 174 ARG A CA  1 
ATOM   1306 C  CA  B ARG A 1 177 ? 7.645   7.355   9.036   0.50 19.54 ? 174 ARG A CA  1 
ATOM   1307 C  C   A ARG A 1 177 ? 6.772   7.718   7.880   0.50 19.28 ? 174 ARG A C   1 
ATOM   1308 C  C   B ARG A 1 177 ? 6.796   7.682   7.809   0.50 19.12 ? 174 ARG A C   1 
ATOM   1309 O  O   A ARG A 1 177 ? 7.180   8.554   7.092   0.50 19.95 ? 174 ARG A O   1 
ATOM   1310 O  O   B ARG A 1 177 ? 7.264   8.362   6.903   0.50 20.92 ? 174 ARG A O   1 
ATOM   1311 C  CB  A ARG A 1 177 ? 8.239   5.869   8.896   0.50 20.60 ? 174 ARG A CB  1 
ATOM   1312 C  CB  B ARG A 1 177 ? 8.422   6.053   8.817   0.50 21.54 ? 174 ARG A CB  1 
ATOM   1313 C  CG  A ARG A 1 177 ? 9.085   5.416   10.119  0.50 20.91 ? 174 ARG A CG  1 
ATOM   1314 C  CG  B ARG A 1 177 ? 9.673   5.968   9.685   0.50 19.03 ? 174 ARG A CG  1 
ATOM   1315 C  CD  A ARG A 1 177 ? 9.788   4.090   9.844   0.50 25.39 ? 174 ARG A CD  1 
ATOM   1316 C  CD  B ARG A 1 177 ? 10.308  4.580   9.591   0.50 21.32 ? 174 ARG A CD  1 
ATOM   1317 N  NE  A ARG A 1 177 ? 10.544  3.607   11.001  0.50 34.97 ? 174 ARG A NE  1 
ATOM   1318 N  NE  B ARG A 1 177 ? 11.084  4.283   10.796  0.50 31.71 ? 174 ARG A NE  1 
ATOM   1319 C  CZ  A ARG A 1 177 ? 10.270  2.505   11.703  0.50 48.44 ? 174 ARG A CZ  1 
ATOM   1320 C  CZ  B ARG A 1 177 ? 12.181  4.942   11.170  0.50 51.65 ? 174 ARG A CZ  1 
ATOM   1321 N  NH1 A ARG A 1 177 ? 9.245   1.704   11.384  0.50 17.91 ? 174 ARG A NH1 1 
ATOM   1322 N  NH1 B ARG A 1 177 ? 12.641  5.943   10.439  0.50 36.01 ? 174 ARG A NH1 1 
ATOM   1323 N  NH2 A ARG A 1 177 ? 11.042  2.202   12.741  0.50 46.71 ? 174 ARG A NH2 1 
ATOM   1324 N  NH2 B ARG A 1 177 ? 12.819  4.607   12.281  0.50 48.83 ? 174 ARG A NH2 1 
ATOM   1325 N  N   . LEU A 1 178 ? 5.550   7.196   7.778   1.00 18.40 ? 175 LEU A N   1 
ATOM   1326 C  CA  . LEU A 1 178 ? 4.653   7.607   6.680   1.00 19.11 ? 175 LEU A CA  1 
ATOM   1327 C  C   . LEU A 1 178 ? 4.294   9.088   6.751   1.00 18.38 ? 175 LEU A C   1 
ATOM   1328 O  O   . LEU A 1 178 ? 4.317   9.772   5.716   1.00 21.73 ? 175 LEU A O   1 
ATOM   1329 C  CB  . LEU A 1 178 ? 3.389   6.715   6.716   1.00 18.51 ? 175 LEU A CB  1 
ATOM   1330 C  CG  . LEU A 1 178 ? 3.643   5.304   6.207   1.00 18.33 ? 175 LEU A CG  1 
ATOM   1331 C  CD1 . LEU A 1 178 ? 2.460   4.375   6.665   1.00 20.43 ? 175 LEU A CD1 1 
ATOM   1332 C  CD2 . LEU A 1 178 ? 3.881   5.214   4.687   1.00 17.97 ? 175 LEU A CD2 1 
ATOM   1333 N  N   A LEU A 1 179 ? 3.992   9.591   7.955   0.70 17.68 ? 176 LEU A N   1 
ATOM   1334 N  N   B LEU A 1 179 ? 4.000   9.585   7.962   0.30 17.77 ? 176 LEU A N   1 
ATOM   1335 C  CA  A LEU A 1 179 ? 3.575   10.964  8.113   0.70 18.72 ? 176 LEU A CA  1 
ATOM   1336 C  CA  B LEU A 1 179 ? 3.602   10.976  8.186   0.30 18.90 ? 176 LEU A CA  1 
ATOM   1337 C  C   A LEU A 1 179 ? 4.720   11.906  7.688   0.70 20.39 ? 176 LEU A C   1 
ATOM   1338 C  C   B LEU A 1 179 ? 4.724   11.959  7.869   0.30 19.70 ? 176 LEU A C   1 
ATOM   1339 O  O   A LEU A 1 179 ? 4.484   12.987  7.140   0.70 24.67 ? 176 LEU A O   1 
ATOM   1340 O  O   B LEU A 1 179 ? 4.464   13.151  7.621   0.30 20.84 ? 176 LEU A O   1 
ATOM   1341 C  CB  A LEU A 1 179 ? 3.226   11.189  9.573   0.70 21.08 ? 176 LEU A CB  1 
ATOM   1342 C  CB  B LEU A 1 179 ? 3.204   11.191  9.647   0.30 21.02 ? 176 LEU A CB  1 
ATOM   1343 C  CG  A LEU A 1 179 ? 2.787   12.559  10.032  0.70 24.77 ? 176 LEU A CG  1 
ATOM   1344 C  CG  B LEU A 1 179 ? 1.795   10.843  10.119  0.30 21.79 ? 176 LEU A CG  1 
ATOM   1345 C  CD1 A LEU A 1 179 ? 1.430   12.922  9.395   0.70 23.94 ? 176 LEU A CD1 1 
ATOM   1346 C  CD1 B LEU A 1 179 ? 1.714   10.921  11.619  0.30 19.95 ? 176 LEU A CD1 1 
ATOM   1347 C  CD2 A LEU A 1 179 ? 2.712   12.526  11.543  0.70 21.72 ? 176 LEU A CD2 1 
ATOM   1348 C  CD2 B LEU A 1 179 ? 0.780   11.782  9.507   0.30 21.82 ? 176 LEU A CD2 1 
ATOM   1349 N  N   . ASN A 1 180 ? 5.964   11.463  7.903   1.00 19.09 ? 177 ASN A N   1 
ATOM   1350 C  CA  . ASN A 1 180 ? 7.150   12.302  7.644   1.00 18.15 ? 177 ASN A CA  1 
ATOM   1351 C  C   . ASN A 1 180 ? 7.925   11.961  6.383   1.00 23.83 ? 177 ASN A C   1 
ATOM   1352 O  O   . ASN A 1 180 ? 9.032   12.486  6.140   1.00 23.92 ? 177 ASN A O   1 
ATOM   1353 C  CB  . ASN A 1 180 ? 8.082   12.176  8.856   1.00 19.79 ? 177 ASN A CB  1 
ATOM   1354 C  CG  . ASN A 1 180 ? 7.564   12.974  10.056  1.00 19.16 ? 177 ASN A CG  1 
ATOM   1355 O  OD1 . ASN A 1 180 ? 7.740   14.197  10.116  1.00 21.21 ? 177 ASN A OD1 1 
ATOM   1356 N  ND2 . ASN A 1 180 ? 6.944   12.292  11.005  1.00 19.28 ? 177 ASN A ND2 1 
ATOM   1357 N  N   . TYR A 1 181 ? 7.387   11.051  5.567   1.00 19.13 ? 178 TYR A N   1 
ATOM   1358 C  CA  . TYR A 1 181 ? 8.133   10.556  4.440   1.00 20.11 ? 178 TYR A CA  1 
ATOM   1359 C  C   . TYR A 1 181 ? 8.444   11.654  3.406   1.00 24.33 ? 178 TYR A C   1 
ATOM   1360 O  O   . TYR A 1 181 ? 9.580   11.795  2.944   1.00 24.84 ? 178 TYR A O   1 
ATOM   1361 C  CB  . TYR A 1 181 ? 7.325   9.405   3.780   1.00 19.93 ? 178 TYR A CB  1 
ATOM   1362 C  CG  . TYR A 1 181 ? 7.886   9.026   2.423   1.00 18.44 ? 178 TYR A CG  1 
ATOM   1363 C  CD1 . TYR A 1 181 ? 9.130   8.430   2.322   1.00 18.52 ? 178 TYR A CD1 1 
ATOM   1364 C  CD2 . TYR A 1 181 ? 7.189   9.312   1.236   1.00 21.32 ? 178 TYR A CD2 1 
ATOM   1365 C  CE1 . TYR A 1 181 ? 9.667   8.056   1.072   1.00 19.42 ? 178 TYR A CE1 1 
ATOM   1366 C  CE2 . TYR A 1 181 ? 7.702   8.971   0.006   1.00 19.28 ? 178 TYR A CE2 1 
ATOM   1367 C  CZ  . TYR A 1 181 ? 8.948   8.348   -0.088  1.00 20.70 ? 178 TYR A CZ  1 
ATOM   1368 O  OH  . TYR A 1 181 ? 9.434   8.032   -1.323  1.00 23.72 ? 178 TYR A OH  1 
ATOM   1369 N  N   A CYS A 1 182 ? 7.449   12.472  3.108   0.60 21.11 ? 179 CYS A N   1 
ATOM   1370 N  N   B CYS A 1 182 ? 7.463   12.442  2.995   0.40 21.42 ? 179 CYS A N   1 
ATOM   1371 C  CA  A CYS A 1 182 ? 7.577   13.445  2.036   0.60 24.01 ? 179 CYS A CA  1 
ATOM   1372 C  CA  B CYS A 1 182 ? 7.786   13.362  1.913   0.40 24.67 ? 179 CYS A CA  1 
ATOM   1373 C  C   A CYS A 1 182 ? 8.526   14.589  2.359   0.60 25.76 ? 179 CYS A C   1 
ATOM   1374 C  C   B CYS A 1 182 ? 8.746   14.446  2.369   0.40 26.50 ? 179 CYS A C   1 
ATOM   1375 O  O   A CYS A 1 182 ? 9.119   15.210  1.468   0.60 29.48 ? 179 CYS A O   1 
ATOM   1376 O  O   B CYS A 1 182 ? 9.553   14.907  1.561   0.40 26.51 ? 179 CYS A O   1 
ATOM   1377 C  CB  A CYS A 1 182 ? 6.213   13.981  1.681   0.60 15.62 ? 179 CYS A CB  1 
ATOM   1378 C  CB  B CYS A 1 182 ? 6.568   13.996  1.254   0.40 20.64 ? 179 CYS A CB  1 
ATOM   1379 S  SG  A CYS A 1 182 ? 5.354   12.710  0.656   0.60 17.54 ? 179 CYS A SG  1 
ATOM   1380 S  SG  B CYS A 1 182 ? 5.370   14.622  2.389   0.40 49.63 ? 179 CYS A SG  1 
ATOM   1381 N  N   . GLN A 1 183 ? 8.670   14.839  3.644   1.00 23.49 ? 180 GLN A N   1 
ATOM   1382 C  CA  . GLN A 1 183 ? 9.588   15.886  4.141   1.00 22.18 ? 180 GLN A CA  1 
ATOM   1383 C  C   . GLN A 1 183 ? 10.981  15.374  4.494   1.00 25.91 ? 180 GLN A C   1 
ATOM   1384 O  O   . GLN A 1 183 ? 11.863  16.179  4.853   1.00 36.54 ? 180 GLN A O   1 
ATOM   1385 C  CB  . GLN A 1 183 ? 8.975   16.603  5.360   1.00 23.53 ? 180 GLN A CB  1 
ATOM   1386 C  CG  . GLN A 1 183 ? 7.774   17.528  4.999   1.00 28.68 ? 180 GLN A CG  1 
ATOM   1387 C  CD  . GLN A 1 183 ? 7.415   18.495  6.128   1.00 20.40 ? 180 GLN A CD  1 
ATOM   1388 O  OE1 . GLN A 1 183 ? 7.790   18.268  7.306   1.00 22.36 ? 180 GLN A OE1 1 
ATOM   1389 N  NE2 . GLN A 1 183 ? 6.771   19.604  5.775   1.00 29.17 ? 180 GLN A NE2 1 
ATOM   1390 N  N   . ARG A 1 184 ? 11.206  14.063  4.385   1.00 26.67 ? 181 ARG A N   1 
ATOM   1391 C  CA  . ARG A 1 184 ? 12.551  13.463  4.518   1.00 29.09 ? 181 ARG A CA  1 
ATOM   1392 C  C   . ARG A 1 184 ? 13.201  13.671  5.884   1.00 25.41 ? 181 ARG A C   1 
ATOM   1393 O  O   . ARG A 1 184 ? 14.345  13.314  6.110   1.00 30.21 ? 181 ARG A O   1 
ATOM   1394 C  CB  . ARG A 1 184 ? 13.508  14.007  3.455   1.00 31.68 ? 181 ARG A CB  1 
ATOM   1395 C  CG  . ARG A 1 184 ? 12.986  13.831  2.021   1.00 31.15 ? 181 ARG A CG  1 
ATOM   1396 C  CD  . ARG A 1 184 ? 14.017  14.323  1.018   1.00 41.75 ? 181 ARG A CD  1 
ATOM   1397 N  NE  . ARG A 1 184 ? 13.433  14.417  -0.315  1.00 65.04 ? 181 ARG A NE  1 
ATOM   1398 C  CZ  . ARG A 1 184 ? 13.508  13.455  -1.229  1.00 70.78 ? 181 ARG A CZ  1 
ATOM   1399 N  NH1 . ARG A 1 184 ? 12.934  13.630  -2.416  1.00 55.62 ? 181 ARG A NH1 1 
ATOM   1400 N  NH2 . ARG A 1 184 ? 14.167  12.326  -0.963  1.00 48.47 ? 181 ARG A NH2 1 
ATOM   1401 O  OXT . ARG A 1 184 ? 12.065  13.828  6.994   1.00 23.57 ? 181 ARG A OXT 1 
HETATM 1402 O  O   . HOH B 2 .   ? 14.654  -2.602  5.635   1.00 49.03 ? 182 HOH A O   1 
HETATM 1403 O  O   . HOH B 2 .   ? 12.053  -8.286  9.849   1.00 52.09 ? 183 HOH A O   1 
HETATM 1404 O  O   . HOH B 2 .   ? 13.345  8.896   1.813   1.00 45.71 ? 184 HOH A O   1 
HETATM 1405 O  O   . HOH B 2 .   ? -11.862 -3.520  -16.423 1.00 49.08 ? 185 HOH A O   1 
HETATM 1406 O  O   . HOH B 2 .   ? -3.490  -12.319 -3.522  1.00 64.32 ? 186 HOH A O   1 
HETATM 1407 O  O   . HOH B 2 .   ? -8.738  -25.994 10.007  1.00 50.83 ? 187 HOH A O   1 
HETATM 1408 O  O   . HOH B 2 .   ? -8.177  2.347   18.305  1.00 60.47 ? 188 HOH A O   1 
HETATM 1409 O  O   . HOH B 2 .   ? 10.872  16.985  0.956   1.00 47.44 ? 189 HOH A O   1 
HETATM 1410 O  O   . HOH B 2 .   ? 5.301   -15.359 -1.958  1.00 48.67 ? 190 HOH A O   1 
HETATM 1411 O  O   . HOH B 2 .   ? -12.795 -13.017 -9.653  1.00 57.31 ? 191 HOH A O   1 
HETATM 1412 O  O   . HOH B 2 .   ? 15.374  5.892   -1.013  1.00 55.74 ? 192 HOH A O   1 
HETATM 1413 O  O   . HOH B 2 .   ? 13.339  -8.805  -12.321 1.00 54.94 ? 193 HOH A O   1 
HETATM 1414 O  O   . HOH B 2 .   ? -7.346  -9.901  -17.364 1.00 52.71 ? 194 HOH A O   1 
HETATM 1415 O  O   . HOH B 2 .   ? -4.524  -14.481 -7.640  1.00 57.25 ? 195 HOH A O   1 
HETATM 1416 O  O   . HOH B 2 .   ? -4.542  -9.661  -1.040  1.00 58.93 ? 196 HOH A O   1 
HETATM 1417 O  O   . HOH B 2 .   ? 15.455  0.255   -11.228 1.00 63.34 ? 197 HOH A O   1 
HETATM 1418 O  O   . HOH B 2 .   ? -5.770  -1.690  15.096  1.00 59.04 ? 198 HOH A O   1 
HETATM 1419 O  O   . HOH B 2 .   ? -1.696  3.684   20.419  1.00 64.94 ? 199 HOH A O   1 
HETATM 1420 O  O   . HOH B 2 .   ? 14.435  -8.730  -1.798  1.00 45.00 ? 200 HOH A O   1 
HETATM 1421 O  O   . HOH B 2 .   ? -0.922  14.676  3.264   1.00 42.59 ? 201 HOH A O   1 
HETATM 1422 O  O   . HOH B 2 .   ? 0.159   12.413  2.989   1.00 42.13 ? 202 HOH A O   1 
HETATM 1423 O  O   . HOH B 2 .   ? 12.393  3.293   -9.286  1.00 54.89 ? 203 HOH A O   1 
HETATM 1424 O  O   . HOH B 2 .   ? -6.863  -3.899  13.252  1.00 51.75 ? 204 HOH A O   1 
HETATM 1425 O  O   . HOH B 2 .   ? -19.112 2.946   -6.729  1.00 46.14 ? 205 HOH A O   1 
HETATM 1426 O  O   . HOH B 2 .   ? -4.178  6.446   18.092  1.00 50.95 ? 206 HOH A O   1 
HETATM 1427 O  O   . HOH B 2 .   ? 14.418  -2.619  11.316  1.00 57.38 ? 207 HOH A O   1 
HETATM 1428 O  O   . HOH B 2 .   ? 1.606   -17.181 2.618   1.00 59.08 ? 208 HOH A O   1 
HETATM 1429 O  O   . HOH B 2 .   ? 14.013  -7.294  7.824   1.00 58.23 ? 209 HOH A O   1 
HETATM 1430 O  O   . HOH B 2 .   ? 2.187   -13.412 10.308  1.00 51.14 ? 210 HOH A O   1 
HETATM 1431 O  O   . HOH B 2 .   ? 19.316  -8.837  -6.657  1.00 58.95 ? 211 HOH A O   1 
HETATM 1432 O  O   . HOH B 2 .   ? -5.392  -20.642 4.096   1.00 66.82 ? 212 HOH A O   1 
HETATM 1433 O  O   . HOH B 2 .   ? -9.947  7.574   18.360  1.00 60.75 ? 213 HOH A O   1 
HETATM 1434 O  O   . HOH B 2 .   ? -12.581 -15.159 -5.129  1.00 53.91 ? 214 HOH A O   1 
HETATM 1435 O  O   . HOH B 2 .   ? 11.135  7.428   -15.947 1.00 57.33 ? 215 HOH A O   1 
HETATM 1436 O  O   . HOH B 2 .   ? 19.974  -6.615  -5.516  1.00 65.97 ? 216 HOH A O   1 
HETATM 1437 O  O   . HOH B 2 .   ? 0.695   -6.212  13.122  1.00 55.22 ? 217 HOH A O   1 
HETATM 1438 O  O   . HOH B 2 .   ? -6.253  8.277   19.014  1.00 64.49 ? 218 HOH A O   1 
HETATM 1439 O  O   . HOH B 2 .   ? 1.519   6.450   21.590  1.00 65.75 ? 219 HOH A O   1 
HETATM 1440 O  O   . HOH B 2 .   ? 11.308  -13.678 -4.595  1.00 50.93 ? 220 HOH A O   1 
HETATM 1441 O  O   . HOH B 2 .   ? 1.529   16.355  -7.149  1.00 48.61 ? 221 HOH A O   1 
HETATM 1442 O  O   . HOH B 2 .   ? -1.634  -0.756  17.780  1.00 63.25 ? 222 HOH A O   1 
HETATM 1443 O  O   . HOH B 2 .   ? 12.565  1.019   8.517   1.00 53.58 ? 223 HOH A O   1 
HETATM 1444 O  O   . HOH B 2 .   ? -7.823  11.177  -8.741  1.00 47.87 ? 224 HOH A O   1 
HETATM 1445 O  O   . HOH B 2 .   ? -6.617  9.760   -13.540 1.00 51.96 ? 225 HOH A O   1 
HETATM 1446 O  O   . HOH B 2 .   ? 12.564  -0.213  -13.788 1.00 56.60 ? 226 HOH A O   1 
HETATM 1447 O  O   . HOH B 2 .   ? 12.616  1.906   -11.687 1.00 57.27 ? 227 HOH A O   1 
HETATM 1448 O  O   . HOH B 2 .   ? -4.265  -3.453  -3.445  1.00 17.72 ? 228 HOH A O   1 
HETATM 1449 O  O   . HOH B 2 .   ? -2.251  -4.159  -5.090  1.00 17.42 ? 229 HOH A O   1 
HETATM 1450 O  O   . HOH B 2 .   ? -3.156  -0.851  -6.771  1.00 18.31 ? 230 HOH A O   1 
HETATM 1451 O  O   . HOH B 2 .   ? -5.302  -1.618  -5.184  1.00 17.93 ? 231 HOH A O   1 
HETATM 1452 O  O   . HOH B 2 .   ? -13.460 -0.724  1.567   1.00 19.81 ? 232 HOH A O   1 
HETATM 1453 O  O   . HOH B 2 .   ? -3.261  -2.548  -0.957  1.00 18.48 ? 233 HOH A O   1 
HETATM 1454 O  O   . HOH B 2 .   ? 6.915   1.673   -11.147 1.00 20.56 ? 234 HOH A O   1 
HETATM 1455 O  O   . HOH B 2 .   ? -19.087 0.116   -6.672  1.00 22.74 ? 235 HOH A O   1 
HETATM 1456 O  O   . HOH B 2 .   ? -14.323 -3.198  -11.119 1.00 23.62 ? 236 HOH A O   1 
HETATM 1457 O  O   . HOH B 2 .   ? 6.428   12.710  13.938  1.00 23.32 ? 237 HOH A O   1 
HETATM 1458 O  O   . HOH B 2 .   ? -3.777  11.475  -10.605 1.00 25.82 ? 238 HOH A O   1 
HETATM 1459 O  O   . HOH B 2 .   ? 4.757   11.957  4.110   1.00 25.69 ? 239 HOH A O   1 
HETATM 1460 O  O   . HOH B 2 .   ? 11.434  10.655  6.239   1.00 24.68 ? 240 HOH A O   1 
HETATM 1461 O  O   . HOH B 2 .   ? 9.240   2.927   -11.613 1.00 23.29 ? 241 HOH A O   1 
HETATM 1462 O  O   . HOH B 2 .   ? -1.425  11.399  -12.018 1.00 30.63 ? 242 HOH A O   1 
HETATM 1463 O  O   . HOH B 2 .   ? 6.189   14.422  5.220   1.00 25.95 ? 243 HOH A O   1 
HETATM 1464 O  O   . HOH B 2 .   ? -12.643 -1.574  -12.506 1.00 28.04 ? 244 HOH A O   1 
HETATM 1465 O  O   . HOH B 2 .   ? -5.857  -4.065  -6.707  1.00 21.96 ? 245 HOH A O   1 
HETATM 1466 O  O   . HOH B 2 .   ? 0.808   10.495  -10.540 1.00 28.62 ? 246 HOH A O   1 
HETATM 1467 O  O   . HOH B 2 .   ? 9.822   8.886   17.111  1.00 30.36 ? 247 HOH A O   1 
HETATM 1468 O  O   . HOH B 2 .   ? -4.881  -8.051  -14.871 1.00 25.71 ? 248 HOH A O   1 
HETATM 1469 O  O   . HOH B 2 .   ? -16.510 2.370   13.966  1.00 30.85 ? 249 HOH A O   1 
HETATM 1470 O  O   . HOH B 2 .   ? 4.764   -15.399 -11.883 1.00 31.29 ? 250 HOH A O   1 
HETATM 1471 O  O   . HOH B 2 .   ? -10.443 -3.665  8.095   1.00 30.55 ? 251 HOH A O   1 
HETATM 1472 O  O   . HOH B 2 .   ? 10.682  -4.527  -11.807 1.00 30.18 ? 252 HOH A O   1 
HETATM 1473 O  O   . HOH B 2 .   ? -6.648  -11.105 -5.622  1.00 30.95 ? 253 HOH A O   1 
HETATM 1474 O  O   . HOH B 2 .   ? 1.286   -20.604 8.840   1.00 36.49 ? 254 HOH A O   1 
HETATM 1475 O  O   . HOH B 2 .   ? -4.061  -5.958  -7.424  1.00 29.43 ? 255 HOH A O   1 
HETATM 1476 O  O   . HOH B 2 .   ? -0.843  13.915  -8.239  1.00 32.14 ? 256 HOH A O   1 
HETATM 1477 O  O   . HOH B 2 .   ? 13.017  -2.965  -12.031 1.00 37.38 ? 257 HOH A O   1 
HETATM 1478 O  O   . HOH B 2 .   ? -1.254  -1.388  -16.948 1.00 31.82 ? 258 HOH A O   1 
HETATM 1479 O  O   . HOH B 2 .   ? -0.263  -7.003  -6.724  1.00 29.84 ? 259 HOH A O   1 
HETATM 1480 O  O   . HOH B 2 .   ? -7.683  12.393  -6.344  1.00 27.71 ? 260 HOH A O   1 
HETATM 1481 O  O   . HOH B 2 .   ? 9.784   19.821  8.194   1.00 24.80 ? 261 HOH A O   1 
HETATM 1482 O  O   . HOH B 2 .   ? 2.255   1.033   17.887  1.00 34.65 ? 262 HOH A O   1 
HETATM 1483 O  O   . HOH B 2 .   ? 11.903  -6.884  6.078   1.00 36.96 ? 263 HOH A O   1 
HETATM 1484 O  O   . HOH B 2 .   ? 7.965   -0.386  13.066  1.00 31.40 ? 264 HOH A O   1 
HETATM 1485 O  O   . HOH B 2 .   ? 3.896   13.246  -8.246  1.00 35.90 ? 265 HOH A O   1 
HETATM 1486 O  O   . HOH B 2 .   ? -14.320 -4.563  6.955   1.00 34.07 ? 266 HOH A O   1 
HETATM 1487 O  O   . HOH B 2 .   ? 14.061  4.006   -5.218  1.00 37.98 ? 267 HOH A O   1 
HETATM 1488 O  O   . HOH B 2 .   ? -10.019 2.408   -12.852 1.00 31.54 ? 268 HOH A O   1 
HETATM 1489 O  O   . HOH B 2 .   ? 9.502   -2.641  11.600  1.00 31.94 ? 269 HOH A O   1 
HETATM 1490 O  O   . HOH B 2 .   ? -8.270  15.942  3.714   1.00 35.92 ? 270 HOH A O   1 
HETATM 1491 O  O   . HOH B 2 .   ? 4.002   11.573  -16.922 1.00 41.42 ? 271 HOH A O   1 
HETATM 1492 O  O   . HOH B 2 .   ? -7.106  -4.989  10.793  1.00 38.98 ? 272 HOH A O   1 
HETATM 1493 O  O   . HOH B 2 .   ? 8.434   -8.423  7.417   1.00 29.85 ? 273 HOH A O   1 
HETATM 1494 O  O   . HOH B 2 .   ? -10.425 9.599   14.177  1.00 31.69 ? 274 HOH A O   1 
HETATM 1495 O  O   . HOH B 2 .   ? -17.715 4.527   -4.732  1.00 42.35 ? 275 HOH A O   1 
HETATM 1496 O  O   . HOH B 2 .   ? -5.651  6.730   -14.699 1.00 31.55 ? 276 HOH A O   1 
HETATM 1497 O  O   . HOH B 2 .   ? -0.471  13.948  6.404   1.00 42.79 ? 277 HOH A O   1 
HETATM 1498 O  O   . HOH B 2 .   ? 9.995   8.357   6.569   1.00 29.91 ? 278 HOH A O   1 
HETATM 1499 O  O   . HOH B 2 .   ? -16.711 3.936   -1.780  1.00 26.36 ? 279 HOH A O   1 
HETATM 1500 O  O   . HOH B 2 .   ? -4.718  9.707   -15.184 1.00 33.41 ? 280 HOH A O   1 
HETATM 1501 O  O   . HOH B 2 .   ? -8.445  -1.341  14.251  1.00 37.16 ? 281 HOH A O   1 
HETATM 1502 O  O   . HOH B 2 .   ? -4.973  -6.309  -16.897 1.00 30.23 ? 282 HOH A O   1 
HETATM 1503 O  O   . HOH B 2 .   ? -2.995  17.016  -6.228  1.00 48.46 ? 283 HOH A O   1 
HETATM 1504 O  O   . HOH B 2 .   ? -13.852 3.530   16.233  1.00 45.12 ? 284 HOH A O   1 
HETATM 1505 O  O   . HOH B 2 .   ? 8.770   -10.145 0.996   1.00 33.47 ? 285 HOH A O   1 
HETATM 1506 O  O   . HOH B 2 .   ? -4.499  12.298  11.804  1.00 33.91 ? 286 HOH A O   1 
HETATM 1507 O  O   . HOH B 2 .   ? 10.878  -7.427  -12.059 1.00 35.37 ? 287 HOH A O   1 
HETATM 1508 O  O   . HOH B 2 .   ? 0.774   -3.335  13.205  1.00 34.01 ? 288 HOH A O   1 
HETATM 1509 O  O   . HOH B 2 .   ? 11.960  10.254  3.379   1.00 32.17 ? 289 HOH A O   1 
HETATM 1510 O  O   . HOH B 2 .   ? 1.425   12.961  -9.350  1.00 37.97 ? 290 HOH A O   1 
HETATM 1511 O  O   . HOH B 2 .   ? -7.646  0.315   -17.775 1.00 38.40 ? 291 HOH A O   1 
HETATM 1512 O  O   . HOH B 2 .   ? 3.429   -7.581  12.205  1.00 36.78 ? 292 HOH A O   1 
HETATM 1513 O  O   . HOH B 2 .   ? -5.694  1.410   14.945  1.00 34.65 ? 293 HOH A O   1 
HETATM 1514 O  O   . HOH B 2 .   ? 2.908   13.964  3.362   1.00 27.34 ? 294 HOH A O   1 
HETATM 1515 O  O   . HOH B 2 .   ? -3.148  -7.274  -5.027  1.00 34.31 ? 295 HOH A O   1 
HETATM 1516 O  O   . HOH B 2 .   ? -8.716  3.178   -14.924 1.00 42.01 ? 296 HOH A O   1 
HETATM 1517 O  O   . HOH B 2 .   ? 1.859   13.262  5.866   1.00 34.97 ? 297 HOH A O   1 
HETATM 1518 O  O   . HOH B 2 .   ? 14.905  -2.317  -10.391 1.00 42.28 ? 298 HOH A O   1 
HETATM 1519 O  O   . HOH B 2 .   ? -9.961  2.131   15.942  1.00 38.21 ? 299 HOH A O   1 
HETATM 1520 O  O   . HOH B 2 .   ? -0.819  14.006  -12.916 1.00 39.27 ? 300 HOH A O   1 
HETATM 1521 O  O   . HOH B 2 .   ? -16.718 -1.772  -11.776 1.00 38.54 ? 301 HOH A O   1 
HETATM 1522 O  O   . HOH B 2 .   ? -2.850  -23.554 9.466   1.00 42.61 ? 302 HOH A O   1 
HETATM 1523 O  O   . HOH B 2 .   ? 16.248  -4.587  -6.460  1.00 42.33 ? 303 HOH A O   1 
HETATM 1524 O  O   . HOH B 2 .   ? 14.445  5.770   -9.178  1.00 45.01 ? 304 HOH A O   1 
HETATM 1525 O  O   . HOH B 2 .   ? -8.218  1.370   13.950  1.00 31.86 ? 305 HOH A O   1 
HETATM 1526 O  O   . HOH B 2 .   ? -8.435  11.322  15.137  1.00 40.43 ? 306 HOH A O   1 
HETATM 1527 O  O   . HOH B 2 .   ? -7.811  14.515  1.609   1.00 36.70 ? 307 HOH A O   1 
HETATM 1528 O  O   . HOH B 2 .   ? 14.750  1.064   -0.550  1.00 50.55 ? 308 HOH A O   1 
HETATM 1529 O  O   . HOH B 2 .   ? 12.831  4.654   6.683   1.00 42.05 ? 309 HOH A O   1 
HETATM 1530 O  O   . HOH B 2 .   ? 4.985   -5.554  14.245  1.00 54.67 ? 310 HOH A O   1 
HETATM 1531 O  O   . HOH B 2 .   ? 10.999  -9.994  2.564   1.00 34.20 ? 311 HOH A O   1 
HETATM 1532 O  O   . HOH B 2 .   ? -4.744  2.573   17.223  1.00 44.15 ? 312 HOH A O   1 
HETATM 1533 O  O   . HOH B 2 .   ? -2.550  0.949   -17.389 1.00 37.11 ? 313 HOH A O   1 
HETATM 1534 O  O   . HOH B 2 .   ? 12.390  -7.886  1.452   1.00 36.77 ? 314 HOH A O   1 
HETATM 1535 O  O   . HOH B 2 .   ? 3.908   12.392  14.999  1.00 32.01 ? 315 HOH A O   1 
HETATM 1536 O  O   . HOH B 2 .   ? -15.795 3.615   -6.357  1.00 24.61 ? 316 HOH A O   1 
HETATM 1537 O  O   . HOH B 2 .   ? 10.131  -2.067  5.027   1.00 27.56 ? 317 HOH A O   1 
HETATM 1538 O  O   . HOH B 2 .   ? -19.076 0.012   -9.470  1.00 32.71 ? 318 HOH A O   1 
HETATM 1539 O  O   . HOH B 2 .   ? -5.158  -12.227 -7.916  1.00 47.45 ? 319 HOH A O   1 
HETATM 1540 O  O   . HOH B 2 .   ? -7.343  -11.623 -8.738  1.00 35.77 ? 320 HOH A O   1 
HETATM 1541 O  O   . HOH B 2 .   ? -11.566 8.322   16.309  1.00 43.00 ? 321 HOH A O   1 
HETATM 1542 O  O   . HOH B 2 .   ? -14.089 -10.890 -7.402  1.00 34.89 ? 322 HOH A O   1 
HETATM 1543 O  O   . HOH B 2 .   ? 4.811   3.892   -16.435 1.00 36.88 ? 323 HOH A O   1 
HETATM 1544 O  O   . HOH B 2 .   ? 14.050  17.142  5.707   1.00 32.17 ? 324 HOH A O   1 
HETATM 1545 O  O   . HOH B 2 .   ? 11.288  19.818  6.465   1.00 49.09 ? 325 HOH A O   1 
HETATM 1546 O  O   . HOH B 2 .   ? 10.998  6.997   -11.722 1.00 35.75 ? 326 HOH A O   1 
HETATM 1547 O  O   . HOH B 2 .   ? 12.460  -3.621  4.398   1.00 40.89 ? 327 HOH A O   1 
HETATM 1548 O  O   . HOH B 2 .   ? 10.181  -9.881  9.060   1.00 35.29 ? 328 HOH A O   1 
HETATM 1549 O  O   . HOH B 2 .   ? -16.616 -6.924  -12.601 1.00 51.76 ? 329 HOH A O   1 
HETATM 1550 O  O   . HOH B 2 .   ? -7.041  15.348  -4.155  1.00 46.95 ? 330 HOH A O   1 
HETATM 1551 O  O   . HOH B 2 .   ? 11.877  6.693   7.844   1.00 40.72 ? 331 HOH A O   1 
HETATM 1552 O  O   . HOH B 2 .   ? -14.886 1.934   2.264   0.50 31.41 ? 332 HOH A O   1 
HETATM 1553 O  O   . HOH B 2 .   ? -9.478  -3.926  10.459  1.00 40.55 ? 333 HOH A O   1 
HETATM 1554 O  O   . HOH B 2 .   ? -6.999  -10.069 7.943   1.00 49.24 ? 334 HOH A O   1 
HETATM 1555 O  O   . HOH B 2 .   ? 14.563  -4.609  0.807   1.00 54.00 ? 335 HOH A O   1 
HETATM 1556 O  O   . HOH B 2 .   ? 8.631   9.015   19.781  1.00 46.34 ? 336 HOH A O   1 
HETATM 1557 O  O   . HOH B 2 .   ? 12.891  -11.725 1.270   1.00 37.40 ? 337 HOH A O   1 
HETATM 1558 O  O   . HOH B 2 .   ? 15.499  5.793   10.859  1.00 41.87 ? 338 HOH A O   1 
HETATM 1559 O  O   . HOH B 2 .   ? -16.963 -8.945  -11.242 1.00 49.87 ? 339 HOH A O   1 
HETATM 1560 O  O   . HOH B 2 .   ? -4.174  -9.927  -4.652  1.00 42.12 ? 340 HOH A O   1 
HETATM 1561 O  O   . HOH B 2 .   ? -9.083  15.685  7.841   1.00 41.05 ? 341 HOH A O   1 
HETATM 1562 O  O   . HOH B 2 .   ? 1.229   -19.764 6.085   1.00 48.51 ? 342 HOH A O   1 
HETATM 1563 O  O   . HOH B 2 .   ? -3.250  14.161  -9.758  1.00 39.54 ? 343 HOH A O   1 
HETATM 1564 O  O   . HOH B 2 .   ? 4.060   13.478  -12.521 1.00 46.73 ? 344 HOH A O   1 
HETATM 1565 O  O   . HOH B 2 .   ? -8.322  6.292   -14.273 1.00 41.91 ? 345 HOH A O   1 
HETATM 1566 O  O   . HOH B 2 .   ? -8.323  13.946  15.103  1.00 65.35 ? 346 HOH A O   1 
HETATM 1567 O  O   . HOH B 2 .   ? 2.840   -1.990  16.740  1.00 44.97 ? 347 HOH A O   1 
HETATM 1568 O  O   . HOH B 2 .   ? 12.787  2.427   -6.956  1.00 54.36 ? 348 HOH A O   1 
HETATM 1569 O  O   . HOH B 2 .   ? 11.318  5.452   -14.092 1.00 39.80 ? 349 HOH A O   1 
HETATM 1570 O  O   . HOH B 2 .   ? 7.229   -10.060 11.810  1.00 40.43 ? 350 HOH A O   1 
HETATM 1571 O  O   . HOH B 2 .   ? 2.704   7.584   15.329  1.00 39.56 ? 351 HOH A O   1 
HETATM 1572 O  O   . HOH B 2 .   ? -9.981  10.512  -7.699  1.00 45.35 ? 352 HOH A O   1 
HETATM 1573 O  O   . HOH B 2 .   ? -16.712 -9.017  -7.281  1.00 44.51 ? 353 HOH A O   1 
HETATM 1574 O  O   . HOH B 2 .   ? -14.508 -5.285  -12.755 1.00 44.09 ? 354 HOH A O   1 
HETATM 1575 O  O   . HOH B 2 .   ? -6.854  14.907  -6.883  1.00 46.24 ? 355 HOH A O   1 
HETATM 1576 O  O   . HOH B 2 .   ? 16.460  -10.043 -8.956  1.00 51.47 ? 356 HOH A O   1 
HETATM 1577 O  O   . HOH B 2 .   ? 11.644  -9.760  5.279   1.00 40.61 ? 357 HOH A O   1 
HETATM 1578 O  O   . HOH B 2 .   ? 1.476   14.257  -11.785 1.00 40.72 ? 358 HOH A O   1 
HETATM 1579 O  O   . HOH B 2 .   ? 6.465   19.737  2.879   1.00 43.67 ? 359 HOH A O   1 
HETATM 1580 O  O   . HOH B 2 .   ? 0.625   -2.898  15.605  1.00 46.83 ? 360 HOH A O   1 
HETATM 1581 O  O   . HOH B 2 .   ? -15.677 -12.139 -5.623  1.00 43.55 ? 361 HOH A O   1 
HETATM 1582 O  O   . HOH B 2 .   ? 14.702  -0.005  -6.269  1.00 41.06 ? 362 HOH A O   1 
HETATM 1583 O  O   . HOH B 2 .   ? 9.304   9.132   -14.589 1.00 42.12 ? 363 HOH A O   1 
HETATM 1584 O  O   . HOH B 2 .   ? 5.955   1.186   16.752  1.00 32.46 ? 364 HOH A O   1 
HETATM 1585 O  O   . HOH B 2 .   ? -9.296  12.868  -1.341  1.00 41.67 ? 365 HOH A O   1 
HETATM 1586 O  O   . HOH B 2 .   ? -7.422  -9.914  -10.954 1.00 39.77 ? 366 HOH A O   1 
HETATM 1587 O  O   . HOH B 2 .   ? 12.559  -5.671  2.108   1.00 50.15 ? 367 HOH A O   1 
HETATM 1588 O  O   . HOH B 2 .   ? -0.103  17.324  1.357   1.00 41.44 ? 368 HOH A O   1 
HETATM 1589 O  O   . HOH B 2 .   ? -17.549 5.906   -2.776  1.00 42.39 ? 369 HOH A O   1 
HETATM 1590 O  O   . HOH B 2 .   ? 15.422  6.275   -5.625  1.00 43.76 ? 370 HOH A O   1 
HETATM 1591 O  O   . HOH B 2 .   ? 5.558   17.731  1.576   1.00 44.60 ? 371 HOH A O   1 
HETATM 1592 O  O   . HOH B 2 .   ? -9.921  -3.240  13.056  1.00 45.04 ? 372 HOH A O   1 
HETATM 1593 O  O   . HOH B 2 .   ? -3.432  8.706   16.707  1.00 48.07 ? 373 HOH A O   1 
HETATM 1594 O  O   . HOH B 2 .   ? -1.503  -8.458  2.287   1.00 58.99 ? 374 HOH A O   1 
HETATM 1595 O  O   . HOH B 2 .   ? 6.689   -2.519  15.636  1.00 43.15 ? 375 HOH A O   1 
HETATM 1596 O  O   . HOH B 2 .   ? -1.655  -9.267  -3.599  1.00 46.45 ? 376 HOH A O   1 
HETATM 1597 O  O   . HOH B 2 .   ? -0.356  10.224  13.499  1.00 47.35 ? 377 HOH A O   1 
HETATM 1598 O  O   . HOH B 2 .   ? 14.659  -9.604  4.758   1.00 47.17 ? 378 HOH A O   1 
HETATM 1599 O  O   . HOH B 2 .   ? -13.362 0.509   -13.501 1.00 51.35 ? 379 HOH A O   1 
HETATM 1600 O  O   . HOH B 2 .   ? 15.010  -2.260  -7.664  1.00 51.84 ? 380 HOH A O   1 
HETATM 1601 O  O   . HOH B 2 .   ? 2.577   9.877   14.153  1.00 52.84 ? 381 HOH A O   1 
HETATM 1602 O  O   . HOH B 2 .   ? 6.800   16.661  -0.858  1.00 45.26 ? 382 HOH A O   1 
HETATM 1603 O  O   . HOH B 2 .   ? -6.864  -12.015 4.323   1.00 55.67 ? 383 HOH A O   1 
HETATM 1604 O  O   . HOH B 2 .   ? -12.194 -5.555  -13.640 1.00 53.37 ? 384 HOH A O   1 
HETATM 1605 O  O   . HOH B 2 .   ? -11.958 5.476   17.449  1.00 48.57 ? 385 HOH A O   1 
HETATM 1606 O  O   . HOH B 2 .   ? 8.197   12.964  -7.798  1.00 51.21 ? 386 HOH A O   1 
HETATM 1607 O  O   . HOH B 2 .   ? 6.847   4.695   19.220  1.00 60.64 ? 387 HOH A O   1 
HETATM 1608 O  O   . HOH B 2 .   ? 0.597   -7.705  2.131   1.00 64.01 ? 388 HOH A O   1 
HETATM 1609 O  O   . HOH B 2 .   ? -10.847 13.096  -7.279  1.00 50.33 ? 389 HOH A O   1 
HETATM 1610 O  O   . HOH B 2 .   ? -8.025  -21.473 3.434   1.00 58.42 ? 390 HOH A O   1 
HETATM 1611 O  O   . HOH B 2 .   ? -5.757  11.706  14.209  1.00 49.34 ? 391 HOH A O   1 
HETATM 1612 O  O   . HOH B 2 .   ? -1.655  12.047  11.710  1.00 44.98 ? 392 HOH A O   1 
HETATM 1613 O  O   . HOH B 2 .   ? -12.585 -3.532  11.984  1.00 51.50 ? 393 HOH A O   1 
HETATM 1614 O  O   . HOH B 2 .   ? -1.688  -3.080  -18.856 1.00 45.74 ? 394 HOH A O   1 
HETATM 1615 O  O   . HOH B 2 .   ? -13.601 -2.597  14.062  1.00 51.65 ? 395 HOH A O   1 
HETATM 1616 O  O   . HOH B 2 .   ? -3.585  11.115  15.937  1.00 53.47 ? 396 HOH A O   1 
HETATM 1617 O  O   . HOH B 2 .   ? -6.923  -7.805  10.966  1.00 54.26 ? 397 HOH A O   1 
HETATM 1618 O  O   . HOH B 2 .   ? 2.812   7.038   -16.308 1.00 46.41 ? 398 HOH A O   1 
HETATM 1619 O  O   . HOH B 2 .   ? 2.233   14.521  14.344  1.00 45.04 ? 399 HOH A O   1 
HETATM 1620 O  O   . HOH B 2 .   ? 5.717   -13.781 9.630   1.00 41.39 ? 400 HOH A O   1 
HETATM 1621 O  O   . HOH B 2 .   ? -2.264  -8.844  -0.415  1.00 62.93 ? 401 HOH A O   1 
HETATM 1622 O  O   . HOH B 2 .   ? -14.529 -0.064  14.875  1.00 52.99 ? 402 HOH A O   1 
HETATM 1623 O  O   . HOH B 2 .   ? 13.714  -14.186 0.993   1.00 55.44 ? 403 HOH A O   1 
HETATM 1624 O  O   . HOH B 2 .   ? -4.664  0.084   -18.699 1.00 54.29 ? 404 HOH A O   1 
HETATM 1625 O  O   . HOH B 2 .   ? -12.660 0.999   16.224  1.00 48.95 ? 405 HOH A O   1 
HETATM 1626 O  O   . HOH B 2 .   ? 9.644   -9.558  -1.495  1.00 50.53 ? 406 HOH A O   1 
HETATM 1627 O  O   . HOH B 2 .   ? 11.885  -1.506  12.123  1.00 48.07 ? 407 HOH A O   1 
HETATM 1628 O  O   . HOH B 2 .   ? -15.621 -0.329  -0.081  0.50 13.12 ? 408 HOH A O   1 
# 
